data_1ILO
#
_entry.id   1ILO
#
_cell.length_a   1
_cell.length_b   1
_cell.length_c   1
_cell.angle_alpha   90
_cell.angle_beta   90
_cell.angle_gamma   90
#
_symmetry.space_group_name_H-M   'P 1'
#
_entity_poly.entity_id   1
_entity_poly.type   'polypeptide(L)'
_entity_poly.pdbx_seq_one_letter_code
;MMKIQIYGTGCANCQMLEKNAREAVKELGIDAEFEKIKEMDQILEAGLTALPGLAVDGELKIMGRVASKEEIKKILS
;
_entity_poly.pdbx_strand_id   A
#
# COMPACT_ATOMS: atom_id res chain seq x y z
N MET A 1 -4.70 9.26 8.70
CA MET A 1 -6.12 8.98 8.42
C MET A 1 -6.29 7.69 7.63
N MET A 2 -5.64 7.59 6.47
CA MET A 2 -5.74 6.39 5.66
C MET A 2 -4.82 5.28 6.17
N LYS A 3 -5.42 4.18 6.62
CA LYS A 3 -4.64 3.04 7.13
C LYS A 3 -4.11 2.22 5.97
N ILE A 4 -2.83 2.41 5.65
CA ILE A 4 -2.20 1.71 4.55
C ILE A 4 -1.18 0.68 5.04
N GLN A 5 -1.36 -0.56 4.62
CA GLN A 5 -0.48 -1.65 5.02
C GLN A 5 0.36 -2.13 3.84
N ILE A 6 1.67 -2.31 4.08
CA ILE A 6 2.58 -2.77 3.03
C ILE A 6 3.14 -4.15 3.36
N TYR A 7 2.71 -5.16 2.62
CA TYR A 7 3.19 -6.52 2.85
C TYR A 7 4.34 -6.88 1.93
N GLY A 8 5.45 -7.31 2.54
CA GLY A 8 6.62 -7.68 1.77
C GLY A 8 7.84 -6.89 2.18
N THR A 9 7.84 -5.60 1.84
CA THR A 9 8.96 -4.72 2.17
C THR A 9 10.23 -5.12 1.42
N GLY A 10 10.81 -6.25 1.80
CA GLY A 10 12.02 -6.72 1.15
C GLY A 10 11.86 -6.89 -0.34
N CYS A 11 11.61 -8.12 -0.77
CA CYS A 11 11.43 -8.42 -2.19
C CYS A 11 10.31 -7.58 -2.79
N ALA A 12 9.34 -7.21 -1.97
CA ALA A 12 8.21 -6.40 -2.43
C ALA A 12 8.67 -4.98 -2.78
N ASN A 13 8.46 -4.59 -4.03
CA ASN A 13 8.85 -3.27 -4.51
C ASN A 13 7.90 -2.16 -4.04
N CYS A 14 7.16 -2.42 -2.97
CA CYS A 14 6.21 -1.43 -2.43
C CYS A 14 6.90 -0.10 -2.13
N GLN A 15 8.21 -0.15 -1.95
CA GLN A 15 9.00 1.03 -1.65
C GLN A 15 8.66 2.21 -2.56
N MET A 16 8.43 1.93 -3.83
CA MET A 16 8.09 2.99 -4.80
C MET A 16 6.78 3.66 -4.44
N LEU A 17 5.69 2.90 -4.47
CA LEU A 17 4.37 3.43 -4.14
C LEU A 17 4.30 3.83 -2.67
N GLU A 18 5.21 3.28 -1.87
CA GLU A 18 5.23 3.59 -0.43
C GLU A 18 5.44 5.09 -0.21
N LYS A 19 6.46 5.64 -0.87
CA LYS A 19 6.76 7.06 -0.74
C LYS A 19 5.69 7.90 -1.43
N ASN A 20 5.32 7.50 -2.64
CA ASN A 20 4.31 8.21 -3.42
C ASN A 20 2.97 8.22 -2.68
N ALA A 21 2.65 7.10 -2.04
CA ALA A 21 1.40 6.97 -1.31
C ALA A 21 1.30 7.94 -0.14
N ARG A 22 2.37 8.04 0.65
CA ARG A 22 2.38 8.93 1.81
C ARG A 22 2.08 10.38 1.42
N GLU A 23 2.84 10.90 0.46
CA GLU A 23 2.66 12.27 0.01
C GLU A 23 1.30 12.47 -0.66
N ALA A 24 0.97 11.61 -1.61
CA ALA A 24 -0.31 11.71 -2.32
C ALA A 24 -1.49 11.51 -1.37
N VAL A 25 -1.47 10.42 -0.61
CA VAL A 25 -2.56 10.15 0.32
C VAL A 25 -2.79 11.35 1.25
N LYS A 26 -1.75 11.79 1.93
CA LYS A 26 -1.83 12.94 2.82
C LYS A 26 -2.13 14.22 2.05
N GLU A 27 -1.37 14.47 0.99
CA GLU A 27 -1.54 15.67 0.17
C GLU A 27 -2.94 15.74 -0.44
N LEU A 28 -3.46 14.59 -0.88
CA LEU A 28 -4.80 14.53 -1.48
C LEU A 28 -5.84 15.14 -0.55
N GLY A 29 -5.48 15.32 0.72
CA GLY A 29 -6.40 15.90 1.68
C GLY A 29 -6.81 14.92 2.75
N ILE A 30 -5.94 13.93 3.01
CA ILE A 30 -6.20 12.93 4.03
C ILE A 30 -4.93 12.20 4.41
N ASP A 31 -4.44 12.45 5.61
CA ASP A 31 -3.22 11.81 6.09
C ASP A 31 -3.40 10.30 6.11
N ALA A 32 -2.31 9.56 6.05
CA ALA A 32 -2.36 8.12 6.06
C ALA A 32 -1.16 7.58 6.80
N GLU A 33 -1.38 6.54 7.58
CA GLU A 33 -0.30 5.94 8.34
C GLU A 33 0.14 4.65 7.69
N PHE A 34 1.38 4.61 7.23
CA PHE A 34 1.90 3.42 6.57
C PHE A 34 2.72 2.56 7.50
N GLU A 35 2.15 1.41 7.84
CA GLU A 35 2.81 0.44 8.72
C GLU A 35 3.13 -0.82 7.92
N LYS A 36 4.39 -1.23 7.94
CA LYS A 36 4.81 -2.42 7.20
C LYS A 36 4.44 -3.69 7.95
N ILE A 37 4.20 -4.76 7.20
CA ILE A 37 3.82 -6.04 7.77
C ILE A 37 4.78 -7.13 7.32
N LYS A 38 5.94 -7.21 7.97
CA LYS A 38 6.95 -8.21 7.61
C LYS A 38 6.61 -9.57 8.21
N GLU A 39 5.63 -10.24 7.60
CA GLU A 39 5.20 -11.57 8.05
C GLU A 39 3.97 -12.02 7.27
N MET A 40 4.09 -13.13 6.54
CA MET A 40 2.98 -13.66 5.76
C MET A 40 1.74 -13.84 6.62
N ASP A 41 1.94 -14.20 7.89
CA ASP A 41 0.82 -14.37 8.80
C ASP A 41 -0.06 -13.13 8.73
N GLN A 42 0.59 -11.98 8.60
CA GLN A 42 -0.11 -10.71 8.48
C GLN A 42 -0.46 -10.44 7.01
N ILE A 43 0.41 -10.89 6.11
CA ILE A 43 0.19 -10.68 4.68
C ILE A 43 -1.09 -11.36 4.22
N LEU A 44 -1.18 -12.66 4.46
CA LEU A 44 -2.35 -13.44 4.07
C LEU A 44 -3.60 -12.95 4.80
N GLU A 45 -3.43 -12.55 6.06
CA GLU A 45 -4.54 -12.04 6.86
C GLU A 45 -5.19 -10.86 6.15
N ALA A 46 -4.42 -10.18 5.31
CA ALA A 46 -4.92 -9.04 4.56
C ALA A 46 -5.87 -9.53 3.47
N GLY A 47 -5.50 -10.64 2.84
CA GLY A 47 -6.33 -11.20 1.80
C GLY A 47 -5.65 -11.28 0.45
N LEU A 48 -4.48 -10.65 0.31
CA LEU A 48 -3.75 -10.69 -0.95
C LEU A 48 -3.16 -12.07 -1.20
N THR A 49 -3.01 -12.42 -2.48
CA THR A 49 -2.45 -13.70 -2.87
C THR A 49 -1.01 -13.55 -3.35
N ALA A 50 -0.58 -12.30 -3.52
CA ALA A 50 0.77 -12.01 -3.97
C ALA A 50 1.62 -11.52 -2.81
N LEU A 51 2.88 -11.18 -3.10
CA LEU A 51 3.79 -10.72 -2.06
C LEU A 51 3.59 -9.24 -1.72
N PRO A 52 3.85 -8.34 -2.68
CA PRO A 52 3.71 -6.90 -2.47
C PRO A 52 2.25 -6.44 -2.33
N GLY A 53 1.53 -7.03 -1.37
CA GLY A 53 0.16 -6.65 -1.16
C GLY A 53 0.04 -5.28 -0.49
N LEU A 54 -0.97 -4.52 -0.89
CA LEU A 54 -1.17 -3.19 -0.33
C LEU A 54 -2.64 -2.99 0.03
N ALA A 55 -2.95 -3.09 1.33
CA ALA A 55 -4.33 -2.92 1.76
C ALA A 55 -4.54 -1.56 2.43
N VAL A 56 -5.50 -0.80 1.91
CA VAL A 56 -5.82 0.51 2.45
C VAL A 56 -7.20 0.54 3.08
N ASP A 57 -7.31 1.21 4.23
CA ASP A 57 -8.58 1.31 4.93
C ASP A 57 -9.28 -0.05 5.02
N GLY A 58 -8.50 -1.12 4.97
CA GLY A 58 -9.06 -2.46 5.05
C GLY A 58 -9.49 -3.01 3.71
N GLU A 59 -8.93 -2.48 2.64
CA GLU A 59 -9.28 -2.94 1.30
C GLU A 59 -8.02 -3.08 0.43
N LEU A 60 -7.65 -4.32 0.15
CA LEU A 60 -6.47 -4.60 -0.66
C LEU A 60 -6.81 -4.57 -2.14
N LYS A 61 -6.00 -3.85 -2.90
CA LYS A 61 -6.21 -3.73 -4.35
C LYS A 61 -4.90 -3.85 -5.12
N ILE A 62 -3.80 -4.09 -4.41
CA ILE A 62 -2.50 -4.23 -5.05
C ILE A 62 -1.82 -5.51 -4.62
N MET A 63 -1.48 -6.36 -5.59
CA MET A 63 -0.84 -7.63 -5.28
C MET A 63 0.16 -8.04 -6.36
N GLY A 64 1.36 -8.41 -5.94
CA GLY A 64 2.38 -8.84 -6.89
C GLY A 64 2.97 -7.69 -7.70
N ARG A 65 2.59 -6.47 -7.34
CA ARG A 65 3.09 -5.29 -8.03
C ARG A 65 2.49 -4.02 -7.45
N VAL A 66 3.26 -3.33 -6.62
CA VAL A 66 2.80 -2.10 -6.00
C VAL A 66 2.35 -1.09 -7.06
N ALA A 67 1.37 -0.26 -6.72
CA ALA A 67 0.86 0.74 -7.65
C ALA A 67 1.92 1.79 -7.96
N SER A 68 1.60 2.68 -8.90
CA SER A 68 2.51 3.75 -9.29
C SER A 68 1.99 5.10 -8.82
N LYS A 69 2.88 6.08 -8.72
CA LYS A 69 2.50 7.42 -8.27
C LYS A 69 1.34 7.97 -9.10
N GLU A 70 1.44 7.87 -10.42
CA GLU A 70 0.39 8.35 -11.31
C GLU A 70 -0.91 7.58 -11.08
N GLU A 71 -0.78 6.29 -10.77
CA GLU A 71 -1.94 5.45 -10.52
C GLU A 71 -2.70 5.91 -9.28
N ILE A 72 -1.96 6.24 -8.23
CA ILE A 72 -2.57 6.70 -6.99
C ILE A 72 -3.47 7.90 -7.22
N LYS A 73 -2.91 8.95 -7.83
CA LYS A 73 -3.67 10.16 -8.11
C LYS A 73 -4.88 9.86 -9.00
N LYS A 74 -4.71 8.93 -9.93
CA LYS A 74 -5.78 8.55 -10.84
C LYS A 74 -6.82 7.69 -10.13
N ILE A 75 -6.37 6.90 -9.16
CA ILE A 75 -7.26 6.03 -8.41
C ILE A 75 -8.08 6.83 -7.40
N LEU A 76 -7.49 7.93 -6.93
CA LEU A 76 -8.16 8.78 -5.95
C LEU A 76 -8.59 10.10 -6.58
N SER A 77 -7.62 10.98 -6.84
CA SER A 77 -7.91 12.27 -7.44
C SER A 77 -8.82 13.10 -6.54
N MET A 1 -6.25 10.32 7.63
CA MET A 1 -5.51 9.19 8.24
C MET A 1 -5.82 7.88 7.52
N MET A 2 -5.30 7.73 6.30
CA MET A 2 -5.53 6.51 5.53
C MET A 2 -4.65 5.37 6.04
N LYS A 3 -5.28 4.34 6.60
CA LYS A 3 -4.54 3.19 7.10
C LYS A 3 -4.01 2.38 5.93
N ILE A 4 -2.74 2.57 5.65
CA ILE A 4 -2.08 1.87 4.54
C ILE A 4 -1.15 0.78 5.05
N GLN A 5 -1.37 -0.44 4.57
CA GLN A 5 -0.57 -1.59 4.98
C GLN A 5 0.38 -2.03 3.88
N ILE A 6 1.67 -2.12 4.20
CA ILE A 6 2.69 -2.52 3.22
C ILE A 6 3.19 -3.93 3.49
N TYR A 7 2.72 -4.90 2.71
CA TYR A 7 3.15 -6.29 2.87
C TYR A 7 4.39 -6.57 2.02
N GLY A 8 5.44 -7.05 2.68
CA GLY A 8 6.68 -7.35 1.98
C GLY A 8 7.90 -7.01 2.81
N THR A 9 8.33 -5.75 2.74
CA THR A 9 9.50 -5.28 3.49
C THR A 9 10.62 -6.31 3.48
N GLY A 10 11.46 -6.26 2.45
CA GLY A 10 12.57 -7.19 2.34
C GLY A 10 12.77 -7.69 0.92
N CYS A 11 11.76 -8.37 0.39
CA CYS A 11 11.84 -8.90 -0.97
C CYS A 11 10.75 -8.30 -1.87
N ALA A 12 9.90 -7.45 -1.30
CA ALA A 12 8.84 -6.81 -2.06
C ALA A 12 9.20 -5.38 -2.44
N ASN A 13 8.94 -5.03 -3.69
CA ASN A 13 9.24 -3.69 -4.20
C ASN A 13 8.21 -2.65 -3.72
N CYS A 14 7.49 -2.97 -2.64
CA CYS A 14 6.47 -2.06 -2.10
C CYS A 14 7.08 -0.70 -1.74
N GLN A 15 8.40 -0.67 -1.57
CA GLN A 15 9.10 0.55 -1.22
C GLN A 15 8.73 1.71 -2.15
N MET A 16 8.54 1.42 -3.43
CA MET A 16 8.18 2.43 -4.41
C MET A 16 6.79 3.01 -4.11
N LEU A 17 5.80 2.13 -3.96
CA LEU A 17 4.44 2.56 -3.66
C LEU A 17 4.39 3.17 -2.27
N GLU A 18 5.27 2.71 -1.40
CA GLU A 18 5.32 3.22 -0.02
C GLU A 18 5.51 4.73 -0.02
N LYS A 19 6.47 5.20 -0.82
CA LYS A 19 6.76 6.62 -0.91
C LYS A 19 5.65 7.36 -1.65
N ASN A 20 5.23 6.79 -2.78
CA ASN A 20 4.16 7.39 -3.60
C ASN A 20 2.90 7.59 -2.77
N ALA A 21 2.45 6.52 -2.13
CA ALA A 21 1.24 6.56 -1.31
C ALA A 21 1.31 7.65 -0.25
N ARG A 22 2.45 7.78 0.39
CA ARG A 22 2.63 8.78 1.45
C ARG A 22 2.35 10.19 0.93
N GLU A 23 2.86 10.50 -0.25
CA GLU A 23 2.67 11.84 -0.82
C GLU A 23 1.24 12.02 -1.35
N ALA A 24 0.77 11.07 -2.14
CA ALA A 24 -0.58 11.14 -2.71
C ALA A 24 -1.64 11.10 -1.63
N VAL A 25 -1.54 10.13 -0.73
CA VAL A 25 -2.51 10.00 0.35
C VAL A 25 -2.63 11.31 1.13
N LYS A 26 -1.49 11.82 1.61
CA LYS A 26 -1.46 13.07 2.35
C LYS A 26 -1.82 14.25 1.45
N GLU A 27 -1.16 14.33 0.29
CA GLU A 27 -1.42 15.42 -0.66
C GLU A 27 -2.88 15.45 -1.08
N LEU A 28 -3.47 14.27 -1.27
CA LEU A 28 -4.88 14.17 -1.67
C LEU A 28 -5.76 14.97 -0.72
N GLY A 29 -5.24 15.24 0.48
CA GLY A 29 -6.00 15.99 1.46
C GLY A 29 -6.37 15.17 2.67
N ILE A 30 -5.50 14.23 3.02
CA ILE A 30 -5.73 13.36 4.18
C ILE A 30 -4.49 12.56 4.53
N ASP A 31 -4.02 12.73 5.76
CA ASP A 31 -2.84 12.01 6.22
C ASP A 31 -3.09 10.52 6.19
N ALA A 32 -2.02 9.74 6.27
CA ALA A 32 -2.13 8.29 6.25
C ALA A 32 -1.00 7.69 7.04
N GLU A 33 -1.29 6.65 7.80
CA GLU A 33 -0.27 6.01 8.60
C GLU A 33 0.21 4.73 7.92
N PHE A 34 1.45 4.77 7.46
CA PHE A 34 2.03 3.63 6.77
C PHE A 34 2.82 2.74 7.71
N GLU A 35 2.26 1.56 7.97
CA GLU A 35 2.89 0.58 8.84
C GLU A 35 3.14 -0.69 8.05
N LYS A 36 4.37 -1.19 8.09
CA LYS A 36 4.71 -2.40 7.35
C LYS A 36 4.24 -3.63 8.09
N ILE A 37 3.91 -4.67 7.33
CA ILE A 37 3.41 -5.92 7.89
C ILE A 37 4.38 -7.05 7.62
N LYS A 38 5.47 -7.09 8.40
CA LYS A 38 6.49 -8.12 8.25
C LYS A 38 6.00 -9.44 8.82
N GLU A 39 5.11 -10.10 8.10
CA GLU A 39 4.56 -11.39 8.52
C GLU A 39 3.35 -11.77 7.65
N MET A 40 3.40 -12.95 7.02
CA MET A 40 2.31 -13.40 6.18
C MET A 40 1.01 -13.49 6.96
N ASP A 41 1.10 -13.58 8.28
CA ASP A 41 -0.09 -13.65 9.11
C ASP A 41 -1.03 -12.51 8.73
N GLN A 42 -0.43 -11.33 8.55
CA GLN A 42 -1.17 -10.15 8.14
C GLN A 42 -1.27 -10.07 6.61
N ILE A 43 -0.21 -10.52 5.94
CA ILE A 43 -0.20 -10.50 4.47
C ILE A 43 -1.31 -11.35 3.89
N LEU A 44 -1.34 -12.60 4.31
CA LEU A 44 -2.34 -13.54 3.85
C LEU A 44 -3.74 -13.06 4.22
N GLU A 45 -3.86 -12.43 5.40
CA GLU A 45 -5.14 -11.92 5.86
C GLU A 45 -5.71 -10.96 4.82
N ALA A 46 -4.82 -10.24 4.15
CA ALA A 46 -5.22 -9.30 3.11
C ALA A 46 -5.59 -10.05 1.85
N GLY A 47 -4.79 -11.07 1.52
CA GLY A 47 -5.05 -11.88 0.35
C GLY A 47 -4.55 -11.26 -0.94
N LEU A 48 -3.45 -10.49 -0.87
CA LEU A 48 -2.90 -9.87 -2.08
C LEU A 48 -2.69 -10.91 -3.17
N THR A 49 -2.19 -12.08 -2.77
CA THR A 49 -1.87 -13.18 -3.70
C THR A 49 -0.43 -13.08 -4.20
N ALA A 50 0.31 -12.13 -3.61
CA ALA A 50 1.71 -11.91 -3.96
C ALA A 50 2.45 -11.31 -2.76
N LEU A 51 3.57 -10.62 -3.03
CA LEU A 51 4.34 -10.02 -1.95
C LEU A 51 4.04 -8.52 -1.80
N PRO A 52 4.31 -7.71 -2.84
CA PRO A 52 4.08 -6.26 -2.80
C PRO A 52 2.61 -5.86 -2.61
N GLY A 53 1.96 -6.41 -1.59
CA GLY A 53 0.57 -6.07 -1.32
C GLY A 53 0.42 -4.77 -0.57
N LEU A 54 -0.54 -3.94 -0.99
CA LEU A 54 -0.77 -2.66 -0.34
C LEU A 54 -2.26 -2.43 -0.13
N ALA A 55 -2.73 -2.65 1.09
CA ALA A 55 -4.14 -2.47 1.39
C ALA A 55 -4.37 -1.18 2.17
N VAL A 56 -5.37 -0.40 1.75
CA VAL A 56 -5.69 0.85 2.41
C VAL A 56 -7.06 0.79 3.06
N ASP A 57 -7.16 1.40 4.24
CA ASP A 57 -8.42 1.41 4.98
C ASP A 57 -8.97 -0.01 5.12
N GLY A 58 -8.09 -1.00 5.00
CA GLY A 58 -8.51 -2.39 5.10
C GLY A 58 -8.99 -2.93 3.77
N GLU A 59 -8.42 -2.42 2.68
CA GLU A 59 -8.81 -2.87 1.35
C GLU A 59 -7.59 -3.03 0.45
N LEU A 60 -7.22 -4.27 0.18
CA LEU A 60 -6.08 -4.56 -0.68
C LEU A 60 -6.50 -4.51 -2.14
N LYS A 61 -5.74 -3.77 -2.95
CA LYS A 61 -6.07 -3.63 -4.36
C LYS A 61 -4.83 -3.71 -5.26
N ILE A 62 -3.66 -3.90 -4.67
CA ILE A 62 -2.43 -3.99 -5.46
C ILE A 62 -1.39 -4.89 -4.81
N MET A 63 -0.94 -5.89 -5.57
CA MET A 63 0.07 -6.82 -5.09
C MET A 63 0.98 -7.26 -6.23
N GLY A 64 2.23 -7.57 -5.90
CA GLY A 64 3.16 -7.99 -6.94
C GLY A 64 3.30 -6.95 -8.04
N ARG A 65 2.85 -5.75 -7.74
CA ARG A 65 2.91 -4.65 -8.71
C ARG A 65 2.67 -3.32 -8.02
N VAL A 66 3.76 -2.66 -7.64
CA VAL A 66 3.67 -1.37 -6.98
C VAL A 66 2.95 -0.35 -7.86
N ALA A 67 1.83 0.18 -7.36
CA ALA A 67 1.06 1.16 -8.10
C ALA A 67 1.86 2.45 -8.31
N SER A 68 1.96 2.87 -9.57
CA SER A 68 2.69 4.09 -9.91
C SER A 68 2.09 5.30 -9.20
N LYS A 69 2.80 6.43 -9.27
CA LYS A 69 2.33 7.65 -8.65
C LYS A 69 1.00 8.09 -9.24
N GLU A 70 0.98 8.31 -10.55
CA GLU A 70 -0.24 8.73 -11.23
C GLU A 70 -1.34 7.69 -11.07
N GLU A 71 -0.94 6.42 -11.02
CA GLU A 71 -1.91 5.33 -10.86
C GLU A 71 -2.73 5.51 -9.58
N ILE A 72 -2.09 5.99 -8.53
CA ILE A 72 -2.75 6.20 -7.25
C ILE A 72 -3.75 7.36 -7.36
N LYS A 73 -3.27 8.50 -7.83
CA LYS A 73 -4.13 9.68 -7.98
C LYS A 73 -5.24 9.43 -8.98
N LYS A 74 -4.96 8.59 -9.98
CA LYS A 74 -5.93 8.27 -11.01
C LYS A 74 -7.00 7.32 -10.46
N ILE A 75 -6.61 6.49 -9.50
CA ILE A 75 -7.53 5.55 -8.89
C ILE A 75 -8.45 6.28 -7.92
N LEU A 76 -7.90 7.25 -7.21
CA LEU A 76 -8.67 8.03 -6.25
C LEU A 76 -9.10 9.37 -6.84
N SER A 77 -8.87 9.56 -8.14
CA SER A 77 -9.24 10.80 -8.80
C SER A 77 -8.56 12.00 -8.15
N MET A 1 -4.71 9.68 8.25
CA MET A 1 -6.14 9.33 8.00
C MET A 1 -6.28 8.02 7.23
N MET A 2 -5.55 7.90 6.11
CA MET A 2 -5.63 6.67 5.32
C MET A 2 -4.65 5.61 5.83
N LYS A 3 -5.21 4.47 6.24
CA LYS A 3 -4.39 3.36 6.74
C LYS A 3 -3.86 2.52 5.60
N ILE A 4 -2.54 2.58 5.40
CA ILE A 4 -1.89 1.84 4.33
C ILE A 4 -0.92 0.80 4.88
N GLN A 5 -1.13 -0.46 4.51
CA GLN A 5 -0.28 -1.55 4.98
C GLN A 5 0.54 -2.11 3.82
N ILE A 6 1.86 -2.19 4.00
CA ILE A 6 2.74 -2.72 2.95
C ILE A 6 3.31 -4.07 3.35
N TYR A 7 2.90 -5.11 2.62
CA TYR A 7 3.36 -6.46 2.90
C TYR A 7 4.60 -6.81 2.08
N GLY A 8 5.72 -6.97 2.78
CA GLY A 8 6.97 -7.29 2.11
C GLY A 8 8.13 -6.47 2.65
N THR A 9 8.46 -5.38 1.95
CA THR A 9 9.55 -4.50 2.37
C THR A 9 10.91 -5.19 2.20
N GLY A 10 11.13 -6.25 2.97
CA GLY A 10 12.39 -6.98 2.89
C GLY A 10 12.78 -7.33 1.47
N CYS A 11 11.90 -8.05 0.78
CA CYS A 11 12.16 -8.46 -0.60
C CYS A 11 11.21 -7.74 -1.55
N ALA A 12 9.98 -7.53 -1.12
CA ALA A 12 8.98 -6.87 -1.94
C ALA A 12 9.37 -5.41 -2.20
N ASN A 13 9.42 -5.05 -3.47
CA ASN A 13 9.78 -3.69 -3.88
C ASN A 13 8.63 -2.70 -3.68
N CYS A 14 7.64 -3.08 -2.89
CA CYS A 14 6.49 -2.20 -2.64
C CYS A 14 6.92 -0.88 -2.00
N GLN A 15 8.12 -0.87 -1.42
CA GLN A 15 8.68 0.31 -0.78
C GLN A 15 8.61 1.54 -1.68
N MET A 16 8.59 1.31 -2.99
CA MET A 16 8.53 2.40 -3.96
C MET A 16 7.23 3.18 -3.80
N LEU A 17 6.11 2.51 -4.02
CA LEU A 17 4.80 3.14 -3.88
C LEU A 17 4.55 3.53 -2.43
N GLU A 18 5.27 2.90 -1.51
CA GLU A 18 5.11 3.20 -0.08
C GLU A 18 5.38 4.69 0.17
N LYS A 19 6.51 5.18 -0.32
CA LYS A 19 6.87 6.59 -0.14
C LYS A 19 5.95 7.48 -0.97
N ASN A 20 5.82 7.16 -2.25
CA ASN A 20 4.96 7.92 -3.16
C ASN A 20 3.54 8.03 -2.60
N ALA A 21 3.07 6.92 -2.04
CA ALA A 21 1.73 6.88 -1.47
C ALA A 21 1.56 7.90 -0.34
N ARG A 22 2.54 7.96 0.55
CA ARG A 22 2.49 8.90 1.67
C ARG A 22 2.29 10.33 1.19
N GLU A 23 2.93 10.67 0.07
CA GLU A 23 2.80 12.03 -0.49
C GLU A 23 1.43 12.23 -1.12
N ALA A 24 1.04 11.30 -1.99
CA ALA A 24 -0.25 11.39 -2.67
C ALA A 24 -1.42 11.37 -1.69
N VAL A 25 -1.40 10.41 -0.78
CA VAL A 25 -2.48 10.28 0.21
C VAL A 25 -2.69 11.61 0.95
N LYS A 26 -1.63 12.13 1.56
CA LYS A 26 -1.72 13.39 2.28
C LYS A 26 -1.93 14.56 1.30
N GLU A 27 -1.25 14.51 0.16
CA GLU A 27 -1.37 15.56 -0.86
C GLU A 27 -2.82 15.68 -1.34
N LEU A 28 -3.43 14.54 -1.65
CA LEU A 28 -4.81 14.53 -2.11
C LEU A 28 -5.73 15.26 -1.13
N GLY A 29 -5.26 15.39 0.11
CA GLY A 29 -6.06 16.07 1.13
C GLY A 29 -6.49 15.14 2.23
N ILE A 30 -5.58 14.28 2.68
CA ILE A 30 -5.87 13.33 3.74
C ILE A 30 -4.62 12.54 4.13
N ASP A 31 -4.16 12.76 5.35
CA ASP A 31 -2.97 12.07 5.86
C ASP A 31 -3.21 10.56 5.89
N ALA A 32 -2.14 9.81 6.01
CA ALA A 32 -2.23 8.37 6.05
C ALA A 32 -1.16 7.83 6.96
N GLU A 33 -1.28 6.57 7.33
CA GLU A 33 -0.31 5.95 8.19
C GLU A 33 0.19 4.68 7.55
N PHE A 34 1.43 4.70 7.10
CA PHE A 34 2.01 3.54 6.43
C PHE A 34 2.86 2.71 7.38
N GLU A 35 2.33 1.53 7.71
CA GLU A 35 3.03 0.60 8.59
C GLU A 35 3.31 -0.69 7.83
N LYS A 36 4.53 -1.19 7.94
CA LYS A 36 4.91 -2.40 7.24
C LYS A 36 4.42 -3.65 7.97
N ILE A 37 4.18 -4.71 7.20
CA ILE A 37 3.67 -5.96 7.74
C ILE A 37 4.56 -7.13 7.30
N LYS A 38 5.70 -7.29 7.96
CA LYS A 38 6.62 -8.37 7.63
C LYS A 38 6.20 -9.68 8.27
N GLU A 39 5.17 -10.28 7.71
CA GLU A 39 4.65 -11.56 8.21
C GLU A 39 3.41 -11.99 7.42
N MET A 40 3.48 -13.16 6.78
CA MET A 40 2.35 -13.66 5.99
C MET A 40 1.08 -13.67 6.82
N ASP A 41 1.22 -13.90 8.13
CA ASP A 41 0.06 -13.91 9.01
C ASP A 41 -0.73 -12.63 8.79
N GLN A 42 0.01 -11.54 8.57
CA GLN A 42 -0.58 -10.24 8.32
C GLN A 42 -0.87 -10.09 6.82
N ILE A 43 -0.01 -10.68 5.99
CA ILE A 43 -0.16 -10.60 4.54
C ILE A 43 -1.48 -11.22 4.10
N LEU A 44 -1.69 -12.46 4.48
CA LEU A 44 -2.90 -13.18 4.13
C LEU A 44 -4.14 -12.52 4.75
N GLU A 45 -3.98 -12.05 5.99
CA GLU A 45 -5.08 -11.38 6.68
C GLU A 45 -5.61 -10.22 5.84
N ALA A 46 -4.76 -9.70 4.97
CA ALA A 46 -5.14 -8.61 4.10
C ALA A 46 -6.08 -9.13 3.02
N GLY A 47 -5.80 -10.33 2.53
CA GLY A 47 -6.63 -10.92 1.52
C GLY A 47 -5.91 -11.07 0.18
N LEU A 48 -4.72 -10.49 0.09
CA LEU A 48 -3.94 -10.57 -1.14
C LEU A 48 -3.21 -11.91 -1.25
N THR A 49 -2.69 -12.21 -2.43
CA THR A 49 -1.98 -13.47 -2.65
C THR A 49 -0.61 -13.25 -3.31
N ALA A 50 -0.15 -12.00 -3.31
CA ALA A 50 1.14 -11.68 -3.91
C ALA A 50 2.12 -11.20 -2.84
N LEU A 51 3.38 -11.02 -3.22
CA LEU A 51 4.39 -10.58 -2.29
C LEU A 51 4.21 -9.11 -1.88
N PRO A 52 4.49 -8.16 -2.78
CA PRO A 52 4.35 -6.74 -2.48
C PRO A 52 2.89 -6.31 -2.40
N GLY A 53 2.14 -6.90 -1.48
CA GLY A 53 0.74 -6.55 -1.33
C GLY A 53 0.56 -5.27 -0.55
N LEU A 54 -0.47 -4.50 -0.88
CA LEU A 54 -0.72 -3.25 -0.19
C LEU A 54 -2.21 -2.98 -0.04
N ALA A 55 -2.71 -3.07 1.18
CA ALA A 55 -4.13 -2.83 1.44
C ALA A 55 -4.35 -1.42 1.94
N VAL A 56 -5.24 -0.68 1.28
CA VAL A 56 -5.52 0.69 1.67
C VAL A 56 -6.98 0.88 2.02
N ASP A 57 -7.22 1.67 3.07
CA ASP A 57 -8.56 1.95 3.54
C ASP A 57 -9.40 0.68 3.64
N GLY A 58 -8.73 -0.45 3.86
CA GLY A 58 -9.42 -1.72 3.96
C GLY A 58 -9.80 -2.31 2.61
N GLU A 59 -9.02 -1.95 1.60
CA GLU A 59 -9.26 -2.44 0.25
C GLU A 59 -7.95 -2.59 -0.52
N LEU A 60 -7.43 -3.81 -0.56
CA LEU A 60 -6.18 -4.08 -1.25
C LEU A 60 -6.37 -4.13 -2.76
N LYS A 61 -5.39 -3.60 -3.48
CA LYS A 61 -5.43 -3.58 -4.93
C LYS A 61 -4.04 -3.73 -5.54
N ILE A 62 -3.05 -4.03 -4.69
CA ILE A 62 -1.68 -4.20 -5.16
C ILE A 62 -1.19 -5.60 -4.84
N MET A 63 -0.76 -6.33 -5.88
CA MET A 63 -0.28 -7.70 -5.70
C MET A 63 0.84 -8.04 -6.67
N GLY A 64 2.04 -8.30 -6.14
CA GLY A 64 3.16 -8.66 -7.01
C GLY A 64 3.90 -7.47 -7.58
N ARG A 65 3.38 -6.28 -7.34
CA ARG A 65 4.02 -5.06 -7.84
C ARG A 65 3.14 -3.86 -7.56
N VAL A 66 3.53 -3.06 -6.56
CA VAL A 66 2.77 -1.88 -6.19
C VAL A 66 2.48 -1.01 -7.42
N ALA A 67 1.47 -0.17 -7.33
CA ALA A 67 1.09 0.71 -8.43
C ALA A 67 2.00 1.95 -8.48
N SER A 68 1.83 2.76 -9.51
CA SER A 68 2.63 3.97 -9.66
C SER A 68 1.92 5.18 -9.07
N LYS A 69 2.65 6.28 -8.91
CA LYS A 69 2.08 7.49 -8.35
C LYS A 69 0.82 7.92 -9.10
N GLU A 70 0.84 7.76 -10.43
CA GLU A 70 -0.30 8.12 -11.25
C GLU A 70 -1.46 7.16 -11.02
N GLU A 71 -1.14 5.89 -10.81
CA GLU A 71 -2.17 4.87 -10.58
C GLU A 71 -2.83 5.08 -9.23
N ILE A 72 -2.02 5.22 -8.18
CA ILE A 72 -2.53 5.42 -6.83
C ILE A 72 -3.38 6.69 -6.76
N LYS A 73 -2.91 7.75 -7.43
CA LYS A 73 -3.64 9.02 -7.44
C LYS A 73 -5.01 8.86 -8.09
N LYS A 74 -5.08 7.95 -9.06
CA LYS A 74 -6.34 7.69 -9.76
C LYS A 74 -7.31 6.92 -8.87
N ILE A 75 -6.76 6.07 -8.00
CA ILE A 75 -7.57 5.29 -7.09
C ILE A 75 -8.10 6.15 -5.95
N LEU A 76 -7.26 7.07 -5.49
CA LEU A 76 -7.63 7.97 -4.40
C LEU A 76 -8.80 8.85 -4.81
N SER A 77 -8.74 9.39 -6.02
CA SER A 77 -9.81 10.26 -6.52
C SER A 77 -9.97 11.49 -5.65
N MET A 1 -6.71 10.26 7.45
CA MET A 1 -6.02 9.17 8.18
C MET A 1 -6.26 7.82 7.52
N MET A 2 -5.62 7.58 6.37
CA MET A 2 -5.79 6.32 5.67
C MET A 2 -4.80 5.27 6.16
N LYS A 3 -5.33 4.20 6.75
CA LYS A 3 -4.49 3.12 7.26
C LYS A 3 -3.89 2.33 6.10
N ILE A 4 -2.61 2.54 5.84
CA ILE A 4 -1.93 1.86 4.74
C ILE A 4 -0.89 0.88 5.25
N GLN A 5 -1.07 -0.38 4.88
CA GLN A 5 -0.15 -1.45 5.28
C GLN A 5 0.62 -1.98 4.07
N ILE A 6 1.94 -2.09 4.19
CA ILE A 6 2.77 -2.58 3.10
C ILE A 6 3.34 -3.96 3.43
N TYR A 7 2.93 -4.97 2.66
CA TYR A 7 3.40 -6.33 2.89
C TYR A 7 4.52 -6.69 1.91
N GLY A 8 5.75 -6.76 2.43
CA GLY A 8 6.89 -7.08 1.61
C GLY A 8 8.20 -7.00 2.37
N THR A 9 8.97 -5.96 2.10
CA THR A 9 10.26 -5.76 2.76
C THR A 9 11.27 -6.82 2.33
N GLY A 10 11.99 -6.53 1.25
CA GLY A 10 12.98 -7.47 0.74
C GLY A 10 12.86 -7.69 -0.76
N CYS A 11 11.85 -8.44 -1.17
CA CYS A 11 11.63 -8.72 -2.58
C CYS A 11 10.44 -7.94 -3.12
N ALA A 12 9.49 -7.62 -2.23
CA ALA A 12 8.30 -6.87 -2.62
C ALA A 12 8.62 -5.40 -2.83
N ASN A 13 8.22 -4.87 -3.99
CA ASN A 13 8.46 -3.47 -4.34
C ASN A 13 7.47 -2.54 -3.62
N CYS A 14 6.88 -3.00 -2.53
CA CYS A 14 5.92 -2.18 -1.78
C CYS A 14 6.51 -0.81 -1.44
N GLN A 15 7.84 -0.76 -1.37
CA GLN A 15 8.55 0.48 -1.06
C GLN A 15 8.16 1.60 -2.02
N MET A 16 7.92 1.24 -3.28
CA MET A 16 7.55 2.22 -4.29
C MET A 16 6.21 2.86 -3.97
N LEU A 17 5.20 2.03 -3.71
CA LEU A 17 3.87 2.51 -3.37
C LEU A 17 3.87 3.17 -2.00
N GLU A 18 4.87 2.81 -1.18
CA GLU A 18 4.98 3.38 0.16
C GLU A 18 5.14 4.89 0.10
N LYS A 19 6.14 5.34 -0.65
CA LYS A 19 6.40 6.77 -0.79
C LYS A 19 5.28 7.45 -1.57
N ASN A 20 4.91 6.86 -2.70
CA ASN A 20 3.85 7.41 -3.54
C ASN A 20 2.56 7.58 -2.74
N ALA A 21 2.16 6.53 -2.03
CA ALA A 21 0.95 6.56 -1.22
C ALA A 21 1.00 7.67 -0.17
N ARG A 22 2.16 7.83 0.47
CA ARG A 22 2.31 8.86 1.50
C ARG A 22 1.99 10.25 0.96
N GLU A 23 2.53 10.56 -0.22
CA GLU A 23 2.30 11.87 -0.82
C GLU A 23 0.87 12.00 -1.34
N ALA A 24 0.42 11.03 -2.12
CA ALA A 24 -0.93 11.06 -2.69
C ALA A 24 -2.00 11.04 -1.61
N VAL A 25 -1.88 10.10 -0.66
CA VAL A 25 -2.86 9.98 0.41
C VAL A 25 -3.04 11.33 1.13
N LYS A 26 -1.94 11.89 1.63
CA LYS A 26 -1.98 13.18 2.32
C LYS A 26 -2.30 14.32 1.34
N GLU A 27 -1.65 14.31 0.19
CA GLU A 27 -1.86 15.35 -0.82
C GLU A 27 -3.33 15.46 -1.20
N LEU A 28 -3.97 14.30 -1.43
CA LEU A 28 -5.38 14.27 -1.80
C LEU A 28 -6.21 15.06 -0.80
N GLY A 29 -5.66 15.24 0.41
CA GLY A 29 -6.36 15.98 1.44
C GLY A 29 -6.76 15.10 2.61
N ILE A 30 -5.91 14.12 2.92
CA ILE A 30 -6.18 13.21 4.03
C ILE A 30 -4.91 12.47 4.45
N ASP A 31 -4.48 12.71 5.68
CA ASP A 31 -3.30 12.06 6.22
C ASP A 31 -3.49 10.55 6.25
N ALA A 32 -2.40 9.82 6.42
CA ALA A 32 -2.45 8.38 6.46
C ALA A 32 -1.32 7.86 7.31
N GLU A 33 -1.44 6.62 7.74
CA GLU A 33 -0.41 6.03 8.56
C GLU A 33 0.13 4.78 7.89
N PHE A 34 1.37 4.85 7.45
CA PHE A 34 1.98 3.72 6.75
C PHE A 34 2.85 2.89 7.68
N GLU A 35 2.35 1.70 7.98
CA GLU A 35 3.06 0.76 8.84
C GLU A 35 3.37 -0.50 8.06
N LYS A 36 4.60 -0.97 8.17
CA LYS A 36 5.01 -2.17 7.44
C LYS A 36 4.54 -3.43 8.17
N ILE A 37 4.31 -4.49 7.40
CA ILE A 37 3.85 -5.75 7.94
C ILE A 37 4.76 -6.90 7.51
N LYS A 38 5.77 -7.19 8.33
CA LYS A 38 6.70 -8.27 8.02
C LYS A 38 6.24 -9.59 8.59
N GLU A 39 5.24 -10.20 7.94
CA GLU A 39 4.69 -11.48 8.37
C GLU A 39 3.46 -11.85 7.55
N MET A 40 3.51 -13.01 6.87
CA MET A 40 2.40 -13.46 6.05
C MET A 40 1.11 -13.51 6.85
N ASP A 41 1.20 -13.82 8.13
CA ASP A 41 0.02 -13.86 8.98
C ASP A 41 -0.74 -12.55 8.82
N GLN A 42 0.02 -11.48 8.67
CA GLN A 42 -0.54 -10.15 8.48
C GLN A 42 -0.81 -9.91 7.00
N ILE A 43 0.02 -10.52 6.15
CA ILE A 43 -0.13 -10.36 4.70
C ILE A 43 -1.46 -10.92 4.21
N LEU A 44 -1.69 -12.19 4.50
CA LEU A 44 -2.92 -12.86 4.09
C LEU A 44 -4.15 -12.20 4.73
N GLU A 45 -3.98 -11.74 5.97
CA GLU A 45 -5.07 -11.08 6.68
C GLU A 45 -5.56 -9.87 5.91
N ALA A 46 -4.70 -9.35 5.03
CA ALA A 46 -5.04 -8.19 4.21
C ALA A 46 -5.96 -8.60 3.06
N GLY A 47 -5.71 -9.80 2.53
CA GLY A 47 -6.53 -10.30 1.45
C GLY A 47 -5.78 -10.45 0.15
N LEU A 48 -4.54 -9.96 0.09
CA LEU A 48 -3.75 -10.08 -1.14
C LEU A 48 -3.24 -11.51 -1.34
N THR A 49 -3.04 -11.86 -2.60
CA THR A 49 -2.55 -13.20 -2.95
C THR A 49 -1.10 -13.12 -3.43
N ALA A 50 -0.69 -11.93 -3.83
CA ALA A 50 0.67 -11.71 -4.31
C ALA A 50 1.59 -11.38 -3.14
N LEU A 51 2.82 -10.97 -3.44
CA LEU A 51 3.78 -10.64 -2.40
C LEU A 51 3.64 -9.19 -1.95
N PRO A 52 4.09 -8.22 -2.76
CA PRO A 52 4.02 -6.80 -2.41
C PRO A 52 2.58 -6.29 -2.33
N GLY A 53 1.82 -6.83 -1.39
CA GLY A 53 0.44 -6.41 -1.21
C GLY A 53 0.33 -5.18 -0.35
N LEU A 54 -0.62 -4.31 -0.68
CA LEU A 54 -0.83 -3.09 0.08
C LEU A 54 -2.32 -2.89 0.32
N ALA A 55 -2.74 -3.04 1.56
CA ALA A 55 -4.15 -2.87 1.91
C ALA A 55 -4.40 -1.49 2.47
N VAL A 56 -5.31 -0.77 1.84
CA VAL A 56 -5.65 0.58 2.28
C VAL A 56 -7.09 0.66 2.74
N ASP A 57 -7.30 1.38 3.84
CA ASP A 57 -8.64 1.54 4.40
C ASP A 57 -9.36 0.19 4.47
N GLY A 58 -8.58 -0.88 4.60
CA GLY A 58 -9.15 -2.22 4.67
C GLY A 58 -9.61 -2.72 3.31
N GLU A 59 -8.91 -2.33 2.26
CA GLU A 59 -9.26 -2.74 0.91
C GLU A 59 -8.02 -2.84 0.03
N LEU A 60 -7.55 -4.07 -0.19
CA LEU A 60 -6.37 -4.31 -1.02
C LEU A 60 -6.44 -3.51 -2.33
N LYS A 61 -5.36 -2.81 -2.64
CA LYS A 61 -5.31 -2.01 -3.85
C LYS A 61 -4.20 -2.48 -4.79
N ILE A 62 -3.24 -3.22 -4.27
CA ILE A 62 -2.13 -3.71 -5.10
C ILE A 62 -1.66 -5.10 -4.66
N MET A 63 -1.30 -5.92 -5.64
CA MET A 63 -0.83 -7.27 -5.36
C MET A 63 0.24 -7.71 -6.37
N GLY A 64 1.46 -7.93 -5.89
CA GLY A 64 2.53 -8.36 -6.78
C GLY A 64 2.87 -7.34 -7.84
N ARG A 65 2.39 -6.12 -7.66
CA ARG A 65 2.65 -5.05 -8.60
C ARG A 65 2.27 -3.70 -8.01
N VAL A 66 3.25 -3.02 -7.43
CA VAL A 66 3.01 -1.72 -6.83
C VAL A 66 2.52 -0.73 -7.90
N ALA A 67 1.38 -0.10 -7.64
CA ALA A 67 0.80 0.86 -8.58
C ALA A 67 1.73 2.06 -8.77
N SER A 68 1.80 2.56 -9.99
CA SER A 68 2.64 3.71 -10.29
C SER A 68 2.10 4.97 -9.62
N LYS A 69 2.91 6.03 -9.64
CA LYS A 69 2.51 7.30 -9.02
C LYS A 69 1.23 7.82 -9.64
N GLU A 70 1.19 7.88 -10.97
CA GLU A 70 0.02 8.36 -11.68
C GLU A 70 -1.20 7.48 -11.40
N GLU A 71 -0.96 6.18 -11.27
CA GLU A 71 -2.05 5.24 -10.99
C GLU A 71 -2.76 5.60 -9.69
N ILE A 72 -1.98 5.81 -8.64
CA ILE A 72 -2.54 6.15 -7.34
C ILE A 72 -3.33 7.46 -7.41
N LYS A 73 -2.69 8.51 -7.90
CA LYS A 73 -3.33 9.81 -8.02
C LYS A 73 -4.59 9.73 -8.88
N LYS A 74 -4.53 8.93 -9.94
CA LYS A 74 -5.67 8.76 -10.83
C LYS A 74 -6.75 7.90 -10.18
N ILE A 75 -6.34 6.95 -9.35
CA ILE A 75 -7.27 6.07 -8.67
C ILE A 75 -7.95 6.81 -7.53
N LEU A 76 -7.19 7.67 -6.86
CA LEU A 76 -7.72 8.43 -5.73
C LEU A 76 -8.65 9.54 -6.22
N SER A 77 -8.33 10.12 -7.36
CA SER A 77 -9.13 11.20 -7.93
C SER A 77 -10.54 10.71 -8.25
N MET A 1 -6.97 10.33 7.59
CA MET A 1 -6.19 9.19 8.14
C MET A 1 -6.49 7.90 7.38
N MET A 2 -5.94 7.79 6.17
CA MET A 2 -6.16 6.59 5.36
C MET A 2 -5.20 5.48 5.75
N LYS A 3 -5.74 4.39 6.30
CA LYS A 3 -4.91 3.27 6.72
C LYS A 3 -4.33 2.53 5.51
N ILE A 4 -3.00 2.55 5.41
CA ILE A 4 -2.33 1.89 4.30
C ILE A 4 -1.30 0.88 4.79
N GLN A 5 -1.40 -0.34 4.28
CA GLN A 5 -0.48 -1.42 4.65
C GLN A 5 0.43 -1.77 3.49
N ILE A 6 1.70 -2.09 3.78
CA ILE A 6 2.64 -2.46 2.74
C ILE A 6 3.30 -3.79 3.05
N TYR A 7 2.96 -4.80 2.28
CA TYR A 7 3.50 -6.13 2.50
C TYR A 7 4.65 -6.45 1.55
N GLY A 8 5.86 -6.52 2.11
CA GLY A 8 7.02 -6.81 1.30
C GLY A 8 8.30 -6.83 2.12
N THR A 9 8.68 -5.66 2.64
CA THR A 9 9.89 -5.54 3.45
C THR A 9 11.14 -5.59 2.58
N GLY A 10 11.47 -4.46 1.95
CA GLY A 10 12.64 -4.40 1.11
C GLY A 10 12.46 -5.12 -0.21
N CYS A 11 12.25 -6.44 -0.14
CA CYS A 11 12.07 -7.25 -1.33
C CYS A 11 11.01 -6.64 -2.26
N ALA A 12 9.75 -6.71 -1.84
CA ALA A 12 8.65 -6.17 -2.63
C ALA A 12 8.86 -4.69 -2.91
N ASN A 13 8.38 -4.25 -4.08
CA ASN A 13 8.52 -2.85 -4.49
C ASN A 13 7.53 -1.93 -3.75
N CYS A 14 6.96 -2.41 -2.64
CA CYS A 14 6.01 -1.62 -1.87
C CYS A 14 6.61 -0.27 -1.46
N GLN A 15 7.94 -0.21 -1.44
CA GLN A 15 8.64 1.02 -1.07
C GLN A 15 8.25 2.18 -1.98
N MET A 16 8.07 1.90 -3.26
CA MET A 16 7.70 2.94 -4.23
C MET A 16 6.33 3.53 -3.89
N LEU A 17 5.30 2.69 -3.93
CA LEU A 17 3.94 3.13 -3.63
C LEU A 17 3.85 3.69 -2.22
N GLU A 18 4.61 3.10 -1.31
CA GLU A 18 4.60 3.55 0.09
C GLU A 18 4.98 5.04 0.18
N LYS A 19 5.96 5.44 -0.62
CA LYS A 19 6.41 6.83 -0.64
C LYS A 19 5.42 7.75 -1.33
N ASN A 20 5.01 7.40 -2.54
CA ASN A 20 4.07 8.23 -3.31
C ASN A 20 2.72 8.28 -2.61
N ALA A 21 2.32 7.17 -2.01
CA ALA A 21 1.05 7.09 -1.30
C ALA A 21 0.99 8.07 -0.12
N ARG A 22 2.07 8.13 0.66
CA ARG A 22 2.12 9.02 1.81
C ARG A 22 1.92 10.47 1.40
N GLU A 23 2.59 10.89 0.33
CA GLU A 23 2.47 12.26 -0.14
C GLU A 23 1.11 12.50 -0.79
N ALA A 24 0.70 11.60 -1.66
CA ALA A 24 -0.59 11.72 -2.35
C ALA A 24 -1.76 11.69 -1.38
N VAL A 25 -1.78 10.69 -0.49
CA VAL A 25 -2.87 10.56 0.47
C VAL A 25 -3.06 11.87 1.25
N LYS A 26 -2.00 12.35 1.89
CA LYS A 26 -2.07 13.59 2.65
C LYS A 26 -2.26 14.79 1.72
N GLU A 27 -1.56 14.78 0.58
CA GLU A 27 -1.65 15.88 -0.38
C GLU A 27 -3.07 16.04 -0.90
N LEU A 28 -3.69 14.94 -1.31
CA LEU A 28 -5.06 14.97 -1.82
C LEU A 28 -6.00 15.66 -0.83
N GLY A 29 -5.57 15.74 0.43
CA GLY A 29 -6.39 16.37 1.45
C GLY A 29 -6.87 15.38 2.49
N ILE A 30 -5.98 14.50 2.93
CA ILE A 30 -6.32 13.50 3.94
C ILE A 30 -5.09 12.68 4.33
N ASP A 31 -4.58 12.94 5.53
CA ASP A 31 -3.42 12.23 6.03
C ASP A 31 -3.73 10.74 6.15
N ALA A 32 -2.70 9.93 6.29
CA ALA A 32 -2.87 8.51 6.41
C ALA A 32 -1.78 7.94 7.29
N GLU A 33 -1.82 6.64 7.49
CA GLU A 33 -0.81 5.99 8.31
C GLU A 33 -0.33 4.73 7.62
N PHE A 34 0.92 4.75 7.17
CA PHE A 34 1.48 3.62 6.46
C PHE A 34 2.33 2.74 7.38
N GLU A 35 1.80 1.56 7.66
CA GLU A 35 2.49 0.60 8.52
C GLU A 35 2.97 -0.59 7.70
N LYS A 36 4.26 -0.87 7.78
CA LYS A 36 4.85 -1.98 7.04
C LYS A 36 4.86 -3.24 7.90
N ILE A 37 4.64 -4.39 7.25
CA ILE A 37 4.62 -5.66 7.96
C ILE A 37 5.73 -6.57 7.43
N LYS A 38 5.93 -7.70 8.08
CA LYS A 38 6.93 -8.66 7.66
C LYS A 38 6.58 -10.05 8.16
N GLU A 39 5.58 -10.64 7.50
CA GLU A 39 5.08 -11.98 7.84
C GLU A 39 3.66 -12.14 7.32
N MET A 40 3.37 -13.29 6.72
CA MET A 40 2.04 -13.52 6.16
C MET A 40 0.96 -13.31 7.21
N ASP A 41 1.32 -13.36 8.48
CA ASP A 41 0.35 -13.15 9.55
C ASP A 41 -0.42 -11.85 9.29
N GLN A 42 0.32 -10.81 8.93
CA GLN A 42 -0.27 -9.52 8.62
C GLN A 42 -0.69 -9.47 7.15
N ILE A 43 0.06 -10.18 6.30
CA ILE A 43 -0.22 -10.22 4.87
C ILE A 43 -1.57 -10.86 4.58
N LEU A 44 -1.73 -12.07 5.08
CA LEU A 44 -2.96 -12.83 4.88
C LEU A 44 -4.15 -12.12 5.54
N GLU A 45 -3.90 -11.50 6.69
CA GLU A 45 -4.95 -10.78 7.40
C GLU A 45 -5.59 -9.74 6.50
N ALA A 46 -4.84 -9.30 5.50
CA ALA A 46 -5.30 -8.32 4.54
C ALA A 46 -6.23 -8.96 3.52
N GLY A 47 -5.86 -10.15 3.07
CA GLY A 47 -6.65 -10.85 2.10
C GLY A 47 -5.94 -11.00 0.76
N LEU A 48 -4.79 -10.35 0.62
CA LEU A 48 -4.04 -10.42 -0.63
C LEU A 48 -3.27 -11.74 -0.72
N THR A 49 -2.93 -12.15 -1.94
CA THR A 49 -2.21 -13.39 -2.16
C THR A 49 -0.82 -13.15 -2.73
N ALA A 50 -0.64 -12.01 -3.37
CA ALA A 50 0.65 -11.66 -3.96
C ALA A 50 1.61 -11.15 -2.90
N LEU A 51 2.88 -10.99 -3.29
CA LEU A 51 3.91 -10.52 -2.37
C LEU A 51 3.73 -9.03 -2.05
N PRO A 52 3.99 -8.14 -3.02
CA PRO A 52 3.87 -6.69 -2.81
C PRO A 52 2.41 -6.25 -2.65
N GLY A 53 1.73 -6.81 -1.65
CA GLY A 53 0.35 -6.46 -1.41
C GLY A 53 0.19 -5.19 -0.61
N LEU A 54 -0.62 -4.27 -1.11
CA LEU A 54 -0.85 -3.00 -0.43
C LEU A 54 -2.34 -2.84 -0.14
N ALA A 55 -2.71 -2.95 1.13
CA ALA A 55 -4.10 -2.81 1.52
C ALA A 55 -4.38 -1.41 2.05
N VAL A 56 -5.37 -0.75 1.45
CA VAL A 56 -5.74 0.59 1.87
C VAL A 56 -7.14 0.62 2.44
N ASP A 57 -7.32 1.39 3.50
CA ASP A 57 -8.62 1.51 4.16
C ASP A 57 -9.26 0.13 4.36
N GLY A 58 -8.40 -0.89 4.45
CA GLY A 58 -8.89 -2.24 4.64
C GLY A 58 -9.45 -2.84 3.35
N GLU A 59 -8.85 -2.48 2.23
CA GLU A 59 -9.30 -2.97 0.93
C GLU A 59 -8.12 -3.19 -0.01
N LEU A 60 -7.74 -4.46 -0.18
CA LEU A 60 -6.63 -4.81 -1.07
C LEU A 60 -6.86 -4.24 -2.46
N LYS A 61 -5.83 -3.61 -3.01
CA LYS A 61 -5.94 -3.00 -4.35
C LYS A 61 -4.70 -3.24 -5.19
N ILE A 62 -3.65 -3.84 -4.62
CA ILE A 62 -2.43 -4.09 -5.37
C ILE A 62 -1.65 -5.27 -4.80
N MET A 63 -1.37 -6.26 -5.66
CA MET A 63 -0.62 -7.44 -5.26
C MET A 63 0.25 -7.93 -6.41
N GLY A 64 1.51 -8.25 -6.12
CA GLY A 64 2.41 -8.73 -7.14
C GLY A 64 3.01 -7.61 -7.97
N ARG A 65 2.60 -6.38 -7.68
CA ARG A 65 3.09 -5.21 -8.41
C ARG A 65 2.50 -3.93 -7.84
N VAL A 66 3.27 -3.22 -7.02
CA VAL A 66 2.81 -1.99 -6.40
C VAL A 66 2.57 -0.91 -7.45
N ALA A 67 1.46 -0.19 -7.31
CA ALA A 67 1.11 0.87 -8.25
C ALA A 67 2.15 2.00 -8.24
N SER A 68 2.10 2.83 -9.27
CA SER A 68 3.03 3.96 -9.38
C SER A 68 2.45 5.22 -8.75
N LYS A 69 3.21 6.30 -8.81
CA LYS A 69 2.78 7.58 -8.24
C LYS A 69 1.55 8.13 -8.96
N GLU A 70 1.61 8.17 -10.29
CA GLU A 70 0.49 8.68 -11.08
C GLU A 70 -0.70 7.72 -11.06
N GLU A 71 -0.40 6.43 -10.94
CA GLU A 71 -1.44 5.40 -10.92
C GLU A 71 -2.22 5.45 -9.61
N ILE A 72 -1.52 5.43 -8.48
CA ILE A 72 -2.16 5.45 -7.18
C ILE A 72 -3.08 6.66 -7.04
N LYS A 73 -2.58 7.82 -7.45
CA LYS A 73 -3.38 9.06 -7.38
C LYS A 73 -4.64 8.93 -8.21
N LYS A 74 -4.53 8.27 -9.36
CA LYS A 74 -5.67 8.08 -10.24
C LYS A 74 -6.65 7.06 -9.68
N ILE A 75 -6.12 6.09 -8.94
CA ILE A 75 -6.96 5.05 -8.34
C ILE A 75 -7.71 5.61 -7.14
N LEU A 76 -7.12 6.59 -6.48
CA LEU A 76 -7.73 7.20 -5.31
C LEU A 76 -8.80 8.22 -5.73
N SER A 77 -8.58 8.86 -6.87
CA SER A 77 -9.52 9.85 -7.38
C SER A 77 -9.34 10.04 -8.88
N MET A 1 -6.77 10.29 7.33
CA MET A 1 -6.00 9.14 7.87
C MET A 1 -6.26 7.88 7.04
N MET A 2 -5.69 7.81 5.84
CA MET A 2 -5.87 6.65 4.97
C MET A 2 -4.94 5.51 5.40
N LYS A 3 -5.52 4.44 5.92
CA LYS A 3 -4.74 3.28 6.36
C LYS A 3 -4.14 2.53 5.17
N ILE A 4 -2.82 2.48 5.13
CA ILE A 4 -2.12 1.80 4.05
C ILE A 4 -1.13 0.78 4.59
N GLN A 5 -1.27 -0.45 4.13
CA GLN A 5 -0.41 -1.55 4.57
C GLN A 5 0.51 -1.99 3.45
N ILE A 6 1.76 -2.27 3.79
CA ILE A 6 2.75 -2.71 2.80
C ILE A 6 3.28 -4.09 3.19
N TYR A 7 2.97 -5.10 2.37
CA TYR A 7 3.40 -6.45 2.67
C TYR A 7 4.56 -6.89 1.79
N GLY A 8 5.71 -7.14 2.44
CA GLY A 8 6.89 -7.58 1.72
C GLY A 8 8.11 -6.75 2.06
N THR A 9 8.09 -5.48 1.66
CA THR A 9 9.20 -4.57 1.92
C THR A 9 10.52 -5.14 1.41
N GLY A 10 11.16 -5.98 2.22
CA GLY A 10 12.43 -6.59 1.82
C GLY A 10 12.31 -7.39 0.54
N CYS A 11 11.37 -8.33 0.52
CA CYS A 11 11.16 -9.17 -0.66
C CYS A 11 10.00 -8.66 -1.49
N ALA A 12 9.83 -7.34 -1.52
CA ALA A 12 8.76 -6.72 -2.28
C ALA A 12 9.11 -5.28 -2.67
N ASN A 13 9.03 -4.97 -3.96
CA ASN A 13 9.33 -3.65 -4.46
C ASN A 13 8.19 -2.66 -4.17
N CYS A 14 7.20 -3.10 -3.38
CA CYS A 14 6.07 -2.24 -3.04
C CYS A 14 6.52 -0.94 -2.37
N GLN A 15 7.74 -0.95 -1.84
CA GLN A 15 8.31 0.22 -1.19
C GLN A 15 8.20 1.47 -2.07
N MET A 16 8.14 1.27 -3.38
CA MET A 16 8.03 2.37 -4.33
C MET A 16 6.73 3.14 -4.12
N LEU A 17 5.61 2.45 -4.31
CA LEU A 17 4.30 3.07 -4.15
C LEU A 17 4.08 3.48 -2.69
N GLU A 18 4.79 2.81 -1.78
CA GLU A 18 4.67 3.12 -0.34
C GLU A 18 4.97 4.59 -0.09
N LYS A 19 6.11 5.05 -0.59
CA LYS A 19 6.52 6.45 -0.42
C LYS A 19 5.60 7.38 -1.19
N ASN A 20 5.34 7.03 -2.45
CA ASN A 20 4.48 7.84 -3.32
C ASN A 20 3.11 8.01 -2.68
N ALA A 21 2.60 6.95 -2.06
CA ALA A 21 1.29 6.98 -1.43
C ALA A 21 1.25 8.01 -0.29
N ARG A 22 2.26 7.99 0.57
CA ARG A 22 2.33 8.92 1.69
C ARG A 22 2.20 10.37 1.22
N GLU A 23 2.82 10.67 0.08
CA GLU A 23 2.77 12.01 -0.48
C GLU A 23 1.40 12.31 -1.06
N ALA A 24 0.90 11.40 -1.90
CA ALA A 24 -0.40 11.58 -2.53
C ALA A 24 -1.52 11.69 -1.49
N VAL A 25 -1.57 10.74 -0.57
CA VAL A 25 -2.60 10.73 0.47
C VAL A 25 -2.64 12.08 1.20
N LYS A 26 -1.51 12.48 1.76
CA LYS A 26 -1.40 13.75 2.46
C LYS A 26 -1.60 14.93 1.51
N GLU A 27 -0.91 14.89 0.37
CA GLU A 27 -1.00 15.95 -0.64
C GLU A 27 -2.45 16.17 -1.07
N LEU A 28 -3.15 15.08 -1.39
CA LEU A 28 -4.54 15.18 -1.81
C LEU A 28 -5.37 15.96 -0.80
N GLY A 29 -4.88 16.01 0.44
CA GLY A 29 -5.58 16.74 1.48
C GLY A 29 -6.09 15.82 2.58
N ILE A 30 -5.23 14.92 3.05
CA ILE A 30 -5.61 13.99 4.10
C ILE A 30 -4.45 13.09 4.49
N ASP A 31 -4.17 13.03 5.79
CA ASP A 31 -3.10 12.20 6.32
C ASP A 31 -3.46 10.73 6.19
N ALA A 32 -2.45 9.88 6.34
CA ALA A 32 -2.65 8.45 6.26
C ALA A 32 -1.67 7.76 7.19
N GLU A 33 -1.78 6.45 7.31
CA GLU A 33 -0.89 5.72 8.18
C GLU A 33 -0.32 4.52 7.43
N PHE A 34 0.95 4.61 7.08
CA PHE A 34 1.60 3.53 6.36
C PHE A 34 2.45 2.68 7.28
N GLU A 35 1.98 1.47 7.53
CA GLU A 35 2.68 0.53 8.39
C GLU A 35 3.06 -0.73 7.63
N LYS A 36 4.35 -1.06 7.66
CA LYS A 36 4.85 -2.23 6.98
C LYS A 36 4.85 -3.43 7.93
N ILE A 37 4.55 -4.61 7.40
CA ILE A 37 4.52 -5.82 8.20
C ILE A 37 5.68 -6.74 7.84
N LYS A 38 5.74 -7.90 8.48
CA LYS A 38 6.80 -8.86 8.19
C LYS A 38 6.39 -10.26 8.63
N GLU A 39 5.50 -10.86 7.83
CA GLU A 39 4.99 -12.22 8.10
C GLU A 39 3.66 -12.41 7.38
N MET A 40 3.53 -13.52 6.64
CA MET A 40 2.29 -13.79 5.90
C MET A 40 1.08 -13.72 6.81
N ASP A 41 1.28 -13.98 8.10
CA ASP A 41 0.18 -13.91 9.05
C ASP A 41 -0.51 -12.56 8.91
N GLN A 42 0.29 -11.53 8.69
CA GLN A 42 -0.21 -10.19 8.49
C GLN A 42 -0.55 -9.97 7.01
N ILE A 43 0.26 -10.57 6.14
CA ILE A 43 0.06 -10.44 4.70
C ILE A 43 -1.30 -11.00 4.27
N LEU A 44 -1.55 -12.24 4.62
CA LEU A 44 -2.80 -12.90 4.29
C LEU A 44 -3.99 -12.13 4.87
N GLU A 45 -3.80 -11.59 6.07
CA GLU A 45 -4.86 -10.81 6.73
C GLU A 45 -5.33 -9.68 5.82
N ALA A 46 -4.45 -9.25 4.93
CA ALA A 46 -4.76 -8.17 3.99
C ALA A 46 -5.71 -8.69 2.92
N GLY A 47 -5.53 -9.96 2.55
CA GLY A 47 -6.37 -10.56 1.54
C GLY A 47 -5.67 -10.76 0.21
N LEU A 48 -4.43 -10.27 0.11
CA LEU A 48 -3.66 -10.41 -1.12
C LEU A 48 -3.16 -11.84 -1.31
N THR A 49 -2.89 -12.20 -2.57
CA THR A 49 -2.40 -13.53 -2.90
C THR A 49 -0.95 -13.49 -3.39
N ALA A 50 -0.45 -12.28 -3.60
CA ALA A 50 0.92 -12.09 -4.08
C ALA A 50 1.81 -11.65 -2.92
N LEU A 51 3.07 -11.35 -3.22
CA LEU A 51 4.00 -10.93 -2.17
C LEU A 51 3.91 -9.43 -1.92
N PRO A 52 4.26 -8.59 -2.90
CA PRO A 52 4.20 -7.14 -2.75
C PRO A 52 2.76 -6.63 -2.67
N GLY A 53 2.02 -7.10 -1.67
CA GLY A 53 0.64 -6.69 -1.51
C GLY A 53 0.52 -5.43 -0.69
N LEU A 54 -0.40 -4.56 -1.08
CA LEU A 54 -0.62 -3.31 -0.37
C LEU A 54 -2.11 -3.07 -0.20
N ALA A 55 -2.58 -3.15 1.04
CA ALA A 55 -4.00 -2.95 1.33
C ALA A 55 -4.26 -1.53 1.80
N VAL A 56 -5.17 -0.84 1.11
CA VAL A 56 -5.51 0.53 1.46
C VAL A 56 -6.94 0.61 1.95
N ASP A 57 -7.15 1.42 2.99
CA ASP A 57 -8.47 1.58 3.57
C ASP A 57 -9.13 0.22 3.85
N GLY A 58 -8.29 -0.80 4.01
CA GLY A 58 -8.79 -2.14 4.27
C GLY A 58 -9.29 -2.81 3.01
N GLU A 59 -8.71 -2.44 1.87
CA GLU A 59 -9.11 -3.01 0.59
C GLU A 59 -7.92 -3.18 -0.34
N LEU A 60 -7.45 -4.42 -0.47
CA LEU A 60 -6.32 -4.74 -1.33
C LEU A 60 -6.45 -4.06 -2.69
N LYS A 61 -5.37 -3.40 -3.12
CA LYS A 61 -5.39 -2.69 -4.40
C LYS A 61 -4.28 -3.19 -5.33
N ILE A 62 -3.32 -3.95 -4.81
CA ILE A 62 -2.23 -4.44 -5.65
C ILE A 62 -1.64 -5.75 -5.11
N MET A 63 -1.19 -6.60 -6.04
CA MET A 63 -0.59 -7.88 -5.68
C MET A 63 0.50 -8.26 -6.68
N GLY A 64 1.70 -8.54 -6.16
CA GLY A 64 2.80 -8.92 -7.05
C GLY A 64 3.59 -7.72 -7.54
N ARG A 65 3.01 -6.55 -7.41
CA ARG A 65 3.66 -5.31 -7.85
C ARG A 65 2.72 -4.13 -7.63
N VAL A 66 3.07 -3.28 -6.66
CA VAL A 66 2.25 -2.11 -6.34
C VAL A 66 1.89 -1.32 -7.60
N ALA A 67 1.06 -0.31 -7.43
CA ALA A 67 0.63 0.53 -8.54
C ALA A 67 1.54 1.75 -8.69
N SER A 68 1.09 2.73 -9.47
CA SER A 68 1.86 3.94 -9.70
C SER A 68 1.15 5.15 -9.08
N LYS A 69 1.89 6.24 -8.91
CA LYS A 69 1.35 7.47 -8.34
C LYS A 69 0.12 7.94 -9.13
N GLU A 70 0.22 7.88 -10.45
CA GLU A 70 -0.87 8.31 -11.31
C GLU A 70 -2.08 7.39 -11.14
N GLU A 71 -1.82 6.12 -10.87
CA GLU A 71 -2.88 5.14 -10.69
C GLU A 71 -3.58 5.33 -9.35
N ILE A 72 -2.80 5.45 -8.28
CA ILE A 72 -3.35 5.64 -6.94
C ILE A 72 -4.13 6.95 -6.86
N LYS A 73 -3.55 8.03 -7.36
CA LYS A 73 -4.19 9.33 -7.33
C LYS A 73 -5.53 9.29 -8.05
N LYS A 74 -5.59 8.54 -9.14
CA LYS A 74 -6.82 8.41 -9.92
C LYS A 74 -7.93 7.78 -9.09
N ILE A 75 -7.56 6.78 -8.29
CA ILE A 75 -8.52 6.10 -7.43
C ILE A 75 -8.86 6.97 -6.22
N LEU A 76 -7.86 7.66 -5.70
CA LEU A 76 -8.04 8.53 -4.55
C LEU A 76 -9.19 9.51 -4.77
N SER A 77 -9.21 10.12 -5.95
CA SER A 77 -10.25 11.08 -6.29
C SER A 77 -10.62 11.00 -7.77
N MET A 1 -6.71 10.49 7.44
CA MET A 1 -5.92 9.38 8.07
C MET A 1 -6.28 8.03 7.46
N MET A 2 -5.83 7.81 6.22
CA MET A 2 -6.10 6.54 5.55
C MET A 2 -5.08 5.48 5.95
N LYS A 3 -5.55 4.42 6.60
CA LYS A 3 -4.69 3.33 7.03
C LYS A 3 -4.18 2.57 5.82
N ILE A 4 -2.85 2.58 5.63
CA ILE A 4 -2.25 1.89 4.50
C ILE A 4 -1.12 0.96 4.92
N GLN A 5 -1.25 -0.31 4.56
CA GLN A 5 -0.24 -1.32 4.91
C GLN A 5 0.49 -1.81 3.66
N ILE A 6 1.79 -2.06 3.80
CA ILE A 6 2.60 -2.56 2.68
C ILE A 6 3.21 -3.91 3.02
N TYR A 7 2.67 -4.97 2.42
CA TYR A 7 3.18 -6.32 2.67
C TYR A 7 4.25 -6.72 1.67
N GLY A 8 5.48 -6.80 2.15
CA GLY A 8 6.59 -7.16 1.29
C GLY A 8 7.93 -7.07 2.01
N THR A 9 8.64 -5.98 1.76
CA THR A 9 9.95 -5.76 2.40
C THR A 9 10.87 -6.95 2.20
N GLY A 10 11.79 -6.83 1.24
CA GLY A 10 12.72 -7.91 0.97
C GLY A 10 12.29 -8.78 -0.20
N CYS A 11 11.40 -8.25 -1.03
CA CYS A 11 10.91 -8.98 -2.20
C CYS A 11 9.87 -8.17 -2.95
N ALA A 12 8.99 -7.52 -2.21
CA ALA A 12 7.94 -6.70 -2.81
C ALA A 12 8.36 -5.24 -2.90
N ASN A 13 8.15 -4.64 -4.07
CA ASN A 13 8.50 -3.24 -4.31
C ASN A 13 7.49 -2.28 -3.67
N CYS A 14 6.73 -2.77 -2.69
CA CYS A 14 5.74 -1.94 -2.02
C CYS A 14 6.36 -0.66 -1.47
N GLN A 15 7.67 -0.70 -1.22
CA GLN A 15 8.40 0.44 -0.70
C GLN A 15 8.23 1.67 -1.60
N MET A 16 8.09 1.42 -2.90
CA MET A 16 7.92 2.51 -3.86
C MET A 16 6.62 3.26 -3.60
N LEU A 17 5.51 2.56 -3.72
CA LEU A 17 4.20 3.16 -3.48
C LEU A 17 4.07 3.60 -2.03
N GLU A 18 4.89 3.01 -1.16
CA GLU A 18 4.85 3.35 0.27
C GLU A 18 5.11 4.84 0.47
N LYS A 19 6.22 5.32 -0.08
CA LYS A 19 6.58 6.73 0.04
C LYS A 19 5.65 7.60 -0.80
N ASN A 20 5.48 7.22 -2.06
CA ASN A 20 4.62 7.97 -2.98
C ASN A 20 3.21 8.13 -2.40
N ALA A 21 2.64 7.01 -1.94
CA ALA A 21 1.30 7.01 -1.37
C ALA A 21 1.19 8.01 -0.21
N ARG A 22 2.21 8.06 0.62
CA ARG A 22 2.22 8.97 1.77
C ARG A 22 2.02 10.42 1.32
N GLU A 23 2.67 10.80 0.23
CA GLU A 23 2.56 12.17 -0.27
C GLU A 23 1.22 12.39 -0.95
N ALA A 24 0.85 11.49 -1.86
CA ALA A 24 -0.42 11.60 -2.58
C ALA A 24 -1.61 11.54 -1.64
N VAL A 25 -1.63 10.53 -0.77
CA VAL A 25 -2.74 10.38 0.18
C VAL A 25 -2.94 11.66 0.98
N LYS A 26 -1.89 12.13 1.63
CA LYS A 26 -1.95 13.37 2.42
C LYS A 26 -2.22 14.57 1.50
N GLU A 27 -1.45 14.67 0.43
CA GLU A 27 -1.58 15.77 -0.52
C GLU A 27 -3.00 15.84 -1.11
N LEU A 28 -3.55 14.68 -1.44
CA LEU A 28 -4.90 14.61 -2.01
C LEU A 28 -5.90 15.32 -1.10
N GLY A 29 -5.53 15.49 0.17
CA GLY A 29 -6.39 16.15 1.12
C GLY A 29 -6.87 15.21 2.21
N ILE A 30 -5.96 14.39 2.72
CA ILE A 30 -6.28 13.45 3.78
C ILE A 30 -5.05 12.64 4.18
N ASP A 31 -4.69 12.76 5.45
CA ASP A 31 -3.56 12.05 5.99
C ASP A 31 -3.75 10.54 5.92
N ALA A 32 -2.67 9.80 6.07
CA ALA A 32 -2.73 8.35 6.03
C ALA A 32 -1.52 7.77 6.75
N GLU A 33 -1.75 6.69 7.48
CA GLU A 33 -0.66 6.07 8.22
C GLU A 33 -0.19 4.82 7.52
N PHE A 34 1.08 4.80 7.14
CA PHE A 34 1.64 3.66 6.45
C PHE A 34 2.50 2.80 7.36
N GLU A 35 1.99 1.62 7.68
CA GLU A 35 2.69 0.67 8.53
C GLU A 35 3.19 -0.50 7.70
N LYS A 36 4.48 -0.73 7.73
CA LYS A 36 5.07 -1.81 6.97
C LYS A 36 5.11 -3.10 7.79
N ILE A 37 4.85 -4.21 7.11
CA ILE A 37 4.85 -5.52 7.76
C ILE A 37 6.05 -6.34 7.30
N LYS A 38 6.22 -7.52 7.90
CA LYS A 38 7.33 -8.40 7.53
C LYS A 38 7.04 -9.83 7.96
N GLU A 39 6.16 -10.49 7.20
CA GLU A 39 5.77 -11.89 7.46
C GLU A 39 4.39 -12.17 6.84
N MET A 40 4.30 -13.23 6.03
CA MET A 40 3.04 -13.60 5.39
C MET A 40 1.93 -13.75 6.41
N ASP A 41 2.29 -14.09 7.65
CA ASP A 41 1.30 -14.23 8.71
C ASP A 41 0.44 -12.98 8.75
N GLN A 42 1.09 -11.84 8.57
CA GLN A 42 0.41 -10.55 8.55
C GLN A 42 -0.09 -10.25 7.14
N ILE A 43 0.66 -10.71 6.14
CA ILE A 43 0.30 -10.47 4.75
C ILE A 43 -1.02 -11.14 4.39
N LEU A 44 -1.09 -12.44 4.61
CA LEU A 44 -2.30 -13.20 4.33
C LEU A 44 -3.47 -12.69 5.16
N GLU A 45 -3.18 -12.28 6.38
CA GLU A 45 -4.21 -11.74 7.28
C GLU A 45 -4.88 -10.52 6.63
N ALA A 46 -4.16 -9.90 5.71
CA ALA A 46 -4.68 -8.73 5.00
C ALA A 46 -5.73 -9.15 4.01
N GLY A 47 -5.53 -10.32 3.39
CA GLY A 47 -6.49 -10.83 2.44
C GLY A 47 -5.91 -11.05 1.05
N LEU A 48 -4.73 -10.50 0.79
CA LEU A 48 -4.10 -10.66 -0.52
C LEU A 48 -3.51 -12.06 -0.69
N THR A 49 -3.32 -12.45 -1.94
CA THR A 49 -2.76 -13.75 -2.26
C THR A 49 -1.32 -13.60 -2.74
N ALA A 50 -1.03 -12.45 -3.33
CA ALA A 50 0.30 -12.15 -3.82
C ALA A 50 1.18 -11.67 -2.67
N LEU A 51 2.43 -11.31 -2.98
CA LEU A 51 3.34 -10.84 -1.94
C LEU A 51 3.24 -9.33 -1.75
N PRO A 52 3.43 -8.54 -2.83
CA PRO A 52 3.37 -7.08 -2.75
C PRO A 52 1.94 -6.58 -2.52
N GLY A 53 1.32 -7.04 -1.43
CA GLY A 53 -0.03 -6.62 -1.12
C GLY A 53 -0.07 -5.26 -0.43
N LEU A 54 -1.07 -4.47 -0.78
CA LEU A 54 -1.24 -3.14 -0.19
C LEU A 54 -2.68 -2.95 0.25
N ALA A 55 -2.92 -3.02 1.56
CA ALA A 55 -4.27 -2.87 2.08
C ALA A 55 -4.52 -1.45 2.56
N VAL A 56 -5.55 -0.82 1.98
CA VAL A 56 -5.91 0.53 2.35
C VAL A 56 -7.32 0.60 2.89
N ASP A 57 -7.50 1.39 3.94
CA ASP A 57 -8.82 1.54 4.57
C ASP A 57 -9.45 0.18 4.82
N GLY A 58 -8.61 -0.85 4.98
CA GLY A 58 -9.11 -2.19 5.21
C GLY A 58 -9.66 -2.81 3.95
N GLU A 59 -9.06 -2.48 2.81
CA GLU A 59 -9.50 -3.01 1.53
C GLU A 59 -8.32 -3.18 0.58
N LEU A 60 -7.86 -4.42 0.43
CA LEU A 60 -6.74 -4.72 -0.46
C LEU A 60 -7.01 -4.17 -1.86
N LYS A 61 -6.06 -3.40 -2.38
CA LYS A 61 -6.21 -2.81 -3.70
C LYS A 61 -5.04 -3.14 -4.63
N ILE A 62 -3.95 -3.66 -4.07
CA ILE A 62 -2.78 -4.01 -4.89
C ILE A 62 -2.15 -5.32 -4.45
N MET A 63 -1.91 -6.22 -5.41
CA MET A 63 -1.31 -7.51 -5.11
C MET A 63 -0.41 -8.00 -6.24
N GLY A 64 0.77 -8.50 -5.88
CA GLY A 64 1.69 -9.01 -6.89
C GLY A 64 2.58 -7.96 -7.50
N ARG A 65 2.28 -6.69 -7.21
CA ARG A 65 3.07 -5.58 -7.73
C ARG A 65 2.46 -4.25 -7.31
N VAL A 66 3.09 -3.60 -6.34
CA VAL A 66 2.59 -2.31 -5.85
C VAL A 66 2.53 -1.29 -6.98
N ALA A 67 1.50 -0.45 -6.97
CA ALA A 67 1.34 0.57 -8.00
C ALA A 67 2.43 1.63 -7.92
N SER A 68 2.49 2.50 -8.92
CA SER A 68 3.48 3.56 -8.95
C SER A 68 2.86 4.90 -8.56
N LYS A 69 3.70 5.92 -8.39
CA LYS A 69 3.23 7.25 -8.01
C LYS A 69 2.17 7.77 -8.99
N GLU A 70 2.37 7.48 -10.28
CA GLU A 70 1.44 7.92 -11.31
C GLU A 70 0.14 7.12 -11.26
N GLU A 71 0.27 5.81 -11.01
CA GLU A 71 -0.89 4.92 -10.95
C GLU A 71 -1.74 5.21 -9.72
N ILE A 72 -1.08 5.29 -8.56
CA ILE A 72 -1.78 5.55 -7.30
C ILE A 72 -2.55 6.86 -7.37
N LYS A 73 -1.90 7.91 -7.86
CA LYS A 73 -2.53 9.22 -7.96
C LYS A 73 -3.75 9.16 -8.88
N LYS A 74 -3.66 8.36 -9.93
CA LYS A 74 -4.76 8.21 -10.88
C LYS A 74 -5.88 7.35 -10.29
N ILE A 75 -5.53 6.44 -9.40
CA ILE A 75 -6.51 5.56 -8.77
C ILE A 75 -7.29 6.33 -7.70
N LEU A 76 -6.63 7.31 -7.11
CA LEU A 76 -7.26 8.12 -6.07
C LEU A 76 -8.06 9.28 -6.67
N SER A 77 -7.57 9.79 -7.79
CA SER A 77 -8.23 10.90 -8.47
C SER A 77 -8.64 10.50 -9.89
N MET A 1 -6.64 10.30 7.37
CA MET A 1 -5.82 9.16 7.88
C MET A 1 -6.14 7.88 7.12
N MET A 2 -5.60 7.75 5.91
CA MET A 2 -5.83 6.54 5.12
C MET A 2 -4.99 5.38 5.64
N LYS A 3 -5.66 4.37 6.19
CA LYS A 3 -4.95 3.20 6.70
C LYS A 3 -4.36 2.39 5.57
N ILE A 4 -3.05 2.57 5.36
CA ILE A 4 -2.35 1.87 4.29
C ILE A 4 -1.39 0.82 4.84
N GLN A 5 -1.49 -0.39 4.30
CA GLN A 5 -0.63 -1.49 4.71
C GLN A 5 0.34 -1.85 3.60
N ILE A 6 1.58 -2.23 3.96
CA ILE A 6 2.58 -2.58 2.96
C ILE A 6 3.19 -3.94 3.26
N TYR A 7 2.85 -4.93 2.44
CA TYR A 7 3.35 -6.28 2.63
C TYR A 7 4.51 -6.57 1.68
N GLY A 8 5.69 -6.74 2.26
CA GLY A 8 6.87 -7.02 1.47
C GLY A 8 8.16 -6.74 2.21
N THR A 9 8.81 -5.63 1.86
CA THR A 9 10.05 -5.24 2.50
C THR A 9 11.15 -6.28 2.25
N GLY A 10 12.35 -5.81 1.92
CA GLY A 10 13.46 -6.72 1.66
C GLY A 10 13.13 -7.73 0.59
N CYS A 11 12.21 -7.38 -0.31
CA CYS A 11 11.81 -8.27 -1.39
C CYS A 11 10.81 -7.58 -2.30
N ALA A 12 9.62 -7.31 -1.78
CA ALA A 12 8.57 -6.65 -2.56
C ALA A 12 8.93 -5.19 -2.81
N ASN A 13 8.68 -4.72 -4.03
CA ASN A 13 8.97 -3.34 -4.41
C ASN A 13 7.94 -2.36 -3.84
N CYS A 14 7.12 -2.81 -2.90
CA CYS A 14 6.10 -1.94 -2.30
C CYS A 14 6.71 -0.68 -1.71
N GLN A 15 7.95 -0.79 -1.28
CA GLN A 15 8.67 0.33 -0.69
C GLN A 15 8.65 1.55 -1.60
N MET A 16 8.71 1.32 -2.92
CA MET A 16 8.70 2.40 -3.88
C MET A 16 7.38 3.17 -3.84
N LEU A 17 6.29 2.48 -4.16
CA LEU A 17 4.97 3.09 -4.15
C LEU A 17 4.57 3.49 -2.74
N GLU A 18 5.14 2.80 -1.75
CA GLU A 18 4.83 3.11 -0.34
C GLU A 18 5.12 4.58 -0.04
N LYS A 19 6.31 5.03 -0.41
CA LYS A 19 6.70 6.41 -0.20
C LYS A 19 5.82 7.36 -1.01
N ASN A 20 5.62 7.02 -2.28
CA ASN A 20 4.78 7.82 -3.17
C ASN A 20 3.40 8.03 -2.56
N ALA A 21 2.83 6.94 -2.05
CA ALA A 21 1.49 6.99 -1.45
C ALA A 21 1.45 7.98 -0.30
N ARG A 22 2.50 7.99 0.52
CA ARG A 22 2.56 8.89 1.67
C ARG A 22 2.38 10.35 1.23
N GLU A 23 3.01 10.70 0.12
CA GLU A 23 2.92 12.07 -0.40
C GLU A 23 1.55 12.33 -1.03
N ALA A 24 1.12 11.43 -1.91
CA ALA A 24 -0.17 11.57 -2.58
C ALA A 24 -1.34 11.56 -1.60
N VAL A 25 -1.38 10.54 -0.74
CA VAL A 25 -2.46 10.43 0.24
C VAL A 25 -2.56 11.73 1.05
N LYS A 26 -1.46 12.15 1.65
CA LYS A 26 -1.43 13.39 2.43
C LYS A 26 -1.68 14.60 1.54
N GLU A 27 -0.95 14.66 0.42
CA GLU A 27 -1.07 15.78 -0.52
C GLU A 27 -2.50 15.93 -1.04
N LEU A 28 -3.13 14.79 -1.36
CA LEU A 28 -4.51 14.80 -1.87
C LEU A 28 -5.42 15.60 -0.94
N GLY A 29 -4.99 15.76 0.31
CA GLY A 29 -5.79 16.51 1.28
C GLY A 29 -6.30 15.62 2.39
N ILE A 30 -5.49 14.63 2.77
CA ILE A 30 -5.87 13.71 3.83
C ILE A 30 -4.68 12.84 4.24
N ASP A 31 -4.21 13.04 5.47
CA ASP A 31 -3.09 12.28 5.98
C ASP A 31 -3.42 10.79 6.01
N ALA A 32 -2.40 9.97 6.13
CA ALA A 32 -2.58 8.54 6.17
C ALA A 32 -1.48 7.91 7.00
N GLU A 33 -1.65 6.64 7.33
CA GLU A 33 -0.66 5.96 8.13
C GLU A 33 -0.22 4.69 7.43
N PHE A 34 1.05 4.64 7.04
CA PHE A 34 1.58 3.49 6.35
C PHE A 34 2.36 2.59 7.30
N GLU A 35 1.78 1.44 7.60
CA GLU A 35 2.40 0.48 8.49
C GLU A 35 2.85 -0.77 7.72
N LYS A 36 4.16 -0.96 7.63
CA LYS A 36 4.69 -2.11 6.92
C LYS A 36 4.69 -3.33 7.83
N ILE A 37 4.38 -4.49 7.27
CA ILE A 37 4.34 -5.72 8.03
C ILE A 37 5.47 -6.66 7.59
N LYS A 38 5.82 -7.61 8.46
CA LYS A 38 6.87 -8.56 8.13
C LYS A 38 6.48 -9.95 8.61
N GLU A 39 5.56 -10.57 7.88
CA GLU A 39 5.05 -11.90 8.17
C GLU A 39 3.69 -12.09 7.52
N MET A 40 3.48 -13.24 6.88
CA MET A 40 2.20 -13.51 6.22
C MET A 40 1.04 -13.40 7.18
N ASP A 41 1.31 -13.43 8.49
CA ASP A 41 0.25 -13.30 9.48
C ASP A 41 -0.61 -12.08 9.15
N GLN A 42 0.07 -10.97 8.86
CA GLN A 42 -0.61 -9.73 8.51
C GLN A 42 -0.91 -9.71 7.01
N ILE A 43 -0.03 -10.34 6.23
CA ILE A 43 -0.19 -10.38 4.78
C ILE A 43 -1.44 -11.15 4.38
N LEU A 44 -1.53 -12.37 4.86
CA LEU A 44 -2.67 -13.23 4.57
C LEU A 44 -3.95 -12.67 5.17
N GLU A 45 -3.84 -12.06 6.35
CA GLU A 45 -5.00 -11.47 7.02
C GLU A 45 -5.69 -10.48 6.08
N ALA A 46 -4.91 -9.93 5.15
CA ALA A 46 -5.42 -8.98 4.18
C ALA A 46 -6.22 -9.71 3.12
N GLY A 47 -5.66 -10.80 2.62
CA GLY A 47 -6.33 -11.58 1.61
C GLY A 47 -5.55 -11.65 0.31
N LEU A 48 -4.46 -10.87 0.23
CA LEU A 48 -3.64 -10.88 -0.98
C LEU A 48 -2.77 -12.13 -1.04
N THR A 49 -2.38 -12.52 -2.25
CA THR A 49 -1.57 -13.71 -2.44
C THR A 49 -0.16 -13.37 -2.92
N ALA A 50 -0.04 -12.23 -3.57
CA ALA A 50 1.26 -11.80 -4.08
C ALA A 50 2.12 -11.27 -2.94
N LEU A 51 3.33 -10.85 -3.27
CA LEU A 51 4.26 -10.33 -2.26
C LEU A 51 3.99 -8.87 -1.92
N PRO A 52 4.23 -7.93 -2.85
CA PRO A 52 4.02 -6.50 -2.60
C PRO A 52 2.55 -6.10 -2.48
N GLY A 53 1.84 -6.73 -1.55
CA GLY A 53 0.44 -6.40 -1.34
C GLY A 53 0.27 -5.04 -0.68
N LEU A 54 -0.75 -4.31 -1.11
CA LEU A 54 -1.03 -2.99 -0.57
C LEU A 54 -2.50 -2.87 -0.18
N ALA A 55 -2.78 -2.93 1.11
CA ALA A 55 -4.15 -2.84 1.57
C ALA A 55 -4.47 -1.43 2.04
N VAL A 56 -5.51 -0.84 1.45
CA VAL A 56 -5.92 0.52 1.79
C VAL A 56 -7.35 0.56 2.29
N ASP A 57 -7.59 1.38 3.30
CA ASP A 57 -8.93 1.52 3.88
C ASP A 57 -9.56 0.15 4.14
N GLY A 58 -8.71 -0.84 4.36
CA GLY A 58 -9.20 -2.19 4.62
C GLY A 58 -9.65 -2.90 3.35
N GLU A 59 -9.03 -2.54 2.23
CA GLU A 59 -9.37 -3.14 0.94
C GLU A 59 -8.13 -3.37 0.10
N LEU A 60 -7.69 -4.63 0.04
CA LEU A 60 -6.50 -4.98 -0.73
C LEU A 60 -6.81 -4.92 -2.23
N LYS A 61 -6.00 -4.18 -2.97
CA LYS A 61 -6.21 -4.04 -4.40
C LYS A 61 -4.90 -3.89 -5.18
N ILE A 62 -3.76 -4.10 -4.50
CA ILE A 62 -2.47 -3.97 -5.18
C ILE A 62 -1.44 -4.94 -4.63
N MET A 63 -1.17 -6.01 -5.38
CA MET A 63 -0.19 -7.01 -4.97
C MET A 63 0.55 -7.56 -6.17
N GLY A 64 1.81 -7.96 -5.94
CA GLY A 64 2.62 -8.50 -7.02
C GLY A 64 3.30 -7.41 -7.81
N ARG A 65 2.95 -6.15 -7.51
CA ARG A 65 3.51 -5.00 -8.19
C ARG A 65 2.69 -3.76 -7.87
N VAL A 66 3.22 -2.88 -7.03
CA VAL A 66 2.51 -1.66 -6.65
C VAL A 66 2.25 -0.79 -7.87
N ALA A 67 1.33 0.16 -7.71
CA ALA A 67 0.99 1.08 -8.80
C ALA A 67 1.98 2.23 -8.89
N SER A 68 1.90 2.99 -9.98
CA SER A 68 2.81 4.13 -10.19
C SER A 68 2.31 5.36 -9.44
N LYS A 69 3.07 6.45 -9.54
CA LYS A 69 2.71 7.70 -8.87
C LYS A 69 1.43 8.29 -9.45
N GLU A 70 1.40 8.46 -10.77
CA GLU A 70 0.24 9.01 -11.44
C GLU A 70 -0.94 8.04 -11.41
N GLU A 71 -0.63 6.75 -11.46
CA GLU A 71 -1.65 5.71 -11.43
C GLU A 71 -2.27 5.58 -10.04
N ILE A 72 -1.42 5.51 -9.02
CA ILE A 72 -1.89 5.39 -7.65
C ILE A 72 -2.73 6.60 -7.24
N LYS A 73 -2.27 7.78 -7.63
CA LYS A 73 -2.97 9.02 -7.30
C LYS A 73 -4.35 9.04 -7.99
N LYS A 74 -4.42 8.43 -9.16
CA LYS A 74 -5.67 8.37 -9.92
C LYS A 74 -6.70 7.48 -9.22
N ILE A 75 -6.21 6.46 -8.52
CA ILE A 75 -7.08 5.53 -7.80
C ILE A 75 -7.63 6.18 -6.53
N LEU A 76 -6.86 7.12 -5.97
CA LEU A 76 -7.27 7.80 -4.76
C LEU A 76 -8.47 8.71 -5.03
N SER A 77 -8.34 9.59 -6.00
CA SER A 77 -9.41 10.52 -6.36
C SER A 77 -9.80 11.38 -5.17
N MET A 1 -7.01 10.44 7.19
CA MET A 1 -6.24 9.29 7.74
C MET A 1 -6.55 8.00 6.97
N MET A 2 -6.01 7.89 5.76
CA MET A 2 -6.23 6.70 4.94
C MET A 2 -5.29 5.57 5.37
N LYS A 3 -5.86 4.51 5.94
CA LYS A 3 -5.07 3.36 6.39
C LYS A 3 -4.50 2.60 5.19
N ILE A 4 -3.18 2.51 5.14
CA ILE A 4 -2.50 1.83 4.06
C ILE A 4 -1.48 0.82 4.59
N GLN A 5 -1.62 -0.42 4.16
CA GLN A 5 -0.72 -1.49 4.56
C GLN A 5 0.13 -1.95 3.38
N ILE A 6 1.39 -2.26 3.63
CA ILE A 6 2.29 -2.70 2.57
C ILE A 6 3.01 -3.98 2.98
N TYR A 7 2.70 -5.08 2.29
CA TYR A 7 3.31 -6.36 2.61
C TYR A 7 4.45 -6.70 1.66
N GLY A 8 5.66 -6.73 2.21
CA GLY A 8 6.84 -7.04 1.43
C GLY A 8 8.12 -6.81 2.18
N THR A 9 8.78 -5.67 1.92
CA THR A 9 10.02 -5.33 2.59
C THR A 9 11.09 -6.38 2.33
N GLY A 10 12.03 -6.05 1.44
CA GLY A 10 13.10 -6.98 1.11
C GLY A 10 12.96 -7.57 -0.27
N CYS A 11 11.73 -7.69 -0.75
CA CYS A 11 11.48 -8.25 -2.07
C CYS A 11 10.39 -7.46 -2.80
N ALA A 12 9.28 -7.19 -2.11
CA ALA A 12 8.18 -6.45 -2.70
C ALA A 12 8.52 -4.97 -2.82
N ASN A 13 8.25 -4.40 -4.00
CA ASN A 13 8.52 -2.99 -4.25
C ASN A 13 7.50 -2.07 -3.60
N CYS A 14 6.77 -2.57 -2.61
CA CYS A 14 5.75 -1.78 -1.92
C CYS A 14 6.34 -0.48 -1.36
N GLN A 15 7.65 -0.49 -1.14
CA GLN A 15 8.35 0.67 -0.60
C GLN A 15 8.20 1.88 -1.53
N MET A 16 8.14 1.63 -2.83
CA MET A 16 7.99 2.70 -3.81
C MET A 16 6.66 3.41 -3.64
N LEU A 17 5.57 2.67 -3.83
CA LEU A 17 4.22 3.22 -3.71
C LEU A 17 3.98 3.74 -2.30
N GLU A 18 4.60 3.09 -1.32
CA GLU A 18 4.44 3.51 0.08
C GLU A 18 4.86 4.98 0.25
N LYS A 19 5.93 5.37 -0.43
CA LYS A 19 6.44 6.73 -0.35
C LYS A 19 5.56 7.72 -1.11
N ASN A 20 5.28 7.41 -2.38
CA ASN A 20 4.45 8.29 -3.20
C ASN A 20 3.04 8.38 -2.64
N ALA A 21 2.57 7.28 -2.08
CA ALA A 21 1.23 7.23 -1.50
C ALA A 21 1.10 8.22 -0.34
N ARG A 22 2.06 8.19 0.59
CA ARG A 22 2.05 9.08 1.73
C ARG A 22 1.95 10.54 1.29
N GLU A 23 2.64 10.88 0.21
CA GLU A 23 2.63 12.24 -0.31
C GLU A 23 1.28 12.57 -0.96
N ALA A 24 0.84 11.70 -1.85
CA ALA A 24 -0.43 11.90 -2.56
C ALA A 24 -1.60 11.92 -1.60
N VAL A 25 -1.69 10.92 -0.74
CA VAL A 25 -2.78 10.83 0.23
C VAL A 25 -2.88 12.13 1.04
N LYS A 26 -1.78 12.51 1.68
CA LYS A 26 -1.74 13.74 2.47
C LYS A 26 -1.94 14.96 1.57
N GLU A 27 -1.18 15.02 0.47
CA GLU A 27 -1.25 16.13 -0.46
C GLU A 27 -2.67 16.33 -0.97
N LEU A 28 -3.32 15.24 -1.38
CA LEU A 28 -4.69 15.29 -1.88
C LEU A 28 -5.59 16.03 -0.90
N GLY A 29 -5.18 16.09 0.36
CA GLY A 29 -5.96 16.76 1.37
C GLY A 29 -6.50 15.81 2.41
N ILE A 30 -5.73 14.79 2.75
CA ILE A 30 -6.13 13.80 3.74
C ILE A 30 -4.97 12.91 4.15
N ASP A 31 -4.53 13.04 5.40
CA ASP A 31 -3.43 12.25 5.92
C ASP A 31 -3.78 10.78 5.89
N ALA A 32 -2.76 9.94 6.04
CA ALA A 32 -2.94 8.50 6.02
C ALA A 32 -1.91 7.87 6.92
N GLU A 33 -2.05 6.58 7.15
CA GLU A 33 -1.10 5.87 7.99
C GLU A 33 -0.59 4.64 7.27
N PHE A 34 0.67 4.68 6.89
CA PHE A 34 1.28 3.58 6.18
C PHE A 34 2.11 2.71 7.11
N GLU A 35 1.60 1.51 7.38
CA GLU A 35 2.27 0.57 8.25
C GLU A 35 2.74 -0.65 7.46
N LYS A 36 4.03 -0.90 7.49
CA LYS A 36 4.61 -2.04 6.79
C LYS A 36 4.74 -3.22 7.73
N ILE A 37 4.43 -4.41 7.23
CA ILE A 37 4.51 -5.62 8.04
C ILE A 37 5.71 -6.46 7.62
N LYS A 38 5.91 -7.59 8.28
CA LYS A 38 7.02 -8.46 7.94
C LYS A 38 6.74 -9.90 8.37
N GLU A 39 5.86 -10.55 7.61
CA GLU A 39 5.47 -11.94 7.87
C GLU A 39 4.17 -12.26 7.12
N MET A 40 4.18 -13.33 6.33
CA MET A 40 2.98 -13.71 5.57
C MET A 40 1.77 -13.82 6.50
N ASP A 41 2.02 -14.17 7.75
CA ASP A 41 0.94 -14.27 8.73
C ASP A 41 0.13 -12.98 8.70
N GLN A 42 0.84 -11.88 8.53
CA GLN A 42 0.22 -10.56 8.45
C GLN A 42 -0.17 -10.26 7.01
N ILE A 43 0.65 -10.74 6.06
CA ILE A 43 0.38 -10.53 4.64
C ILE A 43 -0.92 -11.18 4.21
N LEU A 44 -1.05 -12.47 4.48
CA LEU A 44 -2.24 -13.21 4.11
C LEU A 44 -3.46 -12.68 4.86
N GLU A 45 -3.26 -12.24 6.10
CA GLU A 45 -4.34 -11.70 6.91
C GLU A 45 -4.98 -10.50 6.21
N ALA A 46 -4.21 -9.87 5.34
CA ALA A 46 -4.70 -8.73 4.59
C ALA A 46 -5.68 -9.19 3.53
N GLY A 47 -5.40 -10.36 2.94
CA GLY A 47 -6.29 -10.90 1.94
C GLY A 47 -5.64 -11.05 0.57
N LEU A 48 -4.43 -10.51 0.39
CA LEU A 48 -3.76 -10.61 -0.90
C LEU A 48 -3.33 -12.04 -1.18
N THR A 49 -3.27 -12.39 -2.46
CA THR A 49 -2.87 -13.73 -2.87
C THR A 49 -1.39 -13.74 -3.25
N ALA A 50 -0.87 -12.56 -3.53
CA ALA A 50 0.53 -12.39 -3.88
C ALA A 50 1.34 -11.90 -2.69
N LEU A 51 2.61 -11.58 -2.90
CA LEU A 51 3.45 -11.10 -1.82
C LEU A 51 3.33 -9.59 -1.63
N PRO A 52 3.61 -8.80 -2.68
CA PRO A 52 3.52 -7.33 -2.61
C PRO A 52 2.09 -6.84 -2.45
N GLY A 53 1.42 -7.28 -1.39
CA GLY A 53 0.05 -6.86 -1.16
C GLY A 53 -0.05 -5.44 -0.64
N LEU A 54 -1.13 -4.77 -1.00
CA LEU A 54 -1.35 -3.39 -0.58
C LEU A 54 -2.79 -3.20 -0.16
N ALA A 55 -3.05 -3.21 1.14
CA ALA A 55 -4.40 -3.04 1.64
C ALA A 55 -4.65 -1.60 2.07
N VAL A 56 -5.63 -0.98 1.42
CA VAL A 56 -5.99 0.40 1.72
C VAL A 56 -7.39 0.48 2.29
N ASP A 57 -7.56 1.32 3.29
CA ASP A 57 -8.86 1.49 3.94
C ASP A 57 -9.49 0.13 4.25
N GLY A 58 -8.63 -0.88 4.43
CA GLY A 58 -9.11 -2.22 4.73
C GLY A 58 -9.66 -2.90 3.49
N GLU A 59 -9.04 -2.65 2.34
CA GLU A 59 -9.48 -3.25 1.08
C GLU A 59 -8.31 -3.45 0.13
N LEU A 60 -7.82 -4.69 0.06
CA LEU A 60 -6.71 -5.04 -0.82
C LEU A 60 -6.93 -4.48 -2.22
N LYS A 61 -5.93 -3.79 -2.75
CA LYS A 61 -6.03 -3.20 -4.08
C LYS A 61 -4.83 -3.55 -4.96
N ILE A 62 -3.77 -4.09 -4.37
CA ILE A 62 -2.58 -4.44 -5.14
C ILE A 62 -1.98 -5.76 -4.68
N MET A 63 -1.62 -6.61 -5.64
CA MET A 63 -1.02 -7.91 -5.33
C MET A 63 0.00 -8.33 -6.38
N GLY A 64 1.16 -8.79 -5.93
CA GLY A 64 2.19 -9.23 -6.85
C GLY A 64 3.04 -8.09 -7.39
N ARG A 65 2.67 -6.86 -7.06
CA ARG A 65 3.40 -5.68 -7.51
C ARG A 65 2.65 -4.41 -7.11
N VAL A 66 3.14 -3.75 -6.07
CA VAL A 66 2.50 -2.53 -5.59
C VAL A 66 2.23 -1.55 -6.74
N ALA A 67 1.25 -0.67 -6.55
CA ALA A 67 0.89 0.30 -7.57
C ALA A 67 2.05 1.26 -7.85
N SER A 68 1.83 2.17 -8.79
CA SER A 68 2.84 3.16 -9.16
C SER A 68 2.44 4.55 -8.70
N LYS A 69 3.39 5.49 -8.78
CA LYS A 69 3.14 6.87 -8.38
C LYS A 69 1.98 7.48 -9.17
N GLU A 70 1.98 7.28 -10.48
CA GLU A 70 0.93 7.81 -11.34
C GLU A 70 -0.37 7.03 -11.15
N GLU A 71 -0.25 5.76 -10.81
CA GLU A 71 -1.42 4.90 -10.61
C GLU A 71 -2.14 5.24 -9.31
N ILE A 72 -1.37 5.37 -8.23
CA ILE A 72 -1.96 5.68 -6.93
C ILE A 72 -2.67 7.03 -6.95
N LYS A 73 -2.01 8.04 -7.52
CA LYS A 73 -2.60 9.37 -7.60
C LYS A 73 -3.84 9.37 -8.48
N LYS A 74 -3.84 8.51 -9.49
CA LYS A 74 -4.97 8.39 -10.41
C LYS A 74 -6.14 7.68 -9.74
N ILE A 75 -5.83 6.81 -8.78
CA ILE A 75 -6.85 6.07 -8.06
C ILE A 75 -7.54 6.96 -7.04
N LEU A 76 -6.77 7.87 -6.45
CA LEU A 76 -7.29 8.80 -5.45
C LEU A 76 -8.07 9.92 -6.13
N SER A 77 -7.63 10.32 -7.32
CA SER A 77 -8.30 11.38 -8.06
C SER A 77 -8.35 11.06 -9.54
N MET A 1 -6.89 10.27 7.15
CA MET A 1 -6.11 9.16 7.78
C MET A 1 -6.27 7.86 7.00
N MET A 2 -5.61 7.76 5.85
CA MET A 2 -5.71 6.53 5.06
C MET A 2 -4.76 5.46 5.59
N LYS A 3 -5.32 4.41 6.18
CA LYS A 3 -4.52 3.32 6.73
C LYS A 3 -3.86 2.52 5.62
N ILE A 4 -2.57 2.76 5.43
CA ILE A 4 -1.81 2.08 4.40
C ILE A 4 -0.97 0.95 4.99
N GLN A 5 -1.27 -0.28 4.58
CA GLN A 5 -0.53 -1.44 5.06
C GLN A 5 0.33 -2.03 3.94
N ILE A 6 1.65 -1.98 4.09
CA ILE A 6 2.54 -2.51 3.06
C ILE A 6 3.07 -3.89 3.41
N TYR A 7 2.58 -4.90 2.67
CA TYR A 7 3.00 -6.28 2.89
C TYR A 7 4.20 -6.62 2.04
N GLY A 8 5.25 -7.12 2.69
CA GLY A 8 6.46 -7.49 1.98
C GLY A 8 7.70 -7.33 2.84
N THR A 9 8.22 -6.10 2.90
CA THR A 9 9.42 -5.81 3.69
C THR A 9 10.56 -6.76 3.34
N GLY A 10 11.21 -6.49 2.21
CA GLY A 10 12.31 -7.34 1.78
C GLY A 10 12.43 -7.41 0.27
N CYS A 11 11.66 -8.29 -0.34
CA CYS A 11 11.68 -8.46 -1.79
C CYS A 11 10.60 -7.62 -2.45
N ALA A 12 9.49 -7.41 -1.73
CA ALA A 12 8.38 -6.63 -2.24
C ALA A 12 8.80 -5.18 -2.50
N ASN A 13 8.42 -4.67 -3.68
CA ASN A 13 8.74 -3.29 -4.06
C ASN A 13 7.84 -2.27 -3.36
N CYS A 14 7.24 -2.67 -2.24
CA CYS A 14 6.34 -1.77 -1.49
C CYS A 14 7.03 -0.45 -1.18
N GLN A 15 8.36 -0.47 -1.15
CA GLN A 15 9.15 0.72 -0.87
C GLN A 15 8.79 1.86 -1.83
N MET A 16 8.58 1.52 -3.09
CA MET A 16 8.23 2.51 -4.10
C MET A 16 6.84 3.10 -3.85
N LEU A 17 5.85 2.22 -3.68
CA LEU A 17 4.49 2.68 -3.42
C LEU A 17 4.38 3.31 -2.04
N GLU A 18 5.28 2.91 -1.14
CA GLU A 18 5.29 3.44 0.22
C GLU A 18 5.47 4.96 0.20
N LYS A 19 6.50 5.41 -0.50
CA LYS A 19 6.79 6.84 -0.61
C LYS A 19 5.68 7.55 -1.38
N ASN A 20 5.27 6.95 -2.50
CA ASN A 20 4.22 7.53 -3.34
C ASN A 20 2.94 7.73 -2.55
N ALA A 21 2.45 6.66 -1.93
CA ALA A 21 1.22 6.72 -1.14
C ALA A 21 1.28 7.85 -0.11
N ARG A 22 2.47 8.06 0.46
CA ARG A 22 2.65 9.10 1.47
C ARG A 22 2.32 10.48 0.92
N GLU A 23 2.87 10.79 -0.25
CA GLU A 23 2.64 12.09 -0.88
C GLU A 23 1.21 12.19 -1.42
N ALA A 24 0.77 11.18 -2.13
CA ALA A 24 -0.57 11.17 -2.70
C ALA A 24 -1.65 11.20 -1.63
N VAL A 25 -1.55 10.31 -0.65
CA VAL A 25 -2.53 10.25 0.42
C VAL A 25 -2.72 11.63 1.07
N LYS A 26 -1.62 12.21 1.54
CA LYS A 26 -1.66 13.52 2.18
C LYS A 26 -1.96 14.63 1.16
N GLU A 27 -1.23 14.61 0.04
CA GLU A 27 -1.42 15.62 -1.01
C GLU A 27 -2.88 15.73 -1.42
N LEU A 28 -3.52 14.58 -1.64
CA LEU A 28 -4.92 14.55 -2.03
C LEU A 28 -5.76 15.38 -1.06
N GLY A 29 -5.25 15.56 0.16
CA GLY A 29 -5.94 16.34 1.15
C GLY A 29 -6.41 15.51 2.33
N ILE A 30 -5.59 14.54 2.73
CA ILE A 30 -5.93 13.67 3.84
C ILE A 30 -4.73 12.84 4.29
N ASP A 31 -4.30 13.06 5.54
CA ASP A 31 -3.18 12.34 6.12
C ASP A 31 -3.50 10.85 6.16
N ALA A 32 -2.48 10.03 6.38
CA ALA A 32 -2.66 8.61 6.45
C ALA A 32 -1.66 8.01 7.41
N GLU A 33 -1.72 6.70 7.59
CA GLU A 33 -0.80 6.02 8.47
C GLU A 33 -0.16 4.85 7.76
N PHE A 34 1.13 4.93 7.53
CA PHE A 34 1.85 3.89 6.83
C PHE A 34 2.60 2.98 7.79
N GLU A 35 2.10 1.75 7.89
CA GLU A 35 2.71 0.74 8.76
C GLU A 35 3.00 -0.52 7.97
N LYS A 36 4.23 -1.00 8.05
CA LYS A 36 4.62 -2.20 7.33
C LYS A 36 4.14 -3.46 8.06
N ILE A 37 3.91 -4.51 7.29
CA ILE A 37 3.41 -5.76 7.85
C ILE A 37 4.34 -6.91 7.51
N LYS A 38 5.45 -7.01 8.24
CA LYS A 38 6.43 -8.06 8.03
C LYS A 38 5.94 -9.39 8.61
N GLU A 39 5.00 -10.02 7.93
CA GLU A 39 4.44 -11.29 8.36
C GLU A 39 3.25 -11.67 7.49
N MET A 40 3.27 -12.89 6.95
CA MET A 40 2.18 -13.34 6.09
C MET A 40 0.88 -13.44 6.87
N ASP A 41 0.97 -13.66 8.18
CA ASP A 41 -0.22 -13.73 9.00
C ASP A 41 -1.07 -12.50 8.73
N GLN A 42 -0.38 -11.38 8.53
CA GLN A 42 -1.02 -10.11 8.23
C GLN A 42 -1.24 -9.96 6.72
N ILE A 43 -0.31 -10.50 5.91
CA ILE A 43 -0.43 -10.38 4.45
C ILE A 43 -1.60 -11.19 3.92
N LEU A 44 -1.72 -12.42 4.40
CA LEU A 44 -2.80 -13.30 3.98
C LEU A 44 -4.14 -12.73 4.43
N GLU A 45 -4.16 -12.15 5.63
CA GLU A 45 -5.38 -11.56 6.16
C GLU A 45 -5.87 -10.44 5.25
N ALA A 46 -4.94 -9.89 4.45
CA ALA A 46 -5.28 -8.83 3.51
C ALA A 46 -5.98 -9.41 2.30
N GLY A 47 -5.56 -10.61 1.89
CA GLY A 47 -6.17 -11.26 0.76
C GLY A 47 -5.22 -11.44 -0.41
N LEU A 48 -4.03 -10.85 -0.34
CA LEU A 48 -3.08 -10.98 -1.43
C LEU A 48 -2.30 -12.30 -1.36
N THR A 49 -1.75 -12.70 -2.49
CA THR A 49 -0.98 -13.93 -2.58
C THR A 49 0.48 -13.64 -2.90
N ALA A 50 0.68 -12.57 -3.65
CA ALA A 50 2.02 -12.15 -4.04
C ALA A 50 2.72 -11.49 -2.86
N LEU A 51 3.76 -10.70 -3.13
CA LEU A 51 4.49 -10.03 -2.06
C LEU A 51 4.11 -8.57 -1.92
N PRO A 52 4.23 -7.76 -2.99
CA PRO A 52 3.90 -6.33 -2.95
C PRO A 52 2.41 -6.06 -2.70
N GLY A 53 1.88 -6.54 -1.58
CA GLY A 53 0.49 -6.31 -1.27
C GLY A 53 0.29 -5.03 -0.48
N LEU A 54 -0.72 -4.24 -0.87
CA LEU A 54 -1.00 -2.98 -0.19
C LEU A 54 -2.50 -2.80 0.00
N ALA A 55 -2.94 -2.79 1.25
CA ALA A 55 -4.35 -2.62 1.57
C ALA A 55 -4.61 -1.25 2.19
N VAL A 56 -5.61 -0.55 1.68
CA VAL A 56 -5.96 0.76 2.20
C VAL A 56 -7.37 0.77 2.75
N ASP A 57 -7.53 1.46 3.88
CA ASP A 57 -8.83 1.53 4.54
C ASP A 57 -9.48 0.15 4.62
N GLY A 58 -8.64 -0.89 4.66
CA GLY A 58 -9.15 -2.25 4.73
C GLY A 58 -9.64 -2.75 3.39
N GLU A 59 -8.89 -2.45 2.34
CA GLU A 59 -9.26 -2.88 0.99
C GLU A 59 -8.02 -3.12 0.13
N LEU A 60 -7.65 -4.38 -0.02
CA LEU A 60 -6.48 -4.75 -0.83
C LEU A 60 -6.75 -4.49 -2.31
N LYS A 61 -5.84 -3.77 -2.96
CA LYS A 61 -6.00 -3.47 -4.37
C LYS A 61 -4.65 -3.40 -5.11
N ILE A 62 -3.57 -3.78 -4.44
CA ILE A 62 -2.25 -3.75 -5.06
C ILE A 62 -1.40 -4.92 -4.58
N MET A 63 -1.14 -5.86 -5.48
CA MET A 63 -0.35 -7.04 -5.14
C MET A 63 0.50 -7.49 -6.32
N GLY A 64 1.73 -7.93 -6.03
CA GLY A 64 2.62 -8.41 -7.07
C GLY A 64 3.06 -7.31 -8.01
N ARG A 65 2.79 -6.08 -7.64
CA ARG A 65 3.17 -4.93 -8.46
C ARG A 65 2.78 -3.63 -7.77
N VAL A 66 3.76 -2.95 -7.21
CA VAL A 66 3.53 -1.70 -6.52
C VAL A 66 2.84 -0.69 -7.45
N ALA A 67 1.96 0.12 -6.89
CA ALA A 67 1.23 1.12 -7.67
C ALA A 67 2.11 2.33 -7.95
N SER A 68 1.89 2.95 -9.10
CA SER A 68 2.66 4.13 -9.49
C SER A 68 1.98 5.41 -9.02
N LYS A 69 2.70 6.53 -9.10
CA LYS A 69 2.16 7.81 -8.68
C LYS A 69 0.85 8.14 -9.41
N GLU A 70 0.82 7.84 -10.71
CA GLU A 70 -0.38 8.10 -11.51
C GLU A 70 -1.50 7.15 -11.12
N GLU A 71 -1.17 5.89 -10.88
CA GLU A 71 -2.15 4.89 -10.50
C GLU A 71 -2.80 5.24 -9.17
N ILE A 72 -1.98 5.61 -8.19
CA ILE A 72 -2.47 5.97 -6.86
C ILE A 72 -3.32 7.24 -6.92
N LYS A 73 -2.78 8.28 -7.54
CA LYS A 73 -3.48 9.55 -7.66
C LYS A 73 -4.82 9.36 -8.36
N LYS A 74 -4.88 8.40 -9.27
CA LYS A 74 -6.10 8.12 -10.02
C LYS A 74 -7.14 7.45 -9.13
N ILE A 75 -6.68 6.56 -8.25
CA ILE A 75 -7.57 5.85 -7.35
C ILE A 75 -8.00 6.77 -6.21
N LEU A 76 -7.07 7.59 -5.74
CA LEU A 76 -7.36 8.51 -4.65
C LEU A 76 -8.41 9.54 -5.05
N SER A 77 -8.16 10.21 -6.17
CA SER A 77 -9.09 11.23 -6.66
C SER A 77 -8.85 11.50 -8.14
N MET A 1 -6.44 10.44 7.79
CA MET A 1 -5.64 9.30 8.31
C MET A 1 -6.04 7.99 7.65
N MET A 2 -5.64 7.82 6.39
CA MET A 2 -5.97 6.61 5.66
C MET A 2 -5.05 5.47 6.07
N LYS A 3 -5.61 4.45 6.69
CA LYS A 3 -4.83 3.30 7.14
C LYS A 3 -4.35 2.49 5.93
N ILE A 4 -3.07 2.62 5.64
CA ILE A 4 -2.47 1.93 4.50
C ILE A 4 -1.41 0.93 4.94
N GLN A 5 -1.53 -0.31 4.49
CA GLN A 5 -0.60 -1.36 4.82
C GLN A 5 0.24 -1.75 3.60
N ILE A 6 1.50 -2.07 3.83
CA ILE A 6 2.39 -2.45 2.74
C ILE A 6 3.01 -3.81 2.99
N TYR A 7 2.58 -4.82 2.25
CA TYR A 7 3.11 -6.17 2.43
C TYR A 7 4.21 -6.47 1.44
N GLY A 8 5.41 -6.68 1.97
CA GLY A 8 6.56 -6.97 1.14
C GLY A 8 7.88 -6.69 1.84
N THR A 9 8.35 -5.47 1.72
CA THR A 9 9.62 -5.06 2.35
C THR A 9 10.73 -6.05 2.05
N GLY A 10 11.53 -5.74 1.04
CA GLY A 10 12.63 -6.62 0.66
C GLY A 10 12.51 -7.14 -0.74
N CYS A 11 11.66 -8.15 -0.93
CA CYS A 11 11.44 -8.75 -2.24
C CYS A 11 10.38 -7.97 -3.01
N ALA A 12 9.34 -7.54 -2.31
CA ALA A 12 8.25 -6.79 -2.93
C ALA A 12 8.64 -5.33 -3.11
N ASN A 13 8.53 -4.84 -4.35
CA ASN A 13 8.86 -3.45 -4.66
C ASN A 13 7.79 -2.46 -4.20
N CYS A 14 6.95 -2.89 -3.26
CA CYS A 14 5.88 -2.04 -2.74
C CYS A 14 6.44 -0.74 -2.15
N GLN A 15 7.72 -0.76 -1.79
CA GLN A 15 8.38 0.40 -1.20
C GLN A 15 8.22 1.65 -2.08
N MET A 16 8.16 1.43 -3.39
CA MET A 16 8.01 2.53 -4.34
C MET A 16 6.69 3.26 -4.11
N LEU A 17 5.60 2.51 -4.11
CA LEU A 17 4.27 3.08 -3.91
C LEU A 17 4.13 3.58 -2.47
N GLU A 18 4.82 2.93 -1.55
CA GLU A 18 4.74 3.34 -0.14
C GLU A 18 5.11 4.81 0.01
N LYS A 19 6.13 5.25 -0.73
CA LYS A 19 6.58 6.63 -0.67
C LYS A 19 5.60 7.58 -1.37
N ASN A 20 5.24 7.27 -2.61
CA ASN A 20 4.32 8.13 -3.36
C ASN A 20 2.95 8.14 -2.70
N ALA A 21 2.56 7.02 -2.12
CA ALA A 21 1.28 6.90 -1.44
C ALA A 21 1.18 7.90 -0.29
N ARG A 22 2.22 7.97 0.53
CA ARG A 22 2.22 8.89 1.67
C ARG A 22 2.02 10.33 1.20
N GLU A 23 2.68 10.70 0.11
CA GLU A 23 2.55 12.05 -0.43
C GLU A 23 1.18 12.26 -1.07
N ALA A 24 0.76 11.32 -1.91
CA ALA A 24 -0.54 11.41 -2.57
C ALA A 24 -1.70 11.41 -1.59
N VAL A 25 -1.71 10.43 -0.69
CA VAL A 25 -2.77 10.32 0.31
C VAL A 25 -2.91 11.64 1.08
N LYS A 26 -1.82 12.10 1.66
CA LYS A 26 -1.80 13.36 2.40
C LYS A 26 -2.12 14.53 1.48
N GLU A 27 -1.42 14.58 0.34
CA GLU A 27 -1.62 15.65 -0.64
C GLU A 27 -3.07 15.71 -1.12
N LEU A 28 -3.63 14.54 -1.44
CA LEU A 28 -5.00 14.46 -1.92
C LEU A 28 -5.95 15.17 -0.96
N GLY A 29 -5.51 15.35 0.28
CA GLY A 29 -6.33 16.01 1.28
C GLY A 29 -6.74 15.09 2.41
N ILE A 30 -5.78 14.34 2.93
CA ILE A 30 -6.04 13.42 4.04
C ILE A 30 -4.78 12.63 4.40
N ASP A 31 -4.41 12.73 5.67
CA ASP A 31 -3.24 12.03 6.18
C ASP A 31 -3.48 10.53 6.12
N ALA A 32 -2.41 9.75 6.21
CA ALA A 32 -2.52 8.30 6.17
C ALA A 32 -1.35 7.68 6.90
N GLU A 33 -1.59 6.59 7.60
CA GLU A 33 -0.54 5.92 8.32
C GLU A 33 -0.12 4.66 7.60
N PHE A 34 1.11 4.64 7.12
CA PHE A 34 1.62 3.49 6.40
C PHE A 34 2.45 2.59 7.30
N GLU A 35 1.88 1.43 7.60
CA GLU A 35 2.54 0.45 8.45
C GLU A 35 2.98 -0.76 7.63
N LYS A 36 4.28 -0.97 7.54
CA LYS A 36 4.83 -2.09 6.79
C LYS A 36 4.90 -3.33 7.68
N ILE A 37 4.54 -4.48 7.12
CA ILE A 37 4.58 -5.72 7.86
C ILE A 37 5.73 -6.60 7.39
N LYS A 38 5.92 -7.75 8.00
CA LYS A 38 6.99 -8.65 7.60
C LYS A 38 6.68 -10.08 8.02
N GLU A 39 5.77 -10.70 7.28
CA GLU A 39 5.33 -12.09 7.52
C GLU A 39 3.95 -12.31 6.92
N MET A 40 3.80 -13.39 6.16
CA MET A 40 2.52 -13.69 5.53
C MET A 40 1.40 -13.69 6.57
N ASP A 41 1.74 -13.95 7.83
CA ASP A 41 0.75 -13.93 8.89
C ASP A 41 -0.03 -12.62 8.81
N GLN A 42 0.71 -11.55 8.52
CA GLN A 42 0.12 -10.23 8.36
C GLN A 42 -0.34 -10.01 6.93
N ILE A 43 0.45 -10.52 5.98
CA ILE A 43 0.13 -10.38 4.56
C ILE A 43 -1.19 -11.05 4.22
N LEU A 44 -1.30 -12.32 4.54
CA LEU A 44 -2.51 -13.08 4.27
C LEU A 44 -3.70 -12.51 5.04
N GLU A 45 -3.44 -12.00 6.24
CA GLU A 45 -4.49 -11.40 7.06
C GLU A 45 -5.17 -10.27 6.30
N ALA A 46 -4.43 -9.69 5.35
CA ALA A 46 -4.95 -8.61 4.54
C ALA A 46 -5.98 -9.15 3.56
N GLY A 47 -5.70 -10.35 3.05
CA GLY A 47 -6.61 -10.97 2.12
C GLY A 47 -5.95 -11.26 0.77
N LEU A 48 -4.80 -10.65 0.53
CA LEU A 48 -4.09 -10.86 -0.73
C LEU A 48 -3.31 -12.17 -0.73
N THR A 49 -2.96 -12.65 -1.91
CA THR A 49 -2.22 -13.90 -2.06
C THR A 49 -0.79 -13.63 -2.53
N ALA A 50 -0.61 -12.51 -3.20
CA ALA A 50 0.71 -12.12 -3.71
C ALA A 50 1.55 -11.51 -2.59
N LEU A 51 2.77 -11.12 -2.92
CA LEU A 51 3.65 -10.53 -1.92
C LEU A 51 3.47 -9.02 -1.80
N PRO A 52 3.69 -8.26 -2.90
CA PRO A 52 3.55 -6.79 -2.89
C PRO A 52 2.11 -6.31 -2.67
N GLY A 53 1.44 -6.84 -1.66
CA GLY A 53 0.07 -6.43 -1.36
C GLY A 53 0.00 -5.05 -0.73
N LEU A 54 -1.06 -4.31 -1.03
CA LEU A 54 -1.25 -2.98 -0.48
C LEU A 54 -2.69 -2.80 -0.05
N ALA A 55 -2.94 -2.89 1.26
CA ALA A 55 -4.30 -2.74 1.77
C ALA A 55 -4.55 -1.33 2.28
N VAL A 56 -5.57 -0.68 1.74
CA VAL A 56 -5.92 0.67 2.15
C VAL A 56 -7.31 0.75 2.73
N ASP A 57 -7.46 1.54 3.77
CA ASP A 57 -8.75 1.72 4.44
C ASP A 57 -9.40 0.37 4.72
N GLY A 58 -8.57 -0.68 4.86
CA GLY A 58 -9.09 -2.00 5.13
C GLY A 58 -9.57 -2.70 3.88
N GLU A 59 -9.01 -2.32 2.73
CA GLU A 59 -9.38 -2.91 1.46
C GLU A 59 -8.15 -3.12 0.58
N LEU A 60 -7.71 -4.36 0.48
CA LEU A 60 -6.54 -4.69 -0.33
C LEU A 60 -6.95 -5.03 -1.75
N LYS A 61 -6.30 -4.37 -2.71
CA LYS A 61 -6.61 -4.60 -4.12
C LYS A 61 -5.37 -4.47 -5.01
N ILE A 62 -4.20 -4.24 -4.41
CA ILE A 62 -2.97 -4.09 -5.18
C ILE A 62 -1.88 -5.02 -4.64
N MET A 63 -1.65 -6.12 -5.35
CA MET A 63 -0.63 -7.08 -4.92
C MET A 63 0.04 -7.74 -6.12
N GLY A 64 1.20 -8.34 -5.87
CA GLY A 64 1.94 -9.00 -6.94
C GLY A 64 2.74 -8.02 -7.78
N ARG A 65 2.53 -6.73 -7.52
CA ARG A 65 3.21 -5.66 -8.24
C ARG A 65 2.58 -4.32 -7.88
N VAL A 66 3.26 -3.54 -7.04
CA VAL A 66 2.73 -2.26 -6.62
C VAL A 66 2.71 -1.26 -7.77
N ALA A 67 1.78 -0.32 -7.71
CA ALA A 67 1.65 0.70 -8.76
C ALA A 67 2.68 1.81 -8.59
N SER A 68 2.65 2.78 -9.50
CA SER A 68 3.59 3.91 -9.44
C SER A 68 2.91 5.16 -8.93
N LYS A 69 3.60 6.30 -9.04
CA LYS A 69 3.05 7.57 -8.57
C LYS A 69 1.85 7.98 -9.41
N GLU A 70 2.03 8.03 -10.73
CA GLU A 70 0.95 8.41 -11.63
C GLU A 70 -0.20 7.41 -11.54
N GLU A 71 0.13 6.17 -11.23
CA GLU A 71 -0.87 5.11 -11.10
C GLU A 71 -1.69 5.27 -9.83
N ILE A 72 -0.99 5.42 -8.70
CA ILE A 72 -1.67 5.58 -7.42
C ILE A 72 -2.53 6.83 -7.41
N LYS A 73 -2.01 7.92 -7.95
CA LYS A 73 -2.74 9.18 -8.02
C LYS A 73 -3.96 9.05 -8.92
N LYS A 74 -3.84 8.21 -9.94
CA LYS A 74 -4.94 7.99 -10.87
C LYS A 74 -6.06 7.19 -10.22
N ILE A 75 -5.69 6.35 -9.25
CA ILE A 75 -6.66 5.54 -8.54
C ILE A 75 -7.44 6.39 -7.55
N LEU A 76 -6.72 7.33 -6.93
CA LEU A 76 -7.32 8.22 -5.95
C LEU A 76 -8.09 9.35 -6.63
N SER A 77 -7.41 10.08 -7.49
CA SER A 77 -8.02 11.19 -8.21
C SER A 77 -8.92 10.68 -9.34
N MET A 1 -6.98 10.49 7.22
CA MET A 1 -6.25 9.37 7.87
C MET A 1 -6.53 8.04 7.19
N MET A 2 -5.99 7.86 5.99
CA MET A 2 -6.21 6.62 5.25
C MET A 2 -5.33 5.50 5.80
N LYS A 3 -5.95 4.48 6.40
CA LYS A 3 -5.21 3.36 6.95
C LYS A 3 -4.61 2.54 5.83
N ILE A 4 -3.32 2.74 5.60
CA ILE A 4 -2.62 2.03 4.53
C ILE A 4 -1.63 1.01 5.08
N GLN A 5 -1.63 -0.17 4.48
CA GLN A 5 -0.74 -1.24 4.86
C GLN A 5 0.27 -1.48 3.75
N ILE A 6 1.51 -1.81 4.11
CA ILE A 6 2.55 -2.05 3.11
C ILE A 6 3.21 -3.40 3.34
N TYR A 7 2.79 -4.40 2.57
CA TYR A 7 3.33 -5.73 2.71
C TYR A 7 4.49 -6.00 1.77
N GLY A 8 5.66 -6.23 2.35
CA GLY A 8 6.85 -6.49 1.58
C GLY A 8 8.05 -6.80 2.45
N THR A 9 8.81 -5.76 2.81
CA THR A 9 9.98 -5.92 3.65
C THR A 9 10.88 -7.05 3.15
N GLY A 10 10.87 -7.26 1.84
CA GLY A 10 11.69 -8.31 1.25
C GLY A 10 11.22 -8.69 -0.14
N CYS A 11 12.01 -8.33 -1.15
CA CYS A 11 11.66 -8.64 -2.53
C CYS A 11 10.32 -8.04 -2.91
N ALA A 12 9.96 -6.94 -2.25
CA ALA A 12 8.70 -6.26 -2.54
C ALA A 12 8.94 -4.79 -2.87
N ASN A 13 8.31 -4.32 -3.94
CA ASN A 13 8.44 -2.94 -4.38
C ASN A 13 7.62 -1.99 -3.51
N CYS A 14 7.28 -2.43 -2.30
CA CYS A 14 6.50 -1.62 -1.38
C CYS A 14 7.11 -0.23 -1.21
N GLN A 15 8.42 -0.15 -1.37
CA GLN A 15 9.15 1.10 -1.23
C GLN A 15 8.63 2.14 -2.22
N MET A 16 8.25 1.68 -3.42
CA MET A 16 7.75 2.56 -4.46
C MET A 16 6.38 3.13 -4.09
N LEU A 17 5.46 2.25 -3.70
CA LEU A 17 4.12 2.67 -3.32
C LEU A 17 4.14 3.41 -1.99
N GLU A 18 5.07 3.03 -1.14
CA GLU A 18 5.19 3.66 0.18
C GLU A 18 5.42 5.16 0.04
N LYS A 19 6.28 5.54 -0.90
CA LYS A 19 6.61 6.94 -1.14
C LYS A 19 5.46 7.70 -1.82
N ASN A 20 4.84 7.08 -2.82
CA ASN A 20 3.76 7.73 -3.55
C ASN A 20 2.47 7.77 -2.73
N ALA A 21 2.24 6.73 -1.94
CA ALA A 21 1.03 6.66 -1.14
C ALA A 21 1.02 7.73 -0.04
N ARG A 22 2.12 7.84 0.70
CA ARG A 22 2.22 8.82 1.78
C ARG A 22 2.08 10.24 1.25
N GLU A 23 2.74 10.53 0.14
CA GLU A 23 2.68 11.86 -0.45
C GLU A 23 1.33 12.11 -1.12
N ALA A 24 0.90 11.17 -1.95
CA ALA A 24 -0.38 11.29 -2.64
C ALA A 24 -1.55 11.33 -1.67
N VAL A 25 -1.61 10.35 -0.77
CA VAL A 25 -2.69 10.29 0.21
C VAL A 25 -2.83 11.62 0.97
N LYS A 26 -1.74 12.08 1.58
CA LYS A 26 -1.73 13.33 2.32
C LYS A 26 -1.92 14.52 1.38
N GLU A 27 -1.17 14.53 0.27
CA GLU A 27 -1.25 15.62 -0.70
C GLU A 27 -2.67 15.78 -1.25
N LEU A 28 -3.28 14.66 -1.62
CA LEU A 28 -4.64 14.68 -2.16
C LEU A 28 -5.58 15.44 -1.22
N GLY A 29 -5.19 15.55 0.04
CA GLY A 29 -6.00 16.26 1.01
C GLY A 29 -6.56 15.34 2.08
N ILE A 30 -5.68 14.53 2.68
CA ILE A 30 -6.08 13.61 3.73
C ILE A 30 -4.91 12.77 4.22
N ASP A 31 -4.65 12.87 5.51
CA ASP A 31 -3.56 12.12 6.14
C ASP A 31 -3.81 10.62 6.02
N ALA A 32 -2.77 9.84 6.26
CA ALA A 32 -2.88 8.40 6.19
C ALA A 32 -1.85 7.76 7.08
N GLU A 33 -2.16 6.57 7.57
CA GLU A 33 -1.24 5.87 8.45
C GLU A 33 -0.70 4.64 7.75
N PHE A 34 0.60 4.64 7.46
CA PHE A 34 1.22 3.53 6.78
C PHE A 34 1.95 2.62 7.76
N GLU A 35 1.39 1.44 7.96
CA GLU A 35 1.97 0.45 8.85
C GLU A 35 2.57 -0.69 8.05
N LYS A 36 3.89 -0.78 8.06
CA LYS A 36 4.59 -1.84 7.32
C LYS A 36 4.66 -3.11 8.15
N ILE A 37 4.40 -4.24 7.49
CA ILE A 37 4.45 -5.54 8.16
C ILE A 37 5.61 -6.37 7.62
N LYS A 38 5.97 -7.43 8.33
CA LYS A 38 7.06 -8.29 7.90
C LYS A 38 6.72 -9.75 8.18
N GLU A 39 5.85 -10.30 7.35
CA GLU A 39 5.40 -11.70 7.46
C GLU A 39 4.03 -11.86 6.82
N MET A 40 3.86 -12.88 5.99
CA MET A 40 2.58 -13.12 5.33
C MET A 40 1.46 -13.26 6.35
N ASP A 41 1.81 -13.74 7.55
CA ASP A 41 0.82 -13.89 8.61
C ASP A 41 0.08 -12.56 8.76
N GLN A 42 0.82 -11.48 8.53
CA GLN A 42 0.27 -10.14 8.60
C GLN A 42 -0.34 -9.75 7.26
N ILE A 43 0.26 -10.23 6.17
CA ILE A 43 -0.24 -9.90 4.83
C ILE A 43 -1.56 -10.59 4.54
N LEU A 44 -1.60 -11.89 4.76
CA LEU A 44 -2.80 -12.68 4.53
C LEU A 44 -3.97 -12.13 5.33
N GLU A 45 -3.69 -11.66 6.54
CA GLU A 45 -4.72 -11.08 7.39
C GLU A 45 -5.49 -9.99 6.64
N ALA A 46 -4.82 -9.39 5.66
CA ALA A 46 -5.42 -8.35 4.85
C ALA A 46 -6.33 -8.96 3.80
N GLY A 47 -5.83 -9.98 3.14
CA GLY A 47 -6.60 -10.65 2.11
C GLY A 47 -5.81 -10.86 0.83
N LEU A 48 -4.75 -10.08 0.66
CA LEU A 48 -3.92 -10.21 -0.54
C LEU A 48 -3.15 -11.53 -0.53
N THR A 49 -2.78 -12.00 -1.73
CA THR A 49 -2.05 -13.25 -1.87
C THR A 49 -0.63 -13.02 -2.36
N ALA A 50 -0.39 -11.82 -2.90
CA ALA A 50 0.93 -11.48 -3.41
C ALA A 50 1.79 -10.86 -2.31
N LEU A 51 3.02 -10.47 -2.66
CA LEU A 51 3.92 -9.88 -1.69
C LEU A 51 3.67 -8.38 -1.51
N PRO A 52 3.88 -7.56 -2.56
CA PRO A 52 3.68 -6.12 -2.48
C PRO A 52 2.20 -5.73 -2.31
N GLY A 53 1.55 -6.32 -1.32
CA GLY A 53 0.15 -6.03 -1.07
C GLY A 53 -0.06 -4.78 -0.25
N LEU A 54 -0.71 -3.80 -0.85
CA LEU A 54 -1.00 -2.54 -0.18
C LEU A 54 -2.48 -2.47 0.18
N ALA A 55 -2.79 -2.62 1.47
CA ALA A 55 -4.17 -2.58 1.91
C ALA A 55 -4.56 -1.22 2.45
N VAL A 56 -5.60 -0.64 1.87
CA VAL A 56 -6.09 0.67 2.29
C VAL A 56 -7.47 0.57 2.89
N ASP A 57 -7.68 1.31 3.97
CA ASP A 57 -8.97 1.30 4.66
C ASP A 57 -9.44 -0.15 4.86
N GLY A 58 -8.49 -1.07 4.95
CA GLY A 58 -8.82 -2.47 5.12
C GLY A 58 -9.36 -3.09 3.86
N GLU A 59 -8.81 -2.70 2.71
CA GLU A 59 -9.24 -3.22 1.43
C GLU A 59 -8.10 -3.24 0.42
N LEU A 60 -7.52 -4.42 0.21
CA LEU A 60 -6.42 -4.58 -0.75
C LEU A 60 -6.72 -3.87 -2.06
N LYS A 61 -5.75 -3.12 -2.56
CA LYS A 61 -5.91 -2.39 -3.81
C LYS A 61 -4.71 -2.56 -4.74
N ILE A 62 -3.58 -3.02 -4.20
CA ILE A 62 -2.38 -3.21 -5.02
C ILE A 62 -1.47 -4.27 -4.44
N MET A 63 -1.35 -5.41 -5.12
CA MET A 63 -0.50 -6.49 -4.66
C MET A 63 0.16 -7.23 -5.82
N GLY A 64 1.35 -7.78 -5.57
CA GLY A 64 2.06 -8.51 -6.61
C GLY A 64 2.85 -7.59 -7.52
N ARG A 65 2.71 -6.29 -7.31
CA ARG A 65 3.42 -5.29 -8.11
C ARG A 65 2.95 -3.89 -7.76
N VAL A 66 3.80 -3.15 -7.06
CA VAL A 66 3.46 -1.78 -6.66
C VAL A 66 3.06 -0.95 -7.89
N ALA A 67 2.06 -0.10 -7.71
CA ALA A 67 1.58 0.76 -8.80
C ALA A 67 2.37 2.06 -8.84
N SER A 68 2.63 2.54 -10.05
CA SER A 68 3.38 3.78 -10.23
C SER A 68 2.61 4.97 -9.66
N LYS A 69 3.33 6.03 -9.34
CA LYS A 69 2.71 7.24 -8.78
C LYS A 69 1.56 7.72 -9.65
N GLU A 70 1.66 7.47 -10.95
CA GLU A 70 0.61 7.88 -11.89
C GLU A 70 -0.70 7.16 -11.60
N GLU A 71 -0.60 5.86 -11.32
CA GLU A 71 -1.78 5.04 -11.02
C GLU A 71 -2.42 5.47 -9.71
N ILE A 72 -1.58 5.74 -8.71
CA ILE A 72 -2.07 6.15 -7.40
C ILE A 72 -2.89 7.44 -7.50
N LYS A 73 -2.32 8.46 -8.11
CA LYS A 73 -3.01 9.74 -8.28
C LYS A 73 -4.28 9.57 -9.10
N LYS A 74 -4.24 8.66 -10.07
CA LYS A 74 -5.39 8.39 -10.93
C LYS A 74 -6.46 7.63 -10.17
N ILE A 75 -6.05 6.80 -9.22
CA ILE A 75 -6.98 6.02 -8.42
C ILE A 75 -7.65 6.90 -7.38
N LEU A 76 -6.89 7.84 -6.83
CA LEU A 76 -7.41 8.75 -5.83
C LEU A 76 -8.19 9.89 -6.48
N SER A 77 -7.76 10.29 -7.67
CA SER A 77 -8.42 11.38 -8.39
C SER A 77 -8.38 12.67 -7.59
N MET A 1 -6.64 10.15 7.33
CA MET A 1 -5.83 9.06 7.92
C MET A 1 -6.10 7.73 7.22
N MET A 2 -5.53 7.56 6.02
CA MET A 2 -5.74 6.32 5.28
C MET A 2 -4.79 5.23 5.77
N LYS A 3 -5.35 4.19 6.39
CA LYS A 3 -4.55 3.08 6.89
C LYS A 3 -3.99 2.27 5.73
N ILE A 4 -2.70 2.44 5.48
CA ILE A 4 -2.03 1.75 4.40
C ILE A 4 -1.08 0.67 4.93
N GLN A 5 -1.24 -0.53 4.41
CA GLN A 5 -0.41 -1.67 4.82
C GLN A 5 0.53 -2.09 3.69
N ILE A 6 1.82 -2.14 4.00
CA ILE A 6 2.82 -2.53 3.01
C ILE A 6 3.31 -3.97 3.24
N TYR A 7 2.75 -4.91 2.49
CA TYR A 7 3.14 -6.31 2.62
C TYR A 7 4.24 -6.67 1.63
N GLY A 8 5.40 -7.04 2.16
CA GLY A 8 6.51 -7.42 1.30
C GLY A 8 7.72 -6.52 1.47
N THR A 9 7.60 -5.50 2.33
CA THR A 9 8.69 -4.56 2.58
C THR A 9 10.04 -5.27 2.65
N GLY A 10 10.95 -4.89 1.76
CA GLY A 10 12.27 -5.51 1.74
C GLY A 10 12.48 -6.35 0.50
N CYS A 11 11.58 -7.29 0.26
CA CYS A 11 11.67 -8.18 -0.89
C CYS A 11 10.71 -7.74 -1.98
N ALA A 12 9.57 -7.19 -1.57
CA ALA A 12 8.55 -6.73 -2.50
C ALA A 12 8.83 -5.29 -2.94
N ASN A 13 8.38 -4.94 -4.14
CA ASN A 13 8.58 -3.59 -4.68
C ASN A 13 7.62 -2.58 -4.04
N CYS A 14 6.92 -3.01 -2.99
CA CYS A 14 5.97 -2.14 -2.29
C CYS A 14 6.65 -0.85 -1.84
N GLN A 15 7.93 -0.94 -1.53
CA GLN A 15 8.71 0.21 -1.07
C GLN A 15 8.55 1.41 -2.00
N MET A 16 8.45 1.14 -3.30
CA MET A 16 8.30 2.21 -4.29
C MET A 16 6.99 2.96 -4.09
N LEU A 17 5.88 2.25 -4.25
CA LEU A 17 4.56 2.84 -4.08
C LEU A 17 4.35 3.28 -2.63
N GLU A 18 5.06 2.65 -1.71
CA GLU A 18 4.94 2.99 -0.28
C GLU A 18 5.22 4.48 -0.08
N LYS A 19 6.34 4.95 -0.63
CA LYS A 19 6.71 6.34 -0.51
C LYS A 19 5.72 7.24 -1.25
N ASN A 20 5.40 6.86 -2.48
CA ASN A 20 4.45 7.61 -3.30
C ASN A 20 3.11 7.79 -2.59
N ALA A 21 2.63 6.72 -1.99
CA ALA A 21 1.36 6.73 -1.28
C ALA A 21 1.36 7.76 -0.15
N ARG A 22 2.47 7.85 0.58
CA ARG A 22 2.58 8.79 1.69
C ARG A 22 2.37 10.22 1.22
N GLU A 23 3.03 10.59 0.13
CA GLU A 23 2.91 11.95 -0.41
C GLU A 23 1.54 12.16 -1.05
N ALA A 24 1.12 11.22 -1.88
CA ALA A 24 -0.18 11.33 -2.56
C ALA A 24 -1.33 11.35 -1.57
N VAL A 25 -1.36 10.39 -0.65
CA VAL A 25 -2.44 10.31 0.33
C VAL A 25 -2.58 11.64 1.07
N LYS A 26 -1.49 12.11 1.68
CA LYS A 26 -1.50 13.37 2.42
C LYS A 26 -1.69 14.56 1.47
N GLU A 27 -0.90 14.60 0.39
CA GLU A 27 -0.98 15.70 -0.58
C GLU A 27 -2.40 15.90 -1.08
N LEU A 28 -3.06 14.81 -1.47
CA LEU A 28 -4.43 14.88 -1.97
C LEU A 28 -5.33 15.61 -0.99
N GLY A 29 -4.88 15.68 0.27
CA GLY A 29 -5.65 16.36 1.30
C GLY A 29 -6.19 15.41 2.35
N ILE A 30 -5.45 14.32 2.59
CA ILE A 30 -5.85 13.34 3.58
C ILE A 30 -4.65 12.55 4.09
N ASP A 31 -4.25 12.81 5.33
CA ASP A 31 -3.14 12.13 5.94
C ASP A 31 -3.43 10.64 6.03
N ALA A 32 -2.39 9.85 6.25
CA ALA A 32 -2.54 8.41 6.37
C ALA A 32 -1.45 7.86 7.25
N GLU A 33 -1.51 6.57 7.52
CA GLU A 33 -0.50 5.95 8.34
C GLU A 33 0.04 4.70 7.65
N PHE A 34 1.31 4.75 7.28
CA PHE A 34 1.92 3.63 6.58
C PHE A 34 2.78 2.78 7.51
N GLU A 35 2.28 1.59 7.79
CA GLU A 35 2.99 0.63 8.62
C GLU A 35 3.28 -0.62 7.81
N LYS A 36 4.53 -1.06 7.82
CA LYS A 36 4.91 -2.24 7.06
C LYS A 36 4.51 -3.51 7.77
N ILE A 37 4.29 -4.57 7.00
CA ILE A 37 3.86 -5.85 7.53
C ILE A 37 4.78 -6.97 7.03
N LYS A 38 5.96 -7.05 7.60
CA LYS A 38 6.94 -8.07 7.21
C LYS A 38 6.58 -9.43 7.81
N GLU A 39 5.58 -10.06 7.21
CA GLU A 39 5.13 -11.38 7.67
C GLU A 39 3.83 -11.77 6.95
N MET A 40 3.82 -12.95 6.32
CA MET A 40 2.65 -13.42 5.60
C MET A 40 1.46 -13.56 6.55
N ASP A 41 1.73 -13.87 7.82
CA ASP A 41 0.66 -13.98 8.79
C ASP A 41 -0.21 -12.73 8.71
N GLN A 42 0.46 -11.61 8.42
CA GLN A 42 -0.20 -10.33 8.27
C GLN A 42 -0.68 -10.13 6.83
N ILE A 43 0.07 -10.63 5.85
CA ILE A 43 -0.30 -10.47 4.45
C ILE A 43 -1.62 -11.14 4.16
N LEU A 44 -1.74 -12.40 4.54
CA LEU A 44 -2.97 -13.16 4.34
C LEU A 44 -4.10 -12.51 5.11
N GLU A 45 -3.82 -12.10 6.33
CA GLU A 45 -4.82 -11.44 7.17
C GLU A 45 -5.36 -10.19 6.47
N ALA A 46 -4.56 -9.67 5.53
CA ALA A 46 -4.94 -8.49 4.77
C ALA A 46 -5.97 -8.88 3.72
N GLY A 47 -5.76 -10.05 3.11
CA GLY A 47 -6.69 -10.52 2.10
C GLY A 47 -6.01 -10.81 0.77
N LEU A 48 -4.83 -10.22 0.55
CA LEU A 48 -4.11 -10.43 -0.70
C LEU A 48 -3.41 -11.79 -0.72
N THR A 49 -3.03 -12.22 -1.91
CA THR A 49 -2.35 -13.50 -2.09
C THR A 49 -0.92 -13.29 -2.59
N ALA A 50 -0.70 -12.16 -3.23
CA ALA A 50 0.61 -11.83 -3.76
C ALA A 50 1.53 -11.33 -2.65
N LEU A 51 2.81 -11.13 -2.97
CA LEU A 51 3.75 -10.66 -1.97
C LEU A 51 3.61 -9.15 -1.73
N PRO A 52 3.91 -8.32 -2.74
CA PRO A 52 3.80 -6.85 -2.63
C PRO A 52 2.35 -6.39 -2.46
N GLY A 53 1.69 -6.88 -1.40
CA GLY A 53 0.32 -6.49 -1.16
C GLY A 53 0.19 -5.15 -0.48
N LEU A 54 -0.74 -4.35 -0.95
CA LEU A 54 -0.97 -3.02 -0.39
C LEU A 54 -2.45 -2.87 -0.02
N ALA A 55 -2.75 -3.07 1.26
CA ALA A 55 -4.14 -2.95 1.71
C ALA A 55 -4.40 -1.57 2.32
N VAL A 56 -5.38 -0.88 1.76
CA VAL A 56 -5.75 0.45 2.22
C VAL A 56 -7.13 0.44 2.85
N ASP A 57 -7.27 1.18 3.94
CA ASP A 57 -8.54 1.26 4.66
C ASP A 57 -9.16 -0.13 4.82
N GLY A 58 -8.30 -1.15 4.85
CA GLY A 58 -8.77 -2.52 4.99
C GLY A 58 -9.35 -3.06 3.70
N GLU A 59 -8.73 -2.72 2.58
CA GLU A 59 -9.21 -3.18 1.28
C GLU A 59 -8.07 -3.35 0.29
N LEU A 60 -7.64 -4.60 0.10
CA LEU A 60 -6.56 -4.92 -0.83
C LEU A 60 -6.80 -4.29 -2.19
N LYS A 61 -5.79 -3.62 -2.73
CA LYS A 61 -5.90 -2.96 -4.02
C LYS A 61 -4.76 -3.34 -4.96
N ILE A 62 -3.67 -3.89 -4.41
CA ILE A 62 -2.53 -4.26 -5.25
C ILE A 62 -1.73 -5.41 -4.64
N MET A 63 -1.43 -6.41 -5.46
CA MET A 63 -0.66 -7.56 -5.01
C MET A 63 0.22 -8.08 -6.15
N GLY A 64 1.47 -8.38 -5.84
CA GLY A 64 2.38 -8.89 -6.86
C GLY A 64 3.18 -7.77 -7.51
N ARG A 65 2.79 -6.53 -7.24
CA ARG A 65 3.46 -5.36 -7.80
C ARG A 65 2.60 -4.12 -7.61
N VAL A 66 3.01 -3.26 -6.68
CA VAL A 66 2.27 -2.04 -6.40
C VAL A 66 2.02 -1.23 -7.69
N ALA A 67 1.12 -0.26 -7.61
CA ALA A 67 0.79 0.57 -8.76
C ALA A 67 1.80 1.70 -8.92
N SER A 68 1.54 2.60 -9.87
CA SER A 68 2.42 3.73 -10.13
C SER A 68 1.93 4.98 -9.42
N LYS A 69 2.77 6.01 -9.39
CA LYS A 69 2.41 7.28 -8.74
C LYS A 69 1.15 7.87 -9.36
N GLU A 70 1.16 8.04 -10.68
CA GLU A 70 0.02 8.60 -11.40
C GLU A 70 -1.24 7.78 -11.13
N GLU A 71 -1.09 6.46 -11.08
CA GLU A 71 -2.22 5.57 -10.82
C GLU A 71 -2.90 5.93 -9.51
N ILE A 72 -2.11 6.20 -8.48
CA ILE A 72 -2.64 6.55 -7.18
C ILE A 72 -3.54 7.78 -7.27
N LYS A 73 -2.99 8.87 -7.80
CA LYS A 73 -3.75 10.10 -7.95
C LYS A 73 -4.97 9.90 -8.85
N LYS A 74 -4.81 9.07 -9.87
CA LYS A 74 -5.90 8.79 -10.80
C LYS A 74 -6.93 7.88 -10.17
N ILE A 75 -6.49 7.03 -9.24
CA ILE A 75 -7.38 6.11 -8.55
C ILE A 75 -8.21 6.86 -7.51
N LEU A 76 -7.59 7.85 -6.87
CA LEU A 76 -8.26 8.64 -5.86
C LEU A 76 -9.18 9.68 -6.49
N SER A 77 -8.80 10.17 -7.66
CA SER A 77 -9.59 11.16 -8.37
C SER A 77 -10.76 10.52 -9.10
N MET A 1 -6.57 10.28 7.35
CA MET A 1 -5.86 9.12 7.98
C MET A 1 -6.10 7.85 7.18
N MET A 2 -5.48 7.75 6.01
CA MET A 2 -5.63 6.56 5.18
C MET A 2 -4.68 5.45 5.63
N LYS A 3 -5.24 4.36 6.13
CA LYS A 3 -4.45 3.23 6.59
C LYS A 3 -3.88 2.44 5.42
N ILE A 4 -2.56 2.39 5.33
CA ILE A 4 -1.90 1.68 4.25
C ILE A 4 -0.91 0.65 4.79
N GLN A 5 -1.18 -0.61 4.46
CA GLN A 5 -0.33 -1.70 4.91
C GLN A 5 0.42 -2.32 3.74
N ILE A 6 1.75 -2.34 3.82
CA ILE A 6 2.57 -2.91 2.76
C ILE A 6 3.12 -4.28 3.15
N TYR A 7 2.62 -5.33 2.49
CA TYR A 7 3.05 -6.68 2.78
C TYR A 7 4.23 -7.09 1.92
N GLY A 8 5.32 -7.47 2.57
CA GLY A 8 6.52 -7.89 1.86
C GLY A 8 7.75 -7.14 2.34
N THR A 9 7.78 -5.84 2.10
CA THR A 9 8.90 -5.00 2.51
C THR A 9 10.18 -5.36 1.76
N GLY A 10 10.77 -6.50 2.11
CA GLY A 10 12.00 -6.93 1.45
C GLY A 10 11.82 -7.17 -0.03
N CYS A 11 11.59 -8.43 -0.39
CA CYS A 11 11.42 -8.81 -1.79
C CYS A 11 10.33 -7.97 -2.46
N ALA A 12 9.42 -7.43 -1.66
CA ALA A 12 8.34 -6.61 -2.18
C ALA A 12 8.79 -5.17 -2.42
N ASN A 13 8.66 -4.72 -3.67
CA ASN A 13 9.05 -3.36 -4.04
C ASN A 13 8.01 -2.33 -3.59
N CYS A 14 7.20 -2.69 -2.59
CA CYS A 14 6.16 -1.78 -2.09
C CYS A 14 6.75 -0.42 -1.71
N GLN A 15 8.05 -0.41 -1.41
CA GLN A 15 8.74 0.81 -1.02
C GLN A 15 8.45 1.95 -2.01
N MET A 16 8.16 1.60 -3.25
CA MET A 16 7.86 2.61 -4.27
C MET A 16 6.57 3.36 -3.93
N LEU A 17 5.46 2.64 -3.88
CA LEU A 17 4.18 3.25 -3.56
C LEU A 17 4.16 3.71 -2.09
N GLU A 18 5.05 3.14 -1.29
CA GLU A 18 5.12 3.50 0.13
C GLU A 18 5.40 5.00 0.28
N LYS A 19 6.42 5.48 -0.42
CA LYS A 19 6.79 6.89 -0.37
C LYS A 19 5.77 7.75 -1.12
N ASN A 20 5.47 7.34 -2.35
CA ASN A 20 4.51 8.07 -3.19
C ASN A 20 3.16 8.19 -2.50
N ALA A 21 2.64 7.07 -2.01
CA ALA A 21 1.35 7.06 -1.32
C ALA A 21 1.33 8.01 -0.14
N ARG A 22 2.42 8.04 0.63
CA ARG A 22 2.52 8.90 1.80
C ARG A 22 2.39 10.37 1.42
N GLU A 23 3.08 10.78 0.35
CA GLU A 23 3.03 12.17 -0.09
C GLU A 23 1.68 12.49 -0.74
N ALA A 24 1.23 11.60 -1.63
CA ALA A 24 -0.04 11.79 -2.32
C ALA A 24 -1.23 11.78 -1.36
N VAL A 25 -1.28 10.78 -0.49
CA VAL A 25 -2.37 10.67 0.48
C VAL A 25 -2.52 11.96 1.29
N LYS A 26 -1.45 12.39 1.93
CA LYS A 26 -1.46 13.62 2.72
C LYS A 26 -1.62 14.84 1.81
N GLU A 27 -0.89 14.86 0.69
CA GLU A 27 -0.95 15.97 -0.24
C GLU A 27 -2.37 16.19 -0.75
N LEU A 28 -3.02 15.10 -1.16
CA LEU A 28 -4.39 15.16 -1.66
C LEU A 28 -5.31 15.85 -0.64
N GLY A 29 -4.88 15.88 0.61
CA GLY A 29 -5.67 16.51 1.66
C GLY A 29 -6.18 15.52 2.68
N ILE A 30 -5.32 14.58 3.06
CA ILE A 30 -5.68 13.57 4.05
C ILE A 30 -4.49 12.71 4.43
N ASP A 31 -4.03 12.86 5.66
CA ASP A 31 -2.90 12.10 6.17
C ASP A 31 -3.21 10.62 6.16
N ALA A 32 -2.18 9.81 6.27
CA ALA A 32 -2.35 8.38 6.27
C ALA A 32 -1.32 7.75 7.19
N GLU A 33 -1.40 6.46 7.38
CA GLU A 33 -0.46 5.77 8.23
C GLU A 33 0.07 4.54 7.52
N PHE A 34 1.32 4.59 7.10
CA PHE A 34 1.91 3.48 6.39
C PHE A 34 2.79 2.63 7.29
N GLU A 35 2.30 1.44 7.58
CA GLU A 35 3.01 0.48 8.41
C GLU A 35 3.28 -0.79 7.62
N LYS A 36 4.52 -1.25 7.66
CA LYS A 36 4.89 -2.46 6.94
C LYS A 36 4.48 -3.70 7.71
N ILE A 37 4.02 -4.72 7.00
CA ILE A 37 3.58 -5.96 7.60
C ILE A 37 4.47 -7.12 7.15
N LYS A 38 5.70 -7.12 7.64
CA LYS A 38 6.66 -8.16 7.28
C LYS A 38 6.34 -9.47 7.99
N GLU A 39 5.31 -10.15 7.50
CA GLU A 39 4.88 -11.43 8.07
C GLU A 39 3.60 -11.92 7.39
N MET A 40 3.66 -13.10 6.77
CA MET A 40 2.48 -13.65 6.09
C MET A 40 1.29 -13.71 7.02
N ASP A 41 1.55 -13.82 8.32
CA ASP A 41 0.47 -13.84 9.30
C ASP A 41 -0.44 -12.65 9.05
N GLN A 42 0.20 -11.53 8.73
CA GLN A 42 -0.50 -10.30 8.43
C GLN A 42 -0.85 -10.24 6.94
N ILE A 43 0.05 -10.76 6.09
CA ILE A 43 -0.16 -10.75 4.65
C ILE A 43 -1.40 -11.56 4.27
N LEU A 44 -1.42 -12.81 4.71
CA LEU A 44 -2.55 -13.69 4.43
C LEU A 44 -3.84 -13.10 4.98
N GLU A 45 -3.72 -12.37 6.09
CA GLU A 45 -4.87 -11.73 6.71
C GLU A 45 -5.50 -10.77 5.71
N ALA A 46 -4.64 -10.08 4.97
CA ALA A 46 -5.08 -9.15 3.94
C ALA A 46 -5.74 -9.91 2.80
N GLY A 47 -5.14 -11.05 2.45
CA GLY A 47 -5.68 -11.87 1.40
C GLY A 47 -5.31 -11.37 0.01
N LEU A 48 -4.19 -10.65 -0.11
CA LEU A 48 -3.76 -10.14 -1.41
C LEU A 48 -3.83 -11.23 -2.49
N THR A 49 -2.75 -12.00 -2.62
CA THR A 49 -2.63 -13.08 -3.61
C THR A 49 -1.19 -13.19 -4.06
N ALA A 50 -0.46 -12.08 -3.95
CA ALA A 50 0.94 -12.02 -4.32
C ALA A 50 1.77 -11.59 -3.12
N LEU A 51 3.03 -11.22 -3.36
CA LEU A 51 3.89 -10.79 -2.28
C LEU A 51 3.69 -9.31 -1.94
N PRO A 52 3.90 -8.40 -2.91
CA PRO A 52 3.73 -6.97 -2.70
C PRO A 52 2.26 -6.57 -2.53
N GLY A 53 1.59 -7.16 -1.55
CA GLY A 53 0.20 -6.83 -1.32
C GLY A 53 0.05 -5.55 -0.52
N LEU A 54 -0.91 -4.72 -0.90
CA LEU A 54 -1.14 -3.46 -0.20
C LEU A 54 -2.62 -3.22 0.02
N ALA A 55 -3.04 -3.30 1.27
CA ALA A 55 -4.44 -3.06 1.60
C ALA A 55 -4.62 -1.64 2.12
N VAL A 56 -5.50 -0.89 1.46
CA VAL A 56 -5.74 0.49 1.86
C VAL A 56 -7.16 0.70 2.34
N ASP A 57 -7.29 1.45 3.42
CA ASP A 57 -8.59 1.74 4.02
C ASP A 57 -9.42 0.45 4.14
N GLY A 58 -8.73 -0.68 4.27
CA GLY A 58 -9.42 -1.95 4.38
C GLY A 58 -9.91 -2.46 3.04
N GLU A 59 -9.16 -2.18 1.99
CA GLU A 59 -9.52 -2.60 0.64
C GLU A 59 -8.28 -2.86 -0.21
N LEU A 60 -7.90 -4.13 -0.30
CA LEU A 60 -6.73 -4.52 -1.09
C LEU A 60 -6.90 -4.15 -2.55
N LYS A 61 -5.86 -3.57 -3.14
CA LYS A 61 -5.91 -3.16 -4.53
C LYS A 61 -4.57 -3.37 -5.25
N ILE A 62 -3.58 -3.91 -4.56
CA ILE A 62 -2.28 -4.14 -5.20
C ILE A 62 -1.70 -5.50 -4.82
N MET A 63 -1.33 -6.27 -5.84
CA MET A 63 -0.76 -7.60 -5.61
C MET A 63 0.29 -7.98 -6.67
N GLY A 64 1.48 -8.37 -6.21
CA GLY A 64 2.52 -8.79 -7.14
C GLY A 64 3.20 -7.62 -7.83
N ARG A 65 2.85 -6.41 -7.44
CA ARG A 65 3.45 -5.22 -8.05
C ARG A 65 2.84 -3.96 -7.46
N VAL A 66 3.61 -3.25 -6.64
CA VAL A 66 3.13 -2.03 -6.02
C VAL A 66 2.73 -1.02 -7.08
N ALA A 67 1.62 -0.32 -6.85
CA ALA A 67 1.12 0.67 -7.79
C ALA A 67 2.10 1.83 -7.95
N SER A 68 1.88 2.67 -8.95
CA SER A 68 2.74 3.81 -9.20
C SER A 68 2.08 5.11 -8.74
N LYS A 69 2.74 6.23 -9.01
CA LYS A 69 2.22 7.54 -8.61
C LYS A 69 0.86 7.81 -9.25
N GLU A 70 0.82 7.76 -10.58
CA GLU A 70 -0.43 8.00 -11.31
C GLU A 70 -1.55 7.10 -10.81
N GLU A 71 -1.20 5.89 -10.39
CA GLU A 71 -2.17 4.94 -9.88
C GLU A 71 -2.82 5.46 -8.59
N ILE A 72 -2.02 6.12 -7.77
CA ILE A 72 -2.52 6.67 -6.51
C ILE A 72 -3.55 7.78 -6.76
N LYS A 73 -3.15 8.77 -7.53
CA LYS A 73 -4.03 9.89 -7.86
C LYS A 73 -5.29 9.40 -8.57
N LYS A 74 -5.14 8.37 -9.38
CA LYS A 74 -6.27 7.80 -10.12
C LYS A 74 -7.19 7.01 -9.19
N ILE A 75 -6.60 6.41 -8.17
CA ILE A 75 -7.36 5.63 -7.21
C ILE A 75 -8.12 6.55 -6.26
N LEU A 76 -7.48 7.66 -5.90
CA LEU A 76 -8.08 8.63 -4.99
C LEU A 76 -9.17 9.43 -5.70
N SER A 77 -8.99 9.65 -7.00
CA SER A 77 -9.97 10.40 -7.79
C SER A 77 -10.13 11.81 -7.24
N MET A 1 -7.12 10.28 6.88
CA MET A 1 -6.35 9.18 7.52
C MET A 1 -6.55 7.86 6.78
N MET A 2 -5.96 7.74 5.60
CA MET A 2 -6.09 6.51 4.82
C MET A 2 -5.20 5.40 5.39
N LYS A 3 -5.82 4.36 5.93
CA LYS A 3 -5.07 3.23 6.49
C LYS A 3 -4.39 2.47 5.36
N ILE A 4 -3.06 2.43 5.41
CA ILE A 4 -2.30 1.75 4.38
C ILE A 4 -1.28 0.77 4.96
N GLN A 5 -1.45 -0.50 4.60
CA GLN A 5 -0.53 -1.55 5.07
C GLN A 5 0.29 -2.09 3.90
N ILE A 6 1.62 -2.04 4.03
CA ILE A 6 2.51 -2.52 2.97
C ILE A 6 3.07 -3.91 3.31
N TYR A 7 2.64 -4.92 2.55
CA TYR A 7 3.09 -6.29 2.78
C TYR A 7 4.28 -6.65 1.89
N GLY A 8 5.45 -6.77 2.51
CA GLY A 8 6.65 -7.10 1.77
C GLY A 8 7.86 -6.34 2.26
N THR A 9 8.01 -5.11 1.79
CA THR A 9 9.14 -4.26 2.18
C THR A 9 10.45 -4.78 1.60
N GLY A 10 10.89 -5.93 2.10
CA GLY A 10 12.13 -6.50 1.62
C GLY A 10 12.04 -7.01 0.19
N CYS A 11 11.71 -8.28 0.05
CA CYS A 11 11.58 -8.89 -1.27
C CYS A 11 10.61 -8.11 -2.15
N ALA A 12 9.65 -7.45 -1.52
CA ALA A 12 8.66 -6.67 -2.25
C ALA A 12 9.11 -5.22 -2.41
N ASN A 13 9.31 -4.80 -3.66
CA ASN A 13 9.75 -3.44 -3.96
C ASN A 13 8.61 -2.42 -3.82
N CYS A 14 7.53 -2.82 -3.16
CA CYS A 14 6.38 -1.93 -2.95
C CYS A 14 6.79 -0.65 -2.24
N GLN A 15 7.93 -0.68 -1.57
CA GLN A 15 8.45 0.46 -0.84
C GLN A 15 8.39 1.74 -1.68
N MET A 16 8.49 1.57 -3.00
CA MET A 16 8.45 2.71 -3.92
C MET A 16 7.10 3.41 -3.84
N LEU A 17 6.03 2.68 -4.17
CA LEU A 17 4.69 3.22 -4.13
C LEU A 17 4.35 3.71 -2.73
N GLU A 18 4.81 2.98 -1.73
CA GLU A 18 4.55 3.35 -0.33
C GLU A 18 5.00 4.78 -0.05
N LYS A 19 6.10 5.19 -0.68
CA LYS A 19 6.63 6.54 -0.49
C LYS A 19 5.75 7.60 -1.15
N ASN A 20 5.46 7.40 -2.44
CA ASN A 20 4.62 8.36 -3.16
C ASN A 20 3.23 8.39 -2.53
N ALA A 21 2.79 7.25 -2.02
CA ALA A 21 1.49 7.15 -1.38
C ALA A 21 1.38 8.11 -0.20
N ARG A 22 2.43 8.16 0.61
CA ARG A 22 2.45 9.04 1.78
C ARG A 22 2.26 10.49 1.38
N GLU A 23 3.06 10.96 0.45
CA GLU A 23 2.96 12.35 0.00
C GLU A 23 1.66 12.60 -0.76
N ALA A 24 1.37 11.75 -1.73
CA ALA A 24 0.15 11.90 -2.53
C ALA A 24 -1.10 11.80 -1.67
N VAL A 25 -1.20 10.76 -0.86
CA VAL A 25 -2.37 10.57 -0.01
C VAL A 25 -2.63 11.82 0.84
N LYS A 26 -1.61 12.23 1.61
CA LYS A 26 -1.73 13.41 2.46
C LYS A 26 -1.87 14.68 1.64
N GLU A 27 -0.97 14.86 0.66
CA GLU A 27 -1.00 16.05 -0.20
C GLU A 27 -2.34 16.19 -0.92
N LEU A 28 -2.87 15.08 -1.40
CA LEU A 28 -4.16 15.08 -2.10
C LEU A 28 -5.23 15.75 -1.25
N GLY A 29 -4.97 15.84 0.06
CA GLY A 29 -5.93 16.47 0.96
C GLY A 29 -6.52 15.47 1.95
N ILE A 30 -5.77 14.42 2.24
CA ILE A 30 -6.22 13.39 3.17
C ILE A 30 -5.04 12.64 3.76
N ASP A 31 -4.80 12.83 5.05
CA ASP A 31 -3.70 12.16 5.74
C ASP A 31 -3.90 10.65 5.67
N ALA A 32 -2.83 9.90 5.87
CA ALA A 32 -2.89 8.46 5.83
C ALA A 32 -1.81 7.88 6.71
N GLU A 33 -2.04 6.68 7.21
CA GLU A 33 -1.07 6.04 8.07
C GLU A 33 -0.52 4.79 7.41
N PHE A 34 0.78 4.82 7.11
CA PHE A 34 1.41 3.69 6.45
C PHE A 34 2.15 2.81 7.45
N GLU A 35 1.59 1.63 7.68
CA GLU A 35 2.18 0.67 8.59
C GLU A 35 2.72 -0.52 7.82
N LYS A 36 4.04 -0.65 7.79
CA LYS A 36 4.67 -1.75 7.08
C LYS A 36 4.69 -3.01 7.93
N ILE A 37 4.39 -4.14 7.30
CA ILE A 37 4.38 -5.42 7.98
C ILE A 37 5.63 -6.22 7.67
N LYS A 38 5.76 -7.39 8.29
CA LYS A 38 6.91 -8.25 8.04
C LYS A 38 6.61 -9.69 8.46
N GLU A 39 5.82 -10.38 7.64
CA GLU A 39 5.43 -11.77 7.88
C GLU A 39 4.16 -12.12 7.13
N MET A 40 4.19 -13.22 6.37
CA MET A 40 3.02 -13.64 5.59
C MET A 40 1.81 -13.83 6.50
N ASP A 41 2.05 -14.20 7.75
CA ASP A 41 0.96 -14.37 8.71
C ASP A 41 0.09 -13.12 8.68
N GLN A 42 0.75 -11.98 8.52
CA GLN A 42 0.08 -10.70 8.44
C GLN A 42 -0.34 -10.41 7.00
N ILE A 43 0.51 -10.83 6.05
CA ILE A 43 0.24 -10.61 4.64
C ILE A 43 -1.06 -11.27 4.20
N LEU A 44 -1.16 -12.56 4.45
CA LEU A 44 -2.35 -13.33 4.09
C LEU A 44 -3.57 -12.79 4.82
N GLU A 45 -3.38 -12.36 6.07
CA GLU A 45 -4.46 -11.81 6.87
C GLU A 45 -5.11 -10.64 6.14
N ALA A 46 -4.34 -10.01 5.27
CA ALA A 46 -4.83 -8.88 4.49
C ALA A 46 -5.82 -9.36 3.44
N GLY A 47 -5.56 -10.56 2.93
CA GLY A 47 -6.43 -11.13 1.92
C GLY A 47 -5.72 -11.41 0.63
N LEU A 48 -4.56 -10.80 0.42
CA LEU A 48 -3.79 -10.99 -0.80
C LEU A 48 -2.95 -12.26 -0.72
N THR A 49 -2.38 -12.66 -1.86
CA THR A 49 -1.54 -13.85 -1.92
C THR A 49 -0.16 -13.51 -2.48
N ALA A 50 -0.13 -12.51 -3.35
CA ALA A 50 1.12 -12.07 -3.95
C ALA A 50 2.02 -11.43 -2.91
N LEU A 51 3.18 -10.94 -3.32
CA LEU A 51 4.11 -10.33 -2.39
C LEU A 51 3.81 -8.84 -2.20
N PRO A 52 3.93 -8.03 -3.26
CA PRO A 52 3.65 -6.59 -3.18
C PRO A 52 2.18 -6.31 -2.91
N GLY A 53 1.70 -6.75 -1.74
CA GLY A 53 0.31 -6.54 -1.39
C GLY A 53 0.14 -5.43 -0.39
N LEU A 54 -0.95 -4.69 -0.50
CA LEU A 54 -1.23 -3.61 0.41
C LEU A 54 -2.72 -3.41 0.56
N ALA A 55 -3.18 -3.35 1.80
CA ALA A 55 -4.60 -3.18 2.08
C ALA A 55 -4.91 -1.75 2.51
N VAL A 56 -5.83 -1.12 1.80
CA VAL A 56 -6.21 0.25 2.12
C VAL A 56 -7.62 0.34 2.65
N ASP A 57 -7.79 1.11 3.70
CA ASP A 57 -9.09 1.28 4.34
C ASP A 57 -9.75 -0.09 4.56
N GLY A 58 -8.91 -1.12 4.70
CA GLY A 58 -9.41 -2.46 4.92
C GLY A 58 -9.92 -3.09 3.63
N GLU A 59 -9.23 -2.83 2.52
CA GLU A 59 -9.62 -3.37 1.24
C GLU A 59 -8.42 -3.48 0.29
N LEU A 60 -7.87 -4.68 0.19
CA LEU A 60 -6.72 -4.94 -0.68
C LEU A 60 -6.90 -4.25 -2.04
N LYS A 61 -5.91 -3.46 -2.43
CA LYS A 61 -5.96 -2.75 -3.70
C LYS A 61 -4.84 -3.17 -4.65
N ILE A 62 -3.80 -3.81 -4.12
CA ILE A 62 -2.69 -4.25 -4.96
C ILE A 62 -2.22 -5.65 -4.59
N MET A 63 -1.88 -6.44 -5.62
CA MET A 63 -1.42 -7.81 -5.43
C MET A 63 -0.38 -8.17 -6.49
N GLY A 64 0.87 -8.41 -6.08
CA GLY A 64 1.89 -8.76 -7.05
C GLY A 64 2.60 -7.55 -7.62
N ARG A 65 2.02 -6.38 -7.41
CA ARG A 65 2.59 -5.13 -7.89
C ARG A 65 1.74 -3.95 -7.46
N VAL A 66 2.29 -3.09 -6.62
CA VAL A 66 1.58 -1.92 -6.14
C VAL A 66 1.03 -1.09 -7.30
N ALA A 67 0.47 0.07 -6.98
CA ALA A 67 -0.09 0.95 -8.00
C ALA A 67 0.89 2.09 -8.31
N SER A 68 0.94 2.48 -9.58
CA SER A 68 1.84 3.55 -10.01
C SER A 68 1.42 4.88 -9.40
N LYS A 69 2.34 5.85 -9.41
CA LYS A 69 2.06 7.17 -8.86
C LYS A 69 0.88 7.82 -9.57
N GLU A 70 0.88 7.78 -10.90
CA GLU A 70 -0.20 8.36 -11.68
C GLU A 70 -1.49 7.58 -11.47
N GLU A 71 -1.35 6.29 -11.19
CA GLU A 71 -2.51 5.43 -10.97
C GLU A 71 -3.13 5.69 -9.61
N ILE A 72 -2.29 5.86 -8.60
CA ILE A 72 -2.77 6.11 -7.24
C ILE A 72 -3.31 7.54 -7.10
N LYS A 73 -2.53 8.51 -7.57
CA LYS A 73 -2.93 9.92 -7.49
C LYS A 73 -4.24 10.16 -8.24
N LYS A 74 -4.39 9.52 -9.40
CA LYS A 74 -5.59 9.68 -10.20
C LYS A 74 -6.78 8.95 -9.58
N ILE A 75 -6.49 7.88 -8.84
CA ILE A 75 -7.52 7.10 -8.19
C ILE A 75 -8.04 7.85 -6.96
N LEU A 76 -7.13 8.54 -6.28
CA LEU A 76 -7.48 9.29 -5.09
C LEU A 76 -8.20 10.59 -5.47
N SER A 77 -7.86 11.13 -6.63
CA SER A 77 -8.47 12.37 -7.11
C SER A 77 -8.15 13.54 -6.17
N MET A 1 -6.41 10.22 7.99
CA MET A 1 -5.57 9.07 8.42
C MET A 1 -5.95 7.80 7.68
N MET A 2 -5.54 7.70 6.42
CA MET A 2 -5.84 6.52 5.63
C MET A 2 -4.99 5.33 6.08
N LYS A 3 -5.65 4.31 6.61
CA LYS A 3 -4.95 3.12 7.07
C LYS A 3 -4.37 2.35 5.88
N ILE A 4 -3.05 2.43 5.72
CA ILE A 4 -2.38 1.77 4.62
C ILE A 4 -1.31 0.79 5.11
N GLN A 5 -1.42 -0.46 4.67
CA GLN A 5 -0.46 -1.50 5.06
C GLN A 5 0.40 -1.91 3.88
N ILE A 6 1.70 -2.11 4.12
CA ILE A 6 2.62 -2.51 3.07
C ILE A 6 3.17 -3.92 3.32
N TYR A 7 2.67 -4.89 2.57
CA TYR A 7 3.11 -6.28 2.73
C TYR A 7 4.25 -6.61 1.77
N GLY A 8 5.44 -6.79 2.34
CA GLY A 8 6.61 -7.11 1.53
C GLY A 8 7.82 -6.28 1.90
N THR A 9 7.62 -4.98 2.10
CA THR A 9 8.70 -4.07 2.46
C THR A 9 9.88 -4.17 1.49
N GLY A 10 10.78 -5.11 1.74
CA GLY A 10 11.94 -5.28 0.88
C GLY A 10 11.72 -6.34 -0.19
N CYS A 11 11.31 -7.53 0.23
CA CYS A 11 11.06 -8.62 -0.70
C CYS A 11 10.12 -8.19 -1.83
N ALA A 12 9.27 -7.21 -1.54
CA ALA A 12 8.32 -6.72 -2.52
C ALA A 12 8.67 -5.30 -2.96
N ASN A 13 8.37 -4.99 -4.22
CA ASN A 13 8.66 -3.66 -4.78
C ASN A 13 7.64 -2.62 -4.30
N CYS A 14 6.89 -2.94 -3.25
CA CYS A 14 5.89 -2.02 -2.72
C CYS A 14 6.51 -0.68 -2.31
N GLN A 15 7.83 -0.68 -2.10
CA GLN A 15 8.55 0.52 -1.70
C GLN A 15 8.19 1.71 -2.59
N MET A 16 7.88 1.43 -3.85
CA MET A 16 7.52 2.48 -4.81
C MET A 16 6.24 3.17 -4.36
N LEU A 17 5.15 2.42 -4.29
CA LEU A 17 3.86 2.96 -3.87
C LEU A 17 3.93 3.43 -2.42
N GLU A 18 4.92 2.92 -1.69
CA GLU A 18 5.08 3.30 -0.27
C GLU A 18 5.29 4.81 -0.14
N LYS A 19 6.28 5.33 -0.86
CA LYS A 19 6.58 6.76 -0.82
C LYS A 19 5.50 7.57 -1.54
N ASN A 20 5.03 7.06 -2.67
CA ASN A 20 4.01 7.74 -3.45
C ASN A 20 2.69 7.85 -2.68
N ALA A 21 2.33 6.77 -2.00
CA ALA A 21 1.09 6.73 -1.23
C ALA A 21 1.09 7.76 -0.11
N ARG A 22 2.20 7.84 0.64
CA ARG A 22 2.30 8.79 1.74
C ARG A 22 2.09 10.23 1.27
N GLU A 23 2.67 10.57 0.13
CA GLU A 23 2.54 11.91 -0.41
C GLU A 23 1.15 12.13 -1.00
N ALA A 24 0.68 11.21 -1.84
CA ALA A 24 -0.62 11.32 -2.46
C ALA A 24 -1.75 11.29 -1.44
N VAL A 25 -1.73 10.30 -0.56
CA VAL A 25 -2.75 10.17 0.46
C VAL A 25 -2.89 11.48 1.25
N LYS A 26 -1.77 11.97 1.78
CA LYS A 26 -1.76 13.23 2.52
C LYS A 26 -2.04 14.41 1.59
N GLU A 27 -1.44 14.39 0.41
CA GLU A 27 -1.62 15.47 -0.57
C GLU A 27 -3.09 15.59 -1.00
N LEU A 28 -3.73 14.45 -1.26
CA LEU A 28 -5.12 14.44 -1.68
C LEU A 28 -5.99 15.25 -0.72
N GLY A 29 -5.48 15.47 0.49
CA GLY A 29 -6.21 16.22 1.50
C GLY A 29 -6.61 15.38 2.69
N ILE A 30 -5.67 14.58 3.19
CA ILE A 30 -5.92 13.73 4.34
C ILE A 30 -4.72 12.85 4.64
N ASP A 31 -4.19 12.98 5.84
CA ASP A 31 -3.04 12.21 6.29
C ASP A 31 -3.38 10.72 6.31
N ALA A 32 -2.33 9.90 6.37
CA ALA A 32 -2.50 8.47 6.40
C ALA A 32 -1.35 7.84 7.15
N GLU A 33 -1.58 6.69 7.75
CA GLU A 33 -0.54 6.02 8.50
C GLU A 33 -0.14 4.73 7.80
N PHE A 34 1.12 4.65 7.39
CA PHE A 34 1.60 3.46 6.71
C PHE A 34 2.41 2.58 7.63
N GLU A 35 1.84 1.43 7.96
CA GLU A 35 2.49 0.46 8.82
C GLU A 35 2.98 -0.72 8.00
N LYS A 36 4.29 -0.89 7.95
CA LYS A 36 4.89 -1.97 7.19
C LYS A 36 4.87 -3.27 7.99
N ILE A 37 4.56 -4.37 7.30
CA ILE A 37 4.50 -5.68 7.93
C ILE A 37 5.72 -6.50 7.56
N LYS A 38 5.83 -7.70 8.14
CA LYS A 38 6.95 -8.58 7.84
C LYS A 38 6.61 -10.02 8.23
N GLU A 39 5.79 -10.66 7.40
CA GLU A 39 5.36 -12.05 7.62
C GLU A 39 4.05 -12.32 6.88
N MET A 40 4.02 -13.39 6.08
CA MET A 40 2.82 -13.74 5.33
C MET A 40 1.62 -13.89 6.26
N ASP A 41 1.88 -14.27 7.51
CA ASP A 41 0.81 -14.41 8.48
C ASP A 41 -0.03 -13.14 8.48
N GLN A 42 0.66 -12.01 8.34
CA GLN A 42 0.02 -10.72 8.29
C GLN A 42 -0.39 -10.40 6.85
N ILE A 43 0.45 -10.81 5.90
CA ILE A 43 0.19 -10.56 4.48
C ILE A 43 -1.13 -11.19 4.03
N LEU A 44 -1.25 -12.49 4.26
CA LEU A 44 -2.46 -13.21 3.87
C LEU A 44 -3.67 -12.67 4.62
N GLU A 45 -3.46 -12.25 5.86
CA GLU A 45 -4.54 -11.69 6.67
C GLU A 45 -5.11 -10.44 5.99
N ALA A 46 -4.30 -9.84 5.12
CA ALA A 46 -4.71 -8.66 4.39
C ALA A 46 -5.73 -9.04 3.34
N GLY A 47 -5.56 -10.23 2.77
CA GLY A 47 -6.48 -10.71 1.77
C GLY A 47 -5.79 -11.08 0.47
N LEU A 48 -4.59 -10.56 0.26
CA LEU A 48 -3.84 -10.86 -0.96
C LEU A 48 -3.09 -12.18 -0.83
N THR A 49 -2.43 -12.58 -1.91
CA THR A 49 -1.66 -13.83 -1.92
C THR A 49 -0.24 -13.57 -2.37
N ALA A 50 -0.10 -12.63 -3.30
CA ALA A 50 1.20 -12.24 -3.81
C ALA A 50 2.01 -11.57 -2.72
N LEU A 51 3.18 -11.03 -3.07
CA LEU A 51 4.01 -10.37 -2.08
C LEU A 51 3.73 -8.87 -2.03
N PRO A 52 3.98 -8.13 -3.12
CA PRO A 52 3.74 -6.68 -3.16
C PRO A 52 2.26 -6.33 -2.94
N GLY A 53 1.75 -6.65 -1.75
CA GLY A 53 0.37 -6.34 -1.45
C GLY A 53 0.24 -5.15 -0.53
N LEU A 54 -0.83 -4.38 -0.70
CA LEU A 54 -1.05 -3.20 0.11
C LEU A 54 -2.53 -3.00 0.40
N ALA A 55 -2.90 -3.05 1.68
CA ALA A 55 -4.29 -2.88 2.08
C ALA A 55 -4.56 -1.46 2.57
N VAL A 56 -5.50 -0.79 1.92
CA VAL A 56 -5.85 0.57 2.27
C VAL A 56 -7.27 0.67 2.78
N ASP A 57 -7.46 1.42 3.86
CA ASP A 57 -8.77 1.61 4.45
C ASP A 57 -9.50 0.26 4.61
N GLY A 58 -8.73 -0.81 4.75
CA GLY A 58 -9.31 -2.13 4.89
C GLY A 58 -9.83 -2.68 3.58
N GLU A 59 -9.19 -2.28 2.47
CA GLU A 59 -9.59 -2.72 1.15
C GLU A 59 -8.38 -2.94 0.25
N LEU A 60 -8.03 -4.20 0.06
CA LEU A 60 -6.88 -4.56 -0.78
C LEU A 60 -7.01 -3.93 -2.17
N LYS A 61 -5.96 -3.23 -2.60
CA LYS A 61 -5.96 -2.58 -3.91
C LYS A 61 -4.68 -2.91 -4.70
N ILE A 62 -3.72 -3.54 -4.04
CA ILE A 62 -2.46 -3.90 -4.69
C ILE A 62 -2.08 -5.34 -4.35
N MET A 63 -1.80 -6.14 -5.38
CA MET A 63 -1.44 -7.54 -5.18
C MET A 63 -0.45 -8.03 -6.23
N GLY A 64 0.76 -8.41 -5.81
CA GLY A 64 1.75 -8.90 -6.74
C GLY A 64 2.30 -7.83 -7.67
N ARG A 65 1.88 -6.59 -7.47
CA ARG A 65 2.34 -5.48 -8.30
C ARG A 65 1.88 -4.16 -7.72
N VAL A 66 2.76 -3.51 -6.96
CA VAL A 66 2.42 -2.24 -6.35
C VAL A 66 2.29 -1.14 -7.41
N ALA A 67 1.17 -0.41 -7.36
CA ALA A 67 0.93 0.66 -8.32
C ALA A 67 1.96 1.77 -8.21
N SER A 68 2.01 2.65 -9.21
CA SER A 68 2.95 3.75 -9.22
C SER A 68 2.29 5.04 -8.73
N LYS A 69 3.08 6.08 -8.56
CA LYS A 69 2.58 7.38 -8.10
C LYS A 69 1.49 7.90 -9.03
N GLU A 70 1.74 7.85 -10.33
CA GLU A 70 0.78 8.32 -11.32
C GLU A 70 -0.52 7.53 -11.22
N GLU A 71 -0.41 6.24 -10.93
CA GLU A 71 -1.58 5.38 -10.81
C GLU A 71 -2.48 5.82 -9.66
N ILE A 72 -1.86 6.26 -8.56
CA ILE A 72 -2.61 6.72 -7.39
C ILE A 72 -3.47 7.93 -7.73
N LYS A 73 -2.85 8.97 -8.27
CA LYS A 73 -3.57 10.19 -8.63
C LYS A 73 -4.77 9.87 -9.53
N LYS A 74 -4.61 8.87 -10.38
CA LYS A 74 -5.68 8.47 -11.29
C LYS A 74 -6.80 7.73 -10.56
N ILE A 75 -6.41 6.86 -9.63
CA ILE A 75 -7.37 6.08 -8.86
C ILE A 75 -8.01 6.94 -7.78
N LEU A 76 -7.30 7.99 -7.37
CA LEU A 76 -7.79 8.89 -6.34
C LEU A 76 -8.48 10.12 -6.95
N SER A 77 -8.07 10.47 -8.16
CA SER A 77 -8.64 11.62 -8.85
C SER A 77 -8.32 12.92 -8.11
N MET A 1 -7.02 10.43 7.28
CA MET A 1 -6.23 9.30 7.85
C MET A 1 -6.46 8.01 7.07
N MET A 2 -5.88 7.93 5.87
CA MET A 2 -6.05 6.72 5.05
C MET A 2 -5.12 5.61 5.52
N LYS A 3 -5.70 4.55 6.06
CA LYS A 3 -4.92 3.42 6.56
C LYS A 3 -4.30 2.65 5.39
N ILE A 4 -2.97 2.67 5.33
CA ILE A 4 -2.24 1.99 4.26
C ILE A 4 -1.25 0.97 4.81
N GLN A 5 -1.44 -0.28 4.42
CA GLN A 5 -0.56 -1.36 4.85
C GLN A 5 0.27 -1.87 3.67
N ILE A 6 1.59 -1.94 3.85
CA ILE A 6 2.46 -2.41 2.78
C ILE A 6 3.12 -3.73 3.14
N TYR A 7 2.70 -4.81 2.48
CA TYR A 7 3.26 -6.12 2.73
C TYR A 7 4.40 -6.42 1.77
N GLY A 8 5.59 -6.63 2.33
CA GLY A 8 6.75 -6.92 1.51
C GLY A 8 7.96 -7.27 2.33
N THR A 9 8.70 -6.26 2.77
CA THR A 9 9.91 -6.47 3.56
C THR A 9 10.89 -7.38 2.82
N GLY A 10 11.60 -6.80 1.86
CA GLY A 10 12.55 -7.57 1.09
C GLY A 10 11.97 -8.05 -0.22
N CYS A 11 12.55 -7.60 -1.33
CA CYS A 11 12.09 -7.98 -2.67
C CYS A 11 10.85 -7.17 -3.06
N ALA A 12 9.80 -7.25 -2.23
CA ALA A 12 8.57 -6.52 -2.50
C ALA A 12 8.84 -5.03 -2.69
N ASN A 13 8.44 -4.51 -3.85
CA ASN A 13 8.64 -3.10 -4.17
C ASN A 13 7.63 -2.19 -3.45
N CYS A 14 7.04 -2.68 -2.37
CA CYS A 14 6.05 -1.90 -1.61
C CYS A 14 6.60 -0.53 -1.25
N GLN A 15 7.92 -0.44 -1.15
CA GLN A 15 8.60 0.80 -0.80
C GLN A 15 8.33 1.90 -1.83
N MET A 16 8.15 1.50 -3.09
CA MET A 16 7.90 2.46 -4.16
C MET A 16 6.59 3.21 -3.95
N LEU A 17 5.49 2.46 -3.95
CA LEU A 17 4.18 3.07 -3.75
C LEU A 17 4.03 3.59 -2.32
N GLU A 18 4.85 3.06 -1.42
CA GLU A 18 4.82 3.50 -0.01
C GLU A 18 5.07 4.99 0.08
N LYS A 19 6.11 5.46 -0.60
CA LYS A 19 6.45 6.88 -0.59
C LYS A 19 5.43 7.68 -1.40
N ASN A 20 5.10 7.20 -2.58
CA ASN A 20 4.13 7.87 -3.45
C ASN A 20 2.77 8.01 -2.77
N ALA A 21 2.40 7.00 -1.98
CA ALA A 21 1.12 7.00 -1.28
C ALA A 21 1.07 8.09 -0.20
N ARG A 22 2.08 8.14 0.66
CA ARG A 22 2.12 9.13 1.73
C ARG A 22 2.00 10.55 1.19
N GLU A 23 2.61 10.80 0.05
CA GLU A 23 2.56 12.13 -0.56
C GLU A 23 1.19 12.41 -1.17
N ALA A 24 0.69 11.46 -1.95
CA ALA A 24 -0.61 11.61 -2.61
C ALA A 24 -1.74 11.69 -1.60
N VAL A 25 -1.79 10.74 -0.67
CA VAL A 25 -2.83 10.72 0.35
C VAL A 25 -2.90 12.06 1.08
N LYS A 26 -1.77 12.48 1.65
CA LYS A 26 -1.70 13.75 2.37
C LYS A 26 -1.88 14.94 1.42
N GLU A 27 -1.14 14.94 0.31
CA GLU A 27 -1.24 16.02 -0.67
C GLU A 27 -2.67 16.17 -1.17
N LEU A 28 -3.32 15.05 -1.45
CA LEU A 28 -4.70 15.06 -1.92
C LEU A 28 -5.59 15.85 -0.96
N GLY A 29 -5.13 16.01 0.28
CA GLY A 29 -5.88 16.74 1.27
C GLY A 29 -6.39 15.87 2.39
N ILE A 30 -5.52 14.99 2.88
CA ILE A 30 -5.89 14.09 3.98
C ILE A 30 -4.72 13.19 4.37
N ASP A 31 -4.38 13.24 5.65
CA ASP A 31 -3.30 12.42 6.19
C ASP A 31 -3.68 10.96 6.17
N ALA A 32 -2.69 10.09 6.36
CA ALA A 32 -2.90 8.66 6.36
C ALA A 32 -1.95 8.01 7.33
N GLU A 33 -2.05 6.71 7.47
CA GLU A 33 -1.17 6.00 8.38
C GLU A 33 -0.55 4.81 7.66
N PHE A 34 0.73 4.93 7.34
CA PHE A 34 1.43 3.87 6.63
C PHE A 34 2.26 3.02 7.57
N GLU A 35 1.78 1.79 7.77
CA GLU A 35 2.46 0.84 8.62
C GLU A 35 2.86 -0.39 7.81
N LYS A 36 4.08 -0.87 8.01
CA LYS A 36 4.56 -2.03 7.27
C LYS A 36 4.21 -3.32 7.99
N ILE A 37 4.09 -4.39 7.23
CA ILE A 37 3.74 -5.70 7.76
C ILE A 37 4.78 -6.75 7.33
N LYS A 38 5.87 -6.82 8.07
CA LYS A 38 6.94 -7.76 7.75
C LYS A 38 6.65 -9.16 8.30
N GLU A 39 5.74 -9.85 7.62
CA GLU A 39 5.36 -11.22 8.01
C GLU A 39 4.18 -11.71 7.19
N MET A 40 4.38 -12.79 6.41
CA MET A 40 3.31 -13.34 5.57
C MET A 40 2.06 -13.61 6.39
N ASP A 41 2.24 -14.03 7.64
CA ASP A 41 1.11 -14.29 8.52
C ASP A 41 0.19 -13.07 8.50
N GLN A 42 0.82 -11.90 8.42
CA GLN A 42 0.10 -10.64 8.36
C GLN A 42 -0.25 -10.32 6.90
N ILE A 43 0.65 -10.68 5.99
CA ILE A 43 0.44 -10.42 4.57
C ILE A 43 -0.83 -11.11 4.06
N LEU A 44 -0.88 -12.42 4.25
CA LEU A 44 -2.04 -13.20 3.81
C LEU A 44 -3.30 -12.79 4.55
N GLU A 45 -3.16 -12.42 5.81
CA GLU A 45 -4.30 -11.99 6.61
C GLU A 45 -4.95 -10.77 5.98
N ALA A 46 -4.19 -10.07 5.15
CA ALA A 46 -4.69 -8.89 4.46
C ALA A 46 -5.66 -9.32 3.37
N GLY A 47 -5.34 -10.42 2.70
CA GLY A 47 -6.20 -10.92 1.65
C GLY A 47 -5.49 -11.08 0.32
N LEU A 48 -4.30 -10.50 0.18
CA LEU A 48 -3.56 -10.61 -1.07
C LEU A 48 -2.95 -12.00 -1.23
N THR A 49 -2.66 -12.37 -2.47
CA THR A 49 -2.07 -13.68 -2.76
C THR A 49 -0.60 -13.54 -3.16
N ALA A 50 -0.17 -12.31 -3.36
CA ALA A 50 1.21 -12.02 -3.73
C ALA A 50 1.98 -11.50 -2.53
N LEU A 51 3.23 -11.11 -2.74
CA LEU A 51 4.05 -10.60 -1.65
C LEU A 51 3.90 -9.09 -1.49
N PRO A 52 4.13 -8.32 -2.56
CA PRO A 52 4.01 -6.86 -2.52
C PRO A 52 2.55 -6.39 -2.39
N GLY A 53 1.85 -6.92 -1.39
CA GLY A 53 0.47 -6.54 -1.18
C GLY A 53 0.35 -5.13 -0.64
N LEU A 54 -0.81 -4.52 -0.85
CA LEU A 54 -1.05 -3.17 -0.37
C LEU A 54 -2.54 -2.93 -0.16
N ALA A 55 -2.97 -2.99 1.09
CA ALA A 55 -4.38 -2.78 1.41
C ALA A 55 -4.61 -1.37 1.93
N VAL A 56 -5.54 -0.65 1.30
CA VAL A 56 -5.84 0.72 1.70
C VAL A 56 -7.28 0.86 2.18
N ASP A 57 -7.46 1.66 3.21
CA ASP A 57 -8.79 1.88 3.79
C ASP A 57 -9.56 0.57 3.93
N GLY A 58 -8.83 -0.54 4.09
CA GLY A 58 -9.46 -1.83 4.23
C GLY A 58 -9.91 -2.40 2.90
N GLU A 59 -9.13 -2.14 1.85
CA GLU A 59 -9.45 -2.64 0.51
C GLU A 59 -8.18 -2.96 -0.26
N LEU A 60 -7.82 -4.24 -0.31
CA LEU A 60 -6.62 -4.67 -1.03
C LEU A 60 -6.82 -4.53 -2.53
N LYS A 61 -5.83 -3.92 -3.20
CA LYS A 61 -5.90 -3.72 -4.65
C LYS A 61 -4.52 -3.81 -5.29
N ILE A 62 -3.52 -4.26 -4.53
CA ILE A 62 -2.16 -4.40 -5.03
C ILE A 62 -1.58 -5.75 -4.67
N MET A 63 -1.13 -6.50 -5.68
CA MET A 63 -0.57 -7.82 -5.44
C MET A 63 0.55 -8.17 -6.42
N GLY A 64 1.73 -8.49 -5.90
CA GLY A 64 2.84 -8.87 -6.77
C GLY A 64 3.42 -7.72 -7.57
N ARG A 65 2.95 -6.51 -7.29
CA ARG A 65 3.44 -5.33 -7.99
C ARG A 65 2.81 -4.07 -7.42
N VAL A 66 3.57 -3.37 -6.59
CA VAL A 66 3.09 -2.16 -5.96
C VAL A 66 2.64 -1.14 -7.01
N ALA A 67 1.56 -0.43 -6.73
CA ALA A 67 1.02 0.56 -7.66
C ALA A 67 2.02 1.70 -7.87
N SER A 68 1.70 2.56 -8.83
CA SER A 68 2.57 3.70 -9.15
C SER A 68 1.94 5.01 -8.69
N LYS A 69 2.76 6.03 -8.50
CA LYS A 69 2.28 7.34 -8.06
C LYS A 69 1.20 7.86 -8.99
N GLU A 70 1.40 7.68 -10.29
CA GLU A 70 0.44 8.14 -11.29
C GLU A 70 -0.92 7.49 -11.09
N GLU A 71 -0.90 6.19 -10.78
CA GLU A 71 -2.13 5.45 -10.55
C GLU A 71 -2.88 5.98 -9.33
N ILE A 72 -2.13 6.36 -8.30
CA ILE A 72 -2.72 6.88 -7.07
C ILE A 72 -3.54 8.13 -7.36
N LYS A 73 -2.91 9.12 -7.98
CA LYS A 73 -3.59 10.37 -8.31
C LYS A 73 -4.82 10.11 -9.17
N LYS A 74 -4.75 9.09 -10.01
CA LYS A 74 -5.87 8.74 -10.89
C LYS A 74 -7.04 8.20 -10.09
N ILE A 75 -6.75 7.39 -9.08
CA ILE A 75 -7.78 6.81 -8.23
C ILE A 75 -8.31 7.86 -7.26
N LEU A 76 -7.41 8.69 -6.76
CA LEU A 76 -7.78 9.74 -5.81
C LEU A 76 -8.04 11.06 -6.52
N SER A 77 -8.12 11.02 -7.84
CA SER A 77 -8.38 12.23 -8.63
C SER A 77 -7.44 13.36 -8.22
N MET A 1 -7.09 10.32 7.29
CA MET A 1 -6.33 9.18 7.86
C MET A 1 -6.54 7.91 7.04
N MET A 2 -5.91 7.82 5.87
CA MET A 2 -6.06 6.63 5.03
C MET A 2 -5.13 5.52 5.50
N LYS A 3 -5.72 4.44 6.02
CA LYS A 3 -4.93 3.31 6.51
C LYS A 3 -4.26 2.58 5.35
N ILE A 4 -2.93 2.63 5.33
CA ILE A 4 -2.16 1.99 4.27
C ILE A 4 -1.19 0.94 4.83
N GLN A 5 -1.36 -0.28 4.35
CA GLN A 5 -0.51 -1.40 4.78
C GLN A 5 0.40 -1.83 3.65
N ILE A 6 1.68 -2.05 3.96
CA ILE A 6 2.66 -2.48 2.97
C ILE A 6 3.26 -3.83 3.36
N TYR A 7 2.98 -4.86 2.56
CA TYR A 7 3.48 -6.19 2.86
C TYR A 7 4.65 -6.58 1.97
N GLY A 8 5.80 -6.79 2.60
CA GLY A 8 6.99 -7.17 1.87
C GLY A 8 8.23 -6.45 2.35
N THR A 9 8.39 -5.19 1.93
CA THR A 9 9.53 -4.39 2.32
C THR A 9 10.82 -4.90 1.68
N GLY A 10 11.23 -6.10 2.07
CA GLY A 10 12.44 -6.68 1.53
C GLY A 10 12.39 -6.84 0.02
N CYS A 11 12.03 -8.03 -0.44
CA CYS A 11 11.95 -8.30 -1.87
C CYS A 11 10.88 -7.44 -2.53
N ALA A 12 9.70 -7.38 -1.92
CA ALA A 12 8.60 -6.59 -2.44
C ALA A 12 9.02 -5.14 -2.70
N ASN A 13 8.94 -4.72 -3.97
CA ASN A 13 9.31 -3.36 -4.35
C ASN A 13 8.23 -2.34 -3.95
N CYS A 14 7.31 -2.74 -3.09
CA CYS A 14 6.24 -1.85 -2.65
C CYS A 14 6.79 -0.58 -2.01
N GLN A 15 8.05 -0.62 -1.59
CA GLN A 15 8.70 0.52 -0.96
C GLN A 15 8.55 1.78 -1.82
N MET A 16 8.58 1.60 -3.14
CA MET A 16 8.43 2.72 -4.07
C MET A 16 7.07 3.37 -3.92
N LEU A 17 6.02 2.60 -4.20
CA LEU A 17 4.66 3.10 -4.10
C LEU A 17 4.35 3.55 -2.68
N GLU A 18 5.00 2.91 -1.71
CA GLU A 18 4.79 3.26 -0.30
C GLU A 18 5.04 4.75 -0.08
N LYS A 19 6.16 5.23 -0.61
CA LYS A 19 6.51 6.64 -0.48
C LYS A 19 5.50 7.51 -1.22
N ASN A 20 5.07 7.04 -2.38
CA ASN A 20 4.10 7.78 -3.19
C ASN A 20 2.79 7.97 -2.42
N ALA A 21 2.26 6.88 -1.88
CA ALA A 21 1.02 6.93 -1.13
C ALA A 21 1.09 7.96 0.00
N ARG A 22 2.26 8.07 0.63
CA ARG A 22 2.46 9.00 1.72
C ARG A 22 2.22 10.44 1.27
N GLU A 23 2.85 10.82 0.16
CA GLU A 23 2.70 12.17 -0.36
C GLU A 23 1.33 12.36 -0.98
N ALA A 24 0.90 11.42 -1.81
CA ALA A 24 -0.40 11.50 -2.47
C ALA A 24 -1.54 11.52 -1.46
N VAL A 25 -1.55 10.56 -0.54
CA VAL A 25 -2.60 10.49 0.46
C VAL A 25 -2.74 11.82 1.21
N LYS A 26 -1.65 12.29 1.78
CA LYS A 26 -1.64 13.56 2.51
C LYS A 26 -1.85 14.74 1.57
N GLU A 27 -1.08 14.77 0.47
CA GLU A 27 -1.18 15.87 -0.51
C GLU A 27 -2.61 16.05 -0.99
N LEU A 28 -3.25 14.94 -1.37
CA LEU A 28 -4.63 15.00 -1.85
C LEU A 28 -5.51 15.77 -0.86
N GLY A 29 -5.07 15.84 0.38
CA GLY A 29 -5.82 16.55 1.39
C GLY A 29 -6.36 15.64 2.48
N ILE A 30 -5.61 14.59 2.80
CA ILE A 30 -6.02 13.64 3.82
C ILE A 30 -4.85 12.82 4.34
N ASP A 31 -4.48 13.03 5.59
CA ASP A 31 -3.39 12.28 6.21
C ASP A 31 -3.73 10.80 6.22
N ALA A 32 -2.74 9.97 6.45
CA ALA A 32 -2.95 8.54 6.48
C ALA A 32 -1.96 7.89 7.41
N GLU A 33 -2.05 6.58 7.56
CA GLU A 33 -1.15 5.86 8.42
C GLU A 33 -0.54 4.69 7.68
N PHE A 34 0.76 4.73 7.46
CA PHE A 34 1.45 3.68 6.74
C PHE A 34 2.19 2.75 7.69
N GLU A 35 1.68 1.55 7.81
CA GLU A 35 2.29 0.55 8.69
C GLU A 35 2.80 -0.64 7.88
N LYS A 36 4.11 -0.84 7.91
CA LYS A 36 4.73 -1.95 7.19
C LYS A 36 4.81 -3.17 8.10
N ILE A 37 4.55 -4.34 7.53
CA ILE A 37 4.58 -5.58 8.31
C ILE A 37 5.75 -6.46 7.86
N LYS A 38 5.91 -7.61 8.50
CA LYS A 38 6.98 -8.52 8.14
C LYS A 38 6.65 -9.94 8.58
N GLU A 39 5.74 -10.56 7.83
CA GLU A 39 5.29 -11.93 8.10
C GLU A 39 3.96 -12.19 7.41
N MET A 40 3.88 -13.28 6.64
CA MET A 40 2.64 -13.62 5.93
C MET A 40 1.45 -13.63 6.88
N ASP A 41 1.71 -13.91 8.16
CA ASP A 41 0.64 -13.93 9.15
C ASP A 41 -0.12 -12.62 9.06
N GLN A 42 0.63 -11.54 8.84
CA GLN A 42 0.06 -10.21 8.69
C GLN A 42 -0.34 -9.97 7.23
N ILE A 43 0.49 -10.48 6.31
CA ILE A 43 0.24 -10.32 4.88
C ILE A 43 -1.11 -10.93 4.50
N LEU A 44 -1.27 -12.20 4.82
CA LEU A 44 -2.50 -12.93 4.53
C LEU A 44 -3.69 -12.28 5.24
N GLU A 45 -3.48 -11.87 6.48
CA GLU A 45 -4.53 -11.23 7.26
C GLU A 45 -5.13 -10.05 6.49
N ALA A 46 -4.32 -9.48 5.60
CA ALA A 46 -4.75 -8.37 4.78
C ALA A 46 -5.76 -8.84 3.76
N GLY A 47 -5.54 -10.06 3.26
CA GLY A 47 -6.44 -10.62 2.28
C GLY A 47 -5.78 -10.87 0.94
N LEU A 48 -4.59 -10.28 0.74
CA LEU A 48 -3.88 -10.45 -0.52
C LEU A 48 -3.18 -11.82 -0.58
N THR A 49 -2.80 -12.24 -1.78
CA THR A 49 -2.14 -13.52 -1.97
C THR A 49 -0.71 -13.36 -2.47
N ALA A 50 -0.41 -12.18 -3.01
CA ALA A 50 0.91 -11.88 -3.52
C ALA A 50 1.81 -11.35 -2.42
N LEU A 51 3.08 -11.12 -2.73
CA LEU A 51 4.02 -10.62 -1.74
C LEU A 51 3.89 -9.11 -1.52
N PRO A 52 4.16 -8.30 -2.55
CA PRO A 52 4.04 -6.84 -2.44
C PRO A 52 2.60 -6.39 -2.33
N GLY A 53 1.91 -6.87 -1.31
CA GLY A 53 0.52 -6.50 -1.11
C GLY A 53 0.36 -5.13 -0.49
N LEU A 54 -0.71 -4.44 -0.85
CA LEU A 54 -0.97 -3.11 -0.32
C LEU A 54 -2.46 -2.94 -0.03
N ALA A 55 -2.83 -3.00 1.24
CA ALA A 55 -4.23 -2.85 1.62
C ALA A 55 -4.52 -1.42 2.08
N VAL A 56 -5.51 -0.79 1.44
CA VAL A 56 -5.87 0.58 1.77
C VAL A 56 -7.32 0.70 2.22
N ASP A 57 -7.54 1.51 3.24
CA ASP A 57 -8.87 1.75 3.79
C ASP A 57 -9.67 0.45 3.92
N GLY A 58 -8.95 -0.67 4.10
CA GLY A 58 -9.61 -1.95 4.24
C GLY A 58 -10.03 -2.54 2.90
N GLU A 59 -9.26 -2.26 1.87
CA GLU A 59 -9.54 -2.76 0.53
C GLU A 59 -8.25 -2.99 -0.24
N LEU A 60 -7.81 -4.25 -0.27
CA LEU A 60 -6.58 -4.61 -0.97
C LEU A 60 -6.75 -4.50 -2.47
N LYS A 61 -5.79 -3.88 -3.13
CA LYS A 61 -5.84 -3.70 -4.58
C LYS A 61 -4.47 -3.89 -5.23
N ILE A 62 -3.48 -4.30 -4.43
CA ILE A 62 -2.13 -4.49 -4.95
C ILE A 62 -1.61 -5.88 -4.59
N MET A 63 -1.17 -6.63 -5.60
CA MET A 63 -0.65 -7.97 -5.39
C MET A 63 0.47 -8.32 -6.37
N GLY A 64 1.68 -8.53 -5.86
CA GLY A 64 2.79 -8.88 -6.72
C GLY A 64 3.54 -7.67 -7.25
N ARG A 65 2.95 -6.51 -7.08
CA ARG A 65 3.55 -5.26 -7.54
C ARG A 65 2.64 -4.09 -7.21
N VAL A 66 3.10 -3.21 -6.34
CA VAL A 66 2.30 -2.05 -5.94
C VAL A 66 1.82 -1.27 -7.16
N ALA A 67 1.08 -0.19 -6.92
CA ALA A 67 0.56 0.64 -7.99
C ALA A 67 1.52 1.78 -8.32
N SER A 68 1.16 2.57 -9.33
CA SER A 68 2.00 3.70 -9.75
C SER A 68 1.46 5.00 -9.18
N LYS A 69 2.33 6.01 -9.10
CA LYS A 69 1.93 7.32 -8.57
C LYS A 69 0.70 7.85 -9.28
N GLU A 70 0.62 7.64 -10.58
CA GLU A 70 -0.51 8.10 -11.37
C GLU A 70 -1.78 7.35 -11.00
N GLU A 71 -1.64 6.06 -10.75
CA GLU A 71 -2.79 5.22 -10.38
C GLU A 71 -3.42 5.71 -9.08
N ILE A 72 -2.59 6.25 -8.18
CA ILE A 72 -3.08 6.75 -6.91
C ILE A 72 -3.89 8.02 -7.09
N LYS A 73 -3.30 9.00 -7.77
CA LYS A 73 -3.99 10.26 -8.02
C LYS A 73 -5.28 10.05 -8.79
N LYS A 74 -5.27 9.06 -9.68
CA LYS A 74 -6.45 8.75 -10.49
C LYS A 74 -7.52 8.07 -9.65
N ILE A 75 -7.08 7.29 -8.67
CA ILE A 75 -8.01 6.59 -7.79
C ILE A 75 -8.60 7.56 -6.76
N LEU A 76 -7.77 8.51 -6.31
CA LEU A 76 -8.21 9.49 -5.35
C LEU A 76 -9.15 10.51 -5.99
N SER A 77 -8.94 10.77 -7.27
CA SER A 77 -9.77 11.72 -8.01
C SER A 77 -11.15 11.15 -8.26
N MET A 1 -7.21 9.71 7.17
CA MET A 1 -6.32 8.67 7.76
C MET A 1 -6.45 7.35 7.00
N MET A 2 -5.79 7.26 5.84
CA MET A 2 -5.86 6.02 5.05
C MET A 2 -4.84 5.00 5.55
N LYS A 3 -5.33 3.91 6.15
CA LYS A 3 -4.47 2.86 6.66
C LYS A 3 -3.85 2.07 5.52
N ILE A 4 -2.60 2.39 5.22
CA ILE A 4 -1.88 1.73 4.13
C ILE A 4 -0.95 0.65 4.68
N GLN A 5 -1.24 -0.59 4.35
CA GLN A 5 -0.44 -1.72 4.79
C GLN A 5 0.48 -2.20 3.67
N ILE A 6 1.80 -2.15 3.91
CA ILE A 6 2.77 -2.56 2.90
C ILE A 6 3.37 -3.93 3.24
N TYR A 7 2.88 -4.97 2.57
CA TYR A 7 3.39 -6.32 2.79
C TYR A 7 4.55 -6.63 1.86
N GLY A 8 5.77 -6.58 2.41
CA GLY A 8 6.95 -6.84 1.62
C GLY A 8 8.20 -6.29 2.28
N THR A 9 8.47 -5.01 2.04
CA THR A 9 9.64 -4.33 2.61
C THR A 9 10.88 -5.23 2.59
N GLY A 10 11.69 -5.07 1.57
CA GLY A 10 12.90 -5.86 1.45
C GLY A 10 12.81 -6.89 0.33
N CYS A 11 11.86 -7.80 0.44
CA CYS A 11 11.67 -8.84 -0.58
C CYS A 11 10.72 -8.33 -1.66
N ALA A 12 9.79 -7.46 -1.28
CA ALA A 12 8.82 -6.90 -2.20
C ALA A 12 9.09 -5.42 -2.44
N ASN A 13 9.05 -5.00 -3.70
CA ASN A 13 9.28 -3.60 -4.06
C ASN A 13 8.08 -2.71 -3.74
N CYS A 14 7.14 -3.21 -2.94
CA CYS A 14 5.94 -2.43 -2.58
C CYS A 14 6.31 -1.11 -1.93
N GLN A 15 7.53 -1.03 -1.39
CA GLN A 15 8.01 0.17 -0.73
C GLN A 15 7.95 1.39 -1.64
N MET A 16 7.91 1.14 -2.95
CA MET A 16 7.86 2.23 -3.92
C MET A 16 6.57 3.04 -3.77
N LEU A 17 5.44 2.38 -3.98
CA LEU A 17 4.15 3.04 -3.86
C LEU A 17 3.92 3.50 -2.42
N GLU A 18 4.61 2.86 -1.48
CA GLU A 18 4.48 3.21 -0.06
C GLU A 18 4.78 4.69 0.15
N LYS A 19 5.95 5.13 -0.31
CA LYS A 19 6.34 6.52 -0.17
C LYS A 19 5.43 7.44 -0.98
N ASN A 20 5.19 7.06 -2.23
CA ASN A 20 4.33 7.85 -3.11
C ASN A 20 2.97 8.09 -2.47
N ALA A 21 2.35 7.01 -2.01
CA ALA A 21 1.03 7.09 -1.38
C ALA A 21 1.03 8.04 -0.18
N ARG A 22 2.13 8.05 0.57
CA ARG A 22 2.24 8.92 1.73
C ARG A 22 2.02 10.38 1.37
N GLU A 23 2.71 10.82 0.32
CA GLU A 23 2.58 12.21 -0.13
C GLU A 23 1.23 12.46 -0.78
N ALA A 24 0.86 11.60 -1.73
CA ALA A 24 -0.41 11.76 -2.43
C ALA A 24 -1.61 11.70 -1.49
N VAL A 25 -1.66 10.66 -0.66
CA VAL A 25 -2.77 10.51 0.28
C VAL A 25 -2.95 11.78 1.12
N LYS A 26 -1.88 12.20 1.80
CA LYS A 26 -1.91 13.41 2.61
C LYS A 26 -2.08 14.66 1.74
N GLU A 27 -1.24 14.79 0.71
CA GLU A 27 -1.29 15.93 -0.19
C GLU A 27 -2.70 16.16 -0.73
N LEU A 28 -3.35 15.08 -1.17
CA LEU A 28 -4.70 15.17 -1.69
C LEU A 28 -5.62 15.89 -0.70
N GLY A 29 -5.19 15.95 0.56
CA GLY A 29 -5.98 16.60 1.59
C GLY A 29 -6.51 15.63 2.63
N ILE A 30 -5.86 14.47 2.74
CA ILE A 30 -6.27 13.46 3.70
C ILE A 30 -5.07 12.67 4.20
N ASP A 31 -4.73 12.86 5.46
CA ASP A 31 -3.61 12.16 6.06
C ASP A 31 -3.88 10.66 6.12
N ALA A 32 -2.83 9.88 6.30
CA ALA A 32 -2.95 8.44 6.39
C ALA A 32 -1.88 7.89 7.30
N GLU A 33 -1.72 6.58 7.30
CA GLU A 33 -0.71 5.96 8.13
C GLU A 33 -0.08 4.80 7.39
N PHE A 34 1.19 4.92 7.07
CA PHE A 34 1.89 3.88 6.35
C PHE A 34 2.84 3.09 7.24
N GLU A 35 2.46 1.85 7.49
CA GLU A 35 3.26 0.96 8.31
C GLU A 35 3.46 -0.36 7.57
N LYS A 36 4.69 -0.86 7.57
CA LYS A 36 4.99 -2.09 6.87
C LYS A 36 4.56 -3.30 7.70
N ILE A 37 4.31 -4.41 7.00
CA ILE A 37 3.85 -5.63 7.65
C ILE A 37 4.76 -6.80 7.28
N LYS A 38 5.91 -6.89 7.95
CA LYS A 38 6.87 -7.96 7.69
C LYS A 38 6.47 -9.24 8.41
N GLU A 39 5.46 -9.92 7.88
CA GLU A 39 4.99 -11.17 8.46
C GLU A 39 3.72 -11.65 7.74
N MET A 40 3.77 -12.86 7.18
CA MET A 40 2.62 -13.41 6.46
C MET A 40 1.37 -13.39 7.33
N ASP A 41 1.56 -13.53 8.65
CA ASP A 41 0.42 -13.50 9.56
C ASP A 41 -0.40 -12.25 9.29
N GLN A 42 0.31 -11.17 8.98
CA GLN A 42 -0.32 -9.90 8.66
C GLN A 42 -0.64 -9.83 7.17
N ILE A 43 0.23 -10.45 6.35
CA ILE A 43 0.04 -10.46 4.91
C ILE A 43 -1.28 -11.11 4.52
N LEU A 44 -1.47 -12.33 4.97
CA LEU A 44 -2.69 -13.08 4.69
C LEU A 44 -3.92 -12.38 5.28
N GLU A 45 -3.76 -11.83 6.48
CA GLU A 45 -4.85 -11.13 7.15
C GLU A 45 -5.40 -10.02 6.25
N ALA A 46 -4.57 -9.54 5.34
CA ALA A 46 -4.97 -8.49 4.42
C ALA A 46 -5.89 -9.06 3.36
N GLY A 47 -5.63 -10.31 2.98
CA GLY A 47 -6.46 -10.96 1.98
C GLY A 47 -5.75 -11.16 0.65
N LEU A 48 -4.55 -10.61 0.52
CA LEU A 48 -3.79 -10.74 -0.72
C LEU A 48 -3.10 -12.10 -0.83
N THR A 49 -2.74 -12.47 -2.04
CA THR A 49 -2.07 -13.75 -2.28
C THR A 49 -0.63 -13.54 -2.72
N ALA A 50 -0.41 -12.42 -3.39
CA ALA A 50 0.92 -12.07 -3.88
C ALA A 50 1.77 -11.53 -2.73
N LEU A 51 2.99 -11.11 -3.03
CA LEU A 51 3.88 -10.60 -1.99
C LEU A 51 3.69 -9.10 -1.79
N PRO A 52 3.97 -8.27 -2.82
CA PRO A 52 3.82 -6.81 -2.71
C PRO A 52 2.36 -6.39 -2.57
N GLY A 53 1.70 -6.87 -1.51
CA GLY A 53 0.32 -6.52 -1.28
C GLY A 53 0.15 -5.20 -0.55
N LEU A 54 -0.82 -4.42 -0.98
CA LEU A 54 -1.10 -3.13 -0.36
C LEU A 54 -2.58 -3.04 -0.02
N ALA A 55 -2.92 -3.20 1.25
CA ALA A 55 -4.31 -3.14 1.67
C ALA A 55 -4.64 -1.79 2.30
N VAL A 56 -5.66 -1.14 1.76
CA VAL A 56 -6.08 0.16 2.27
C VAL A 56 -7.47 0.09 2.87
N ASP A 57 -7.64 0.78 3.99
CA ASP A 57 -8.93 0.79 4.68
C ASP A 57 -9.47 -0.63 4.82
N GLY A 58 -8.56 -1.61 4.84
CA GLY A 58 -8.96 -3.00 4.96
C GLY A 58 -9.54 -3.54 3.66
N GLU A 59 -8.99 -3.08 2.54
CA GLU A 59 -9.45 -3.54 1.23
C GLU A 59 -8.30 -3.63 0.24
N LEU A 60 -7.84 -4.86 -0.02
CA LEU A 60 -6.75 -5.10 -0.96
C LEU A 60 -6.95 -4.32 -2.25
N LYS A 61 -5.88 -3.66 -2.69
CA LYS A 61 -5.93 -2.87 -3.90
C LYS A 61 -4.96 -3.39 -4.96
N ILE A 62 -3.91 -4.09 -4.52
CA ILE A 62 -2.93 -4.63 -5.47
C ILE A 62 -2.21 -5.87 -4.93
N MET A 63 -1.72 -6.70 -5.86
CA MET A 63 -1.01 -7.92 -5.50
C MET A 63 0.08 -8.25 -6.51
N GLY A 64 1.31 -8.48 -6.02
CA GLY A 64 2.40 -8.84 -6.92
C GLY A 64 3.23 -7.64 -7.34
N ARG A 65 2.67 -6.45 -7.20
CA ARG A 65 3.34 -5.23 -7.57
C ARG A 65 2.46 -4.02 -7.31
N VAL A 66 2.85 -3.20 -6.34
CA VAL A 66 2.07 -2.03 -5.99
C VAL A 66 1.76 -1.18 -7.22
N ALA A 67 0.77 -0.30 -7.11
CA ALA A 67 0.39 0.56 -8.20
C ALA A 67 1.52 1.53 -8.57
N SER A 68 1.20 2.55 -9.35
CA SER A 68 2.19 3.53 -9.76
C SER A 68 1.80 4.93 -9.28
N LYS A 69 2.72 5.88 -9.43
CA LYS A 69 2.48 7.26 -9.00
C LYS A 69 1.22 7.81 -9.64
N GLU A 70 1.17 7.79 -10.98
CA GLU A 70 0.01 8.29 -11.71
C GLU A 70 -1.25 7.52 -11.32
N GLU A 71 -1.08 6.26 -10.97
CA GLU A 71 -2.20 5.41 -10.58
C GLU A 71 -2.89 5.96 -9.34
N ILE A 72 -2.09 6.33 -8.34
CA ILE A 72 -2.63 6.88 -7.10
C ILE A 72 -3.43 8.15 -7.37
N LYS A 73 -2.80 9.10 -8.03
CA LYS A 73 -3.46 10.37 -8.35
C LYS A 73 -4.71 10.13 -9.18
N LYS A 74 -4.67 9.10 -10.03
CA LYS A 74 -5.81 8.77 -10.88
C LYS A 74 -6.95 8.17 -10.06
N ILE A 75 -6.60 7.39 -9.05
CA ILE A 75 -7.58 6.77 -8.18
C ILE A 75 -8.15 7.79 -7.21
N LEU A 76 -7.29 8.67 -6.72
CA LEU A 76 -7.69 9.70 -5.78
C LEU A 76 -8.18 10.96 -6.51
N SER A 77 -8.15 10.92 -7.84
CA SER A 77 -8.60 12.06 -8.64
C SER A 77 -10.04 12.43 -8.33
N MET A 1 -6.83 9.85 7.90
CA MET A 1 -6.02 8.72 8.41
C MET A 1 -6.31 7.43 7.64
N MET A 2 -5.80 7.34 6.41
CA MET A 2 -6.02 6.15 5.60
C MET A 2 -5.12 5.00 6.06
N LYS A 3 -5.73 3.95 6.59
CA LYS A 3 -4.97 2.79 7.07
C LYS A 3 -4.37 2.03 5.89
N ILE A 4 -3.09 2.26 5.65
CA ILE A 4 -2.38 1.60 4.56
C ILE A 4 -1.39 0.58 5.09
N GLN A 5 -1.49 -0.63 4.56
CA GLN A 5 -0.61 -1.72 4.97
C GLN A 5 0.36 -2.09 3.85
N ILE A 6 1.60 -2.41 4.23
CA ILE A 6 2.62 -2.79 3.25
C ILE A 6 3.14 -4.18 3.55
N TYR A 7 2.90 -5.12 2.65
CA TYR A 7 3.34 -6.48 2.86
C TYR A 7 4.54 -6.85 1.99
N GLY A 8 5.69 -7.02 2.65
CA GLY A 8 6.91 -7.37 1.94
C GLY A 8 8.15 -6.97 2.72
N THR A 9 8.48 -5.67 2.66
CA THR A 9 9.66 -5.15 3.35
C THR A 9 10.90 -6.00 3.08
N GLY A 10 10.98 -6.55 1.88
CA GLY A 10 12.12 -7.37 1.51
C GLY A 10 12.15 -7.69 0.03
N CYS A 11 11.24 -8.55 -0.41
CA CYS A 11 11.16 -8.94 -1.81
C CYS A 11 9.94 -8.30 -2.47
N ALA A 12 9.53 -7.15 -1.96
CA ALA A 12 8.38 -6.44 -2.50
C ALA A 12 8.75 -5.02 -2.90
N ASN A 13 8.39 -4.62 -4.11
CA ASN A 13 8.68 -3.28 -4.60
C ASN A 13 7.73 -2.24 -4.01
N CYS A 14 7.11 -2.56 -2.88
CA CYS A 14 6.17 -1.65 -2.22
C CYS A 14 6.81 -0.31 -1.92
N GLN A 15 8.14 -0.28 -1.91
CA GLN A 15 8.90 0.94 -1.63
C GLN A 15 8.42 2.11 -2.49
N MET A 16 8.15 1.84 -3.76
CA MET A 16 7.68 2.89 -4.68
C MET A 16 6.33 3.45 -4.25
N LEU A 17 5.32 2.59 -4.23
CA LEU A 17 3.98 3.00 -3.84
C LEU A 17 3.97 3.54 -2.41
N GLU A 18 4.85 3.01 -1.57
CA GLU A 18 4.93 3.46 -0.18
C GLU A 18 5.23 4.96 -0.11
N LYS A 19 6.11 5.43 -1.00
CA LYS A 19 6.48 6.84 -1.03
C LYS A 19 5.36 7.71 -1.60
N ASN A 20 4.79 7.29 -2.73
CA ASN A 20 3.72 8.08 -3.36
C ASN A 20 2.46 8.05 -2.52
N ALA A 21 2.20 6.93 -1.85
CA ALA A 21 1.01 6.80 -1.02
C ALA A 21 1.05 7.79 0.16
N ARG A 22 2.18 7.87 0.85
CA ARG A 22 2.33 8.77 1.98
C ARG A 22 2.05 10.22 1.58
N GLU A 23 2.64 10.66 0.47
CA GLU A 23 2.47 12.02 0.00
C GLU A 23 1.07 12.22 -0.59
N ALA A 24 0.68 11.34 -1.50
CA ALA A 24 -0.64 11.44 -2.14
C ALA A 24 -1.77 11.32 -1.13
N VAL A 25 -1.72 10.29 -0.29
CA VAL A 25 -2.77 10.08 0.71
C VAL A 25 -2.98 11.35 1.53
N LYS A 26 -1.92 11.87 2.13
CA LYS A 26 -1.99 13.09 2.92
C LYS A 26 -2.26 14.30 2.03
N GLU A 27 -1.57 14.37 0.88
CA GLU A 27 -1.74 15.47 -0.06
C GLU A 27 -3.20 15.60 -0.51
N LEU A 28 -3.82 14.47 -0.81
CA LEU A 28 -5.22 14.47 -1.24
C LEU A 28 -6.10 15.22 -0.25
N GLY A 29 -5.59 15.38 0.97
CA GLY A 29 -6.33 16.08 2.00
C GLY A 29 -6.73 15.19 3.15
N ILE A 30 -5.96 14.12 3.36
CA ILE A 30 -6.24 13.19 4.45
C ILE A 30 -5.00 12.36 4.81
N ASP A 31 -4.53 12.53 6.04
CA ASP A 31 -3.36 11.80 6.52
C ASP A 31 -3.64 10.30 6.50
N ALA A 32 -2.58 9.51 6.60
CA ALA A 32 -2.71 8.08 6.60
C ALA A 32 -1.62 7.47 7.45
N GLU A 33 -1.78 6.21 7.78
CA GLU A 33 -0.78 5.53 8.60
C GLU A 33 -0.29 4.28 7.89
N PHE A 34 0.96 4.32 7.44
CA PHE A 34 1.52 3.18 6.73
C PHE A 34 2.35 2.31 7.66
N GLU A 35 1.81 1.13 7.94
CA GLU A 35 2.49 0.18 8.82
C GLU A 35 2.92 -1.06 8.03
N LYS A 36 4.23 -1.27 7.95
CA LYS A 36 4.76 -2.42 7.24
C LYS A 36 4.79 -3.64 8.16
N ILE A 37 4.38 -4.79 7.63
CA ILE A 37 4.35 -6.01 8.41
C ILE A 37 5.55 -6.89 8.05
N LYS A 38 5.64 -8.06 8.67
CA LYS A 38 6.73 -8.98 8.39
C LYS A 38 6.34 -10.41 8.77
N GLU A 39 5.50 -11.01 7.94
CA GLU A 39 5.02 -12.38 8.13
C GLU A 39 3.67 -12.56 7.42
N MET A 40 3.55 -13.65 6.65
CA MET A 40 2.31 -13.91 5.92
C MET A 40 1.10 -13.87 6.86
N ASP A 41 1.33 -14.12 8.14
CA ASP A 41 0.23 -14.08 9.11
C ASP A 41 -0.49 -12.75 8.96
N GLN A 42 0.29 -11.70 8.75
CA GLN A 42 -0.26 -10.37 8.55
C GLN A 42 -0.61 -10.15 7.08
N ILE A 43 0.21 -10.71 6.20
CA ILE A 43 0.00 -10.59 4.76
C ILE A 43 -1.35 -11.16 4.35
N LEU A 44 -1.57 -12.41 4.70
CA LEU A 44 -2.82 -13.10 4.38
C LEU A 44 -4.01 -12.41 5.06
N GLU A 45 -3.79 -11.96 6.30
CA GLU A 45 -4.84 -11.27 7.04
C GLU A 45 -5.36 -10.08 6.26
N ALA A 46 -4.52 -9.57 5.37
CA ALA A 46 -4.89 -8.44 4.53
C ALA A 46 -5.88 -8.89 3.47
N GLY A 47 -5.69 -10.11 2.99
CA GLY A 47 -6.58 -10.66 1.99
C GLY A 47 -5.89 -10.87 0.64
N LEU A 48 -4.69 -10.34 0.49
CA LEU A 48 -3.95 -10.49 -0.75
C LEU A 48 -3.23 -11.84 -0.81
N THR A 49 -2.86 -12.25 -2.02
CA THR A 49 -2.17 -13.52 -2.22
C THR A 49 -0.74 -13.31 -2.71
N ALA A 50 -0.52 -12.17 -3.36
CA ALA A 50 0.80 -11.84 -3.88
C ALA A 50 1.71 -11.35 -2.76
N LEU A 51 2.99 -11.16 -3.06
CA LEU A 51 3.94 -10.70 -2.06
C LEU A 51 3.81 -9.19 -1.81
N PRO A 52 4.10 -8.36 -2.83
CA PRO A 52 4.02 -6.90 -2.71
C PRO A 52 2.57 -6.43 -2.54
N GLY A 53 1.89 -6.92 -1.51
CA GLY A 53 0.52 -6.53 -1.27
C GLY A 53 0.40 -5.24 -0.50
N LEU A 54 -0.53 -4.39 -0.92
CA LEU A 54 -0.77 -3.11 -0.27
C LEU A 54 -2.26 -2.97 0.03
N ALA A 55 -2.63 -3.14 1.30
CA ALA A 55 -4.03 -3.04 1.68
C ALA A 55 -4.35 -1.67 2.26
N VAL A 56 -5.29 -0.99 1.63
CA VAL A 56 -5.71 0.33 2.07
C VAL A 56 -7.13 0.30 2.61
N ASP A 57 -7.35 1.03 3.70
CA ASP A 57 -8.67 1.07 4.32
C ASP A 57 -9.24 -0.34 4.48
N GLY A 58 -8.34 -1.32 4.57
CA GLY A 58 -8.78 -2.70 4.71
C GLY A 58 -9.28 -3.29 3.41
N GLU A 59 -8.69 -2.86 2.30
CA GLU A 59 -9.09 -3.35 0.98
C GLU A 59 -7.89 -3.44 0.04
N LEU A 60 -7.39 -4.67 -0.14
CA LEU A 60 -6.24 -4.91 -1.03
C LEU A 60 -6.45 -4.22 -2.37
N LYS A 61 -5.47 -3.42 -2.77
CA LYS A 61 -5.54 -2.69 -4.03
C LYS A 61 -4.45 -3.15 -5.00
N ILE A 62 -3.37 -3.73 -4.49
CA ILE A 62 -2.29 -4.18 -5.36
C ILE A 62 -1.48 -5.32 -4.73
N MET A 63 -1.22 -6.35 -5.53
CA MET A 63 -0.44 -7.51 -5.08
C MET A 63 0.40 -8.06 -6.23
N GLY A 64 1.64 -8.42 -5.95
CA GLY A 64 2.50 -8.96 -6.97
C GLY A 64 3.14 -7.88 -7.83
N ARG A 65 2.77 -6.63 -7.58
CA ARG A 65 3.31 -5.51 -8.35
C ARG A 65 2.71 -4.20 -7.85
N VAL A 66 3.47 -3.48 -7.04
CA VAL A 66 3.00 -2.21 -6.50
C VAL A 66 2.82 -1.17 -7.62
N ALA A 67 1.77 -0.37 -7.51
CA ALA A 67 1.49 0.65 -8.50
C ALA A 67 2.58 1.71 -8.55
N SER A 68 2.34 2.76 -9.32
CA SER A 68 3.32 3.85 -9.46
C SER A 68 2.72 5.17 -9.00
N LYS A 69 3.52 6.23 -9.08
CA LYS A 69 3.08 7.56 -8.67
C LYS A 69 1.85 8.00 -9.46
N GLU A 70 1.90 7.81 -10.78
CA GLU A 70 0.79 8.19 -11.65
C GLU A 70 -0.48 7.44 -11.27
N GLU A 71 -0.34 6.15 -10.99
CA GLU A 71 -1.48 5.32 -10.62
C GLU A 71 -2.21 5.89 -9.42
N ILE A 72 -1.44 6.32 -8.42
CA ILE A 72 -2.01 6.89 -7.20
C ILE A 72 -2.74 8.20 -7.50
N LYS A 73 -2.03 9.13 -8.11
CA LYS A 73 -2.62 10.43 -8.46
C LYS A 73 -3.83 10.25 -9.36
N LYS A 74 -3.77 9.27 -10.26
CA LYS A 74 -4.87 9.01 -11.18
C LYS A 74 -6.04 8.33 -10.46
N ILE A 75 -5.72 7.54 -9.44
CA ILE A 75 -6.74 6.84 -8.67
C ILE A 75 -7.44 7.81 -7.73
N LEU A 76 -6.67 8.74 -7.17
CA LEU A 76 -7.22 9.72 -6.26
C LEU A 76 -7.74 10.94 -7.01
N SER A 77 -7.14 11.23 -8.16
CA SER A 77 -7.55 12.36 -8.98
C SER A 77 -7.42 13.66 -8.20
N MET A 1 -6.64 10.18 7.51
CA MET A 1 -6.00 9.11 8.05
C MET A 1 -6.25 7.81 7.30
N MET A 2 -5.69 7.68 6.11
CA MET A 2 -5.87 6.46 5.33
C MET A 2 -4.94 5.36 5.81
N LYS A 3 -5.52 4.30 6.36
CA LYS A 3 -4.72 3.17 6.85
C LYS A 3 -4.13 2.40 5.68
N ILE A 4 -2.83 2.53 5.51
CA ILE A 4 -2.14 1.85 4.42
C ILE A 4 -1.15 0.82 4.94
N GLN A 5 -1.33 -0.42 4.51
CA GLN A 5 -0.46 -1.51 4.93
C GLN A 5 0.42 -1.96 3.78
N ILE A 6 1.70 -2.13 4.02
CA ILE A 6 2.63 -2.56 2.99
C ILE A 6 3.19 -3.94 3.30
N TYR A 7 2.79 -4.94 2.54
CA TYR A 7 3.26 -6.30 2.75
C TYR A 7 4.41 -6.63 1.83
N GLY A 8 5.57 -6.85 2.43
CA GLY A 8 6.76 -7.17 1.67
C GLY A 8 8.00 -6.82 2.33
N THR A 9 8.42 -5.68 2.24
CA THR A 9 9.61 -5.22 2.84
C THR A 9 10.77 -5.93 2.35
N GLY A 10 11.34 -6.18 1.85
CA GLY A 10 12.46 -6.86 1.36
C GLY A 10 12.36 -7.29 -0.01
N CYS A 11 11.74 -8.09 -0.40
CA CYS A 11 11.58 -8.59 -1.70
C CYS A 11 10.47 -7.89 -2.44
N ALA A 12 9.62 -7.31 -1.85
CA ALA A 12 8.52 -6.60 -2.45
C ALA A 12 8.87 -5.15 -2.73
N ASN A 13 8.61 -4.72 -3.93
CA ASN A 13 8.90 -3.35 -4.33
C ASN A 13 7.88 -2.36 -3.78
N CYS A 14 7.14 -2.77 -2.78
CA CYS A 14 6.15 -1.91 -2.18
C CYS A 14 6.73 -0.58 -1.74
N GLN A 15 8.02 -0.58 -1.51
CA GLN A 15 8.72 0.61 -1.07
C GLN A 15 8.45 1.79 -1.99
N MET A 16 8.29 1.50 -3.28
CA MET A 16 8.02 2.55 -4.25
C MET A 16 6.68 3.21 -3.98
N LEU A 17 5.63 2.43 -4.01
CA LEU A 17 4.30 2.95 -3.75
C LEU A 17 4.18 3.48 -2.34
N GLU A 18 5.00 2.95 -1.45
CA GLU A 18 4.98 3.39 -0.06
C GLU A 18 5.23 4.88 0.05
N LYS A 19 6.26 5.34 -0.63
CA LYS A 19 6.61 6.75 -0.61
C LYS A 19 5.57 7.58 -1.35
N ASN A 20 5.22 7.13 -2.54
CA ASN A 20 4.23 7.84 -3.35
C ASN A 20 2.91 7.97 -2.62
N ALA A 21 2.48 6.87 -2.01
CA ALA A 21 1.23 6.86 -1.28
C ALA A 21 1.21 7.89 -0.16
N ARG A 22 2.30 8.01 0.56
CA ARG A 22 2.40 8.96 1.65
C ARG A 22 2.14 10.38 1.18
N GLU A 23 2.75 10.75 0.07
CA GLU A 23 2.59 12.09 -0.48
C GLU A 23 1.20 12.27 -1.06
N ALA A 24 0.78 11.33 -1.91
CA ALA A 24 -0.53 11.41 -2.54
C ALA A 24 -1.66 11.36 -1.53
N VAL A 25 -1.62 10.40 -0.63
CA VAL A 25 -2.66 10.26 0.38
C VAL A 25 -2.83 11.57 1.15
N LYS A 26 -1.74 12.08 1.72
CA LYS A 26 -1.78 13.33 2.46
C LYS A 26 -2.05 14.52 1.53
N GLU A 27 -1.34 14.56 0.41
CA GLU A 27 -1.51 15.64 -0.56
C GLU A 27 -2.95 15.74 -1.03
N LEU A 28 -3.54 14.60 -1.33
CA LEU A 28 -4.92 14.55 -1.80
C LEU A 28 -5.83 15.32 -0.84
N GLY A 29 -5.38 15.49 0.38
CA GLY A 29 -6.16 16.21 1.38
C GLY A 29 -6.60 15.31 2.51
N ILE A 30 -5.76 14.38 2.90
CA ILE A 30 -6.06 13.47 3.98
C ILE A 30 -4.84 12.66 4.38
N ASP A 31 -4.41 12.84 5.61
CA ASP A 31 -3.26 12.12 6.14
C ASP A 31 -3.53 10.63 6.15
N ALA A 32 -2.49 9.84 6.28
CA ALA A 32 -2.62 8.40 6.31
C ALA A 32 -1.53 7.81 7.18
N GLU A 33 -1.66 6.59 7.56
CA GLU A 33 -0.67 5.94 8.38
C GLU A 33 -0.14 4.69 7.67
N PHE A 34 1.12 4.72 7.29
CA PHE A 34 1.72 3.61 6.60
C PHE A 34 2.52 2.73 7.53
N GLU A 35 1.99 1.55 7.79
CA GLU A 35 2.65 0.58 8.65
C GLU A 35 3.04 -0.66 7.86
N LYS A 36 4.32 -0.99 7.88
CA LYS A 36 4.80 -2.14 7.15
C LYS A 36 4.62 -3.39 7.97
N ILE A 37 4.34 -4.49 7.31
CA ILE A 37 4.14 -5.75 7.96
C ILE A 37 5.22 -6.73 7.55
N LYS A 38 5.78 -7.44 8.24
CA LYS A 38 6.81 -8.40 7.92
C LYS A 38 6.43 -9.78 8.41
N GLU A 39 5.52 -10.41 7.68
CA GLU A 39 5.04 -11.75 8.01
C GLU A 39 3.75 -12.05 7.28
N MET A 40 3.70 -13.17 6.58
CA MET A 40 2.50 -13.55 5.84
C MET A 40 1.30 -13.60 6.75
N ASP A 41 1.53 -13.85 8.03
CA ASP A 41 0.44 -13.88 8.98
C ASP A 41 -0.39 -12.62 8.83
N GLN A 42 0.32 -11.51 8.60
CA GLN A 42 -0.32 -10.23 8.41
C GLN A 42 -0.67 -10.04 6.94
N ILE A 43 0.18 -10.57 6.07
CA ILE A 43 -0.04 -10.45 4.64
C ILE A 43 -1.33 -11.13 4.22
N LEU A 44 -1.46 -12.38 4.59
CA LEU A 44 -2.64 -13.17 4.26
C LEU A 44 -3.88 -12.58 4.91
N GLU A 45 -3.72 -12.06 6.11
CA GLU A 45 -4.83 -11.45 6.82
C GLU A 45 -5.42 -10.34 6.01
N ALA A 46 -4.61 -9.76 5.13
CA ALA A 46 -5.04 -8.69 4.27
C ALA A 46 -5.90 -9.24 3.18
N GLY A 47 -5.53 -10.39 2.69
CA GLY A 47 -6.27 -11.02 1.65
C GLY A 47 -5.57 -11.08 0.34
N LEU A 48 -4.40 -10.51 0.24
CA LEU A 48 -3.65 -10.53 -0.98
C LEU A 48 -3.07 -11.83 -1.24
N THR A 49 -2.72 -12.25 -2.21
CA THR A 49 -2.14 -13.47 -2.57
C THR A 49 -0.71 -13.33 -3.06
N ALA A 50 -0.33 -12.24 -3.40
CA ALA A 50 1.00 -11.96 -3.88
C ALA A 50 1.87 -11.43 -2.75
N LEU A 51 3.06 -11.00 -3.07
CA LEU A 51 3.96 -10.48 -2.06
C LEU A 51 3.77 -8.99 -1.84
N PRO A 52 4.04 -8.16 -2.86
CA PRO A 52 3.90 -6.71 -2.75
C PRO A 52 2.45 -6.27 -2.60
N GLY A 53 1.79 -6.74 -1.56
CA GLY A 53 0.42 -6.37 -1.34
C GLY A 53 0.28 -5.09 -0.55
N LEU A 54 -0.73 -4.32 -0.89
CA LEU A 54 -0.98 -3.06 -0.22
C LEU A 54 -2.46 -2.90 0.07
N ALA A 55 -2.82 -2.99 1.34
CA ALA A 55 -4.21 -2.85 1.73
C ALA A 55 -4.49 -1.46 2.28
N VAL A 56 -5.47 -0.79 1.70
CA VAL A 56 -5.85 0.55 2.13
C VAL A 56 -7.26 0.58 2.67
N ASP A 57 -7.44 1.31 3.75
CA ASP A 57 -8.75 1.43 4.37
C ASP A 57 -9.40 0.05 4.54
N GLY A 58 -8.57 -0.97 4.64
CA GLY A 58 -9.07 -2.32 4.78
C GLY A 58 -9.57 -2.89 3.47
N GLU A 59 -8.93 -2.51 2.38
CA GLU A 59 -9.32 -2.99 1.06
C GLU A 59 -8.10 -3.13 0.16
N LEU A 60 -7.65 -4.37 -0.01
CA LEU A 60 -6.49 -4.65 -0.86
C LEU A 60 -6.72 -4.19 -2.24
N LYS A 61 -5.75 -3.50 -2.79
CA LYS A 61 -5.86 -3.00 -4.11
C LYS A 61 -4.66 -3.26 -4.98
N ILE A 62 -3.60 -3.76 -4.39
CA ILE A 62 -2.41 -4.04 -5.14
C ILE A 62 -1.73 -5.30 -4.68
N MET A 63 -1.40 -6.18 -5.59
CA MET A 63 -0.76 -7.43 -5.27
C MET A 63 0.22 -7.88 -6.35
N GLY A 64 1.42 -8.24 -5.94
CA GLY A 64 2.40 -8.70 -6.91
C GLY A 64 3.03 -7.60 -7.68
N ARG A 65 2.60 -6.38 -7.46
CA ARG A 65 3.13 -5.24 -8.13
C ARG A 65 2.53 -3.96 -7.66
N VAL A 66 3.24 -3.25 -6.85
CA VAL A 66 2.76 -2.00 -6.32
C VAL A 66 2.43 -1.03 -7.42
N ALA A 67 1.45 -0.18 -7.20
CA ALA A 67 1.04 0.79 -8.18
C ALA A 67 2.01 1.93 -8.28
N SER A 68 1.88 2.74 -9.28
CA SER A 68 2.75 3.87 -9.49
C SER A 68 2.14 5.14 -8.96
N LYS A 69 2.91 6.20 -8.92
CA LYS A 69 2.44 7.47 -8.43
C LYS A 69 1.24 7.94 -9.24
N GLU A 70 1.32 7.86 -10.55
CA GLU A 70 0.24 8.28 -11.41
C GLU A 70 -0.99 7.41 -11.21
N GLU A 71 -0.76 6.15 -10.93
CA GLU A 71 -1.84 5.22 -10.73
C GLU A 71 -2.61 5.55 -9.47
N ILE A 72 -1.88 5.83 -8.41
CA ILE A 72 -2.50 6.17 -7.15
C ILE A 72 -3.32 7.43 -7.27
N LYS A 73 -2.72 8.46 -7.81
CA LYS A 73 -3.40 9.72 -7.99
C LYS A 73 -4.64 9.55 -8.84
N LYS A 74 -4.56 8.67 -9.81
CA LYS A 74 -5.67 8.41 -10.70
C LYS A 74 -6.77 7.67 -10.00
N ILE A 75 -6.39 6.82 -9.07
CA ILE A 75 -7.35 6.05 -8.32
C ILE A 75 -8.00 6.91 -7.28
N LEU A 76 -7.26 7.83 -6.74
CA LEU A 76 -7.76 8.72 -5.73
C LEU A 76 -8.57 9.82 -6.33
N SER A 77 -8.21 10.29 -7.45
CA SER A 77 -8.91 11.33 -8.11
C SER A 77 -9.21 11.63 -8.41
#